data_7KWE
#
_entry.id   7KWE
#
_cell.length_a   82.210
_cell.length_b   58.520
_cell.length_c   157.540
_cell.angle_alpha   90.000
_cell.angle_beta   90.660
_cell.angle_gamma   90.000
#
_symmetry.space_group_name_H-M   'P 1 21 1'
#
loop_
_entity.id
_entity.type
_entity.pdbx_description
1 polymer "cGMP-inhibited 3',5'-cyclic phosphodiesterase A"
2 non-polymer (4~{R})-3-[4-(diethylamino)-3-[oxidanyl(oxidanylidene)-$l^{4}-azanyl]phenyl]-4-methyl-4,5-dihydro-1~{H}-pyridazin-6-one
3 non-polymer 'MANGANESE (II) ION'
4 non-polymer 'MAGNESIUM ION'
5 non-polymer 'ACETATE ION'
6 water water
#
_entity_poly.entity_id   1
_entity_poly.type   'polypeptide(L)'
_entity_poly.pdbx_seq_one_letter_code
;GKPILAPEPLVMDNLDSIMEQLNTWNFPIFDLVENIGRKCGRILSQVSYRLFEDMGLFEAFKIPIREFMNYFHALEIGYR
DIPYHNRIHATDVLHAVWYLTTQPIPGLSTVIGGSGGSYVFSKTYNVTDDKYGCLSGNIPALELMALYVAAAMHDYDHPG
RTNAFLVATSAPQAVLYNDRSVLENHHAAAAWNLFMSRPEYNFLINLDHVEFKHFRFLVIEAILATDLKKHFDFVAKFNG
KVNDDVGIDWTNENDRLLVCQMCIKLADINGPAKCKELHLQWTDGIVNEFYEQGDEEASLGLPISPFMDRSAPQLANLQE
SFISHIVGPLCNSYDSAGLMPGKWVEGGSGGSRRKIYCQITQHLLQNHKMWKKVIEEEQR
;
_entity_poly.pdbx_strand_id   A,D,C,B
#
# COMPACT_ATOMS: atom_id res chain seq x y z
N LYS A 2 -50.34 31.42 7.13
CA LYS A 2 -49.14 31.14 6.28
C LYS A 2 -49.55 30.29 5.08
N PRO A 3 -50.41 29.27 5.24
CA PRO A 3 -50.88 28.53 4.09
C PRO A 3 -51.94 29.41 3.38
N ILE A 4 -51.79 29.59 2.08
CA ILE A 4 -52.88 30.06 1.20
C ILE A 4 -53.93 28.95 1.20
N LEU A 5 -55.18 29.25 1.53
CA LEU A 5 -56.33 28.31 1.58
C LEU A 5 -57.33 28.76 0.49
N ALA A 6 -58.11 27.81 -0.03
CA ALA A 6 -59.14 28.12 -1.04
C ALA A 6 -60.18 29.08 -0.48
N PRO A 7 -60.66 30.09 -1.24
CA PRO A 7 -61.73 31.00 -0.78
C PRO A 7 -63.01 30.41 -0.17
N GLU A 8 -63.67 31.15 0.73
CA GLU A 8 -64.83 30.68 1.55
C GLU A 8 -65.68 29.54 0.96
N PRO A 9 -66.68 29.75 0.07
CA PRO A 9 -67.39 28.63 -0.54
C PRO A 9 -66.45 28.03 -1.60
N LEU A 10 -66.05 26.76 -1.43
CA LEU A 10 -65.05 26.13 -2.34
C LEU A 10 -65.46 26.26 -3.81
N VAL A 11 -66.68 25.89 -4.16
CA VAL A 11 -67.17 25.93 -5.56
C VAL A 11 -67.99 27.20 -5.76
N MET A 12 -67.63 28.10 -6.67
CA MET A 12 -68.46 29.27 -7.09
C MET A 12 -69.70 28.75 -7.84
N ASP A 13 -70.89 29.14 -7.43
CA ASP A 13 -72.19 28.65 -7.95
C ASP A 13 -72.66 29.48 -9.16
N ASN A 14 -72.04 30.62 -9.42
CA ASN A 14 -72.54 31.65 -10.39
C ASN A 14 -71.93 31.39 -11.79
N LEU A 15 -71.14 30.34 -11.97
CA LEU A 15 -70.36 30.14 -13.20
C LEU A 15 -70.98 29.05 -14.08
N ASP A 16 -72.14 28.51 -13.70
CA ASP A 16 -72.75 27.29 -14.32
C ASP A 16 -72.91 27.44 -15.85
N SER A 17 -73.36 28.60 -16.32
CA SER A 17 -73.71 28.77 -17.74
C SER A 17 -72.45 28.79 -18.58
N ILE A 18 -71.33 29.30 -18.05
CA ILE A 18 -70.04 29.23 -18.80
C ILE A 18 -69.41 27.85 -18.61
N MET A 19 -69.43 27.26 -17.39
CA MET A 19 -68.74 25.97 -17.09
C MET A 19 -69.34 24.83 -17.90
N GLU A 20 -70.63 24.87 -18.28
CA GLU A 20 -71.23 23.76 -19.06
C GLU A 20 -70.66 23.73 -20.48
N GLN A 21 -69.98 24.79 -20.91
CA GLN A 21 -69.39 24.91 -22.27
C GLN A 21 -67.94 24.41 -22.28
N LEU A 22 -67.43 23.83 -21.19
CA LEU A 22 -66.07 23.26 -21.18
C LEU A 22 -65.91 22.20 -22.28
N ASN A 23 -66.96 21.50 -22.69
CA ASN A 23 -66.79 20.42 -23.69
C ASN A 23 -66.76 20.97 -25.11
N THR A 24 -66.28 22.20 -25.34
CA THR A 24 -66.10 22.75 -26.71
C THR A 24 -64.61 23.06 -26.86
N TRP A 25 -64.09 22.97 -28.06
CA TRP A 25 -62.67 23.29 -28.32
C TRP A 25 -62.44 24.78 -28.06
N ASN A 26 -63.28 25.62 -28.66
CA ASN A 26 -63.19 27.09 -28.50
C ASN A 26 -63.98 27.51 -27.25
N PHE A 27 -63.62 26.96 -26.10
CA PHE A 27 -64.17 27.37 -24.79
C PHE A 27 -63.92 28.85 -24.61
N PRO A 28 -64.94 29.68 -24.31
CA PRO A 28 -64.74 31.13 -24.15
C PRO A 28 -64.13 31.46 -22.78
N ILE A 29 -62.82 31.28 -22.74
CA ILE A 29 -62.05 31.41 -21.49
C ILE A 29 -62.01 32.87 -21.03
N PHE A 30 -61.98 33.84 -21.95
CA PHE A 30 -61.93 35.29 -21.62
C PHE A 30 -63.29 35.76 -21.08
N ASP A 31 -64.40 35.16 -21.50
CA ASP A 31 -65.73 35.36 -20.85
C ASP A 31 -65.70 34.80 -19.42
N LEU A 32 -65.03 33.67 -19.16
CA LEU A 32 -64.93 33.15 -17.78
C LEU A 32 -64.12 34.14 -16.93
N VAL A 33 -63.02 34.67 -17.46
CA VAL A 33 -62.18 35.69 -16.77
C VAL A 33 -63.04 36.90 -16.39
N GLU A 34 -63.88 37.37 -17.31
CA GLU A 34 -64.74 38.57 -17.11
C GLU A 34 -65.79 38.27 -16.04
N ASN A 35 -66.32 37.04 -16.00
CA ASN A 35 -67.39 36.61 -15.07
C ASN A 35 -66.82 36.46 -13.65
N ILE A 36 -65.57 36.01 -13.51
CA ILE A 36 -64.87 35.85 -12.18
C ILE A 36 -64.34 37.21 -11.69
N GLY A 37 -63.81 38.04 -12.61
CA GLY A 37 -62.97 39.23 -12.32
C GLY A 37 -61.51 38.95 -12.70
N ARG A 38 -60.86 39.88 -13.42
CA ARG A 38 -59.60 39.67 -14.18
C ARG A 38 -58.45 39.13 -13.33
N LYS A 39 -58.30 39.57 -12.07
CA LYS A 39 -57.23 39.07 -11.15
C LYS A 39 -57.86 38.65 -9.82
N CYS A 40 -59.04 38.03 -9.90
CA CYS A 40 -59.71 37.41 -8.72
C CYS A 40 -58.89 36.20 -8.24
N GLY A 41 -58.17 35.56 -9.13
CA GLY A 41 -57.23 34.48 -8.84
C GLY A 41 -57.92 33.18 -8.49
N ARG A 42 -59.03 32.81 -9.16
CA ARG A 42 -59.77 31.55 -8.84
C ARG A 42 -60.06 30.71 -10.08
N ILE A 43 -59.67 31.19 -11.26
CA ILE A 43 -60.09 30.56 -12.56
C ILE A 43 -59.52 29.15 -12.63
N LEU A 44 -58.22 28.95 -12.27
CA LEU A 44 -57.58 27.64 -12.45
C LEU A 44 -58.20 26.63 -11.48
N SER A 45 -58.41 27.00 -10.22
CA SER A 45 -58.97 26.06 -9.23
C SER A 45 -60.43 25.72 -9.56
N GLN A 46 -61.20 26.69 -10.05
CA GLN A 46 -62.64 26.44 -10.39
C GLN A 46 -62.74 25.49 -11.59
N VAL A 47 -61.92 25.69 -12.62
CA VAL A 47 -61.94 24.81 -13.83
C VAL A 47 -61.40 23.42 -13.48
N SER A 48 -60.32 23.36 -12.70
CA SER A 48 -59.74 22.10 -12.27
C SER A 48 -60.79 21.26 -11.53
N TYR A 49 -61.58 21.89 -10.64
CA TYR A 49 -62.62 21.17 -9.89
C TYR A 49 -63.62 20.54 -10.88
N ARG A 50 -64.06 21.33 -11.85
CA ARG A 50 -65.12 20.87 -12.79
C ARG A 50 -64.57 19.69 -13.60
N LEU A 51 -63.32 19.78 -14.07
CA LEU A 51 -62.78 18.74 -14.97
C LEU A 51 -62.47 17.45 -14.18
N PHE A 52 -62.01 17.56 -12.95
CA PHE A 52 -61.79 16.39 -12.07
C PHE A 52 -63.13 15.73 -11.76
N GLU A 53 -64.17 16.50 -11.52
CA GLU A 53 -65.50 15.93 -11.20
C GLU A 53 -66.06 15.29 -12.48
N ASP A 54 -65.92 15.96 -13.63
CA ASP A 54 -66.38 15.43 -14.94
C ASP A 54 -65.77 14.04 -15.19
N MET A 55 -64.53 13.81 -14.79
CA MET A 55 -63.84 12.52 -15.05
C MET A 55 -64.02 11.54 -13.88
N GLY A 56 -64.68 11.94 -12.79
CA GLY A 56 -64.83 11.07 -11.58
C GLY A 56 -63.45 10.79 -10.96
N LEU A 57 -62.47 11.68 -11.12
CA LEU A 57 -61.13 11.48 -10.53
C LEU A 57 -61.14 11.61 -8.99
N PHE A 58 -62.06 12.37 -8.40
CA PHE A 58 -62.18 12.50 -6.92
C PHE A 58 -62.52 11.11 -6.34
N GLU A 59 -63.47 10.39 -6.93
CA GLU A 59 -63.86 9.04 -6.47
C GLU A 59 -62.72 8.05 -6.77
N ALA A 60 -62.18 8.05 -7.98
CA ALA A 60 -61.15 7.07 -8.42
C ALA A 60 -59.92 7.07 -7.47
N PHE A 61 -59.48 8.21 -6.95
CA PHE A 61 -58.29 8.30 -6.06
C PHE A 61 -58.65 8.82 -4.67
N LYS A 62 -59.94 8.78 -4.30
CA LYS A 62 -60.41 9.24 -2.96
C LYS A 62 -59.72 10.57 -2.62
N ILE A 63 -59.79 11.53 -3.52
CA ILE A 63 -59.17 12.88 -3.33
C ILE A 63 -60.05 13.69 -2.39
N PRO A 64 -59.53 14.20 -1.26
CA PRO A 64 -60.29 15.13 -0.42
C PRO A 64 -60.33 16.50 -1.12
N ILE A 65 -61.53 17.05 -1.29
CA ILE A 65 -61.76 18.22 -2.18
C ILE A 65 -61.20 19.49 -1.54
N ARG A 66 -61.21 19.61 -0.23
CA ARG A 66 -60.68 20.85 0.42
C ARG A 66 -59.18 20.97 0.12
N GLU A 67 -58.42 19.89 0.32
CA GLU A 67 -56.93 19.92 0.12
C GLU A 67 -56.65 20.17 -1.37
N PHE A 68 -57.43 19.57 -2.23
CA PHE A 68 -57.31 19.76 -3.71
C PHE A 68 -57.52 21.25 -4.06
N MET A 69 -58.60 21.87 -3.57
CA MET A 69 -58.90 23.33 -3.83
C MET A 69 -57.83 24.22 -3.14
N ASN A 70 -57.40 23.85 -1.93
CA ASN A 70 -56.30 24.57 -1.24
C ASN A 70 -55.05 24.59 -2.16
N TYR A 71 -54.64 23.44 -2.68
CA TYR A 71 -53.42 23.40 -3.52
C TYR A 71 -53.63 24.18 -4.81
N PHE A 72 -54.72 23.91 -5.53
CA PHE A 72 -54.90 24.58 -6.84
C PHE A 72 -55.05 26.10 -6.64
N HIS A 73 -55.58 26.56 -5.51
CA HIS A 73 -55.64 28.02 -5.25
C HIS A 73 -54.23 28.55 -4.95
N ALA A 74 -53.44 27.85 -4.15
CA ALA A 74 -52.05 28.28 -3.87
C ALA A 74 -51.29 28.35 -5.20
N LEU A 75 -51.50 27.35 -6.05
CA LEU A 75 -50.80 27.26 -7.35
C LEU A 75 -51.20 28.43 -8.23
N GLU A 76 -52.51 28.66 -8.35
CA GLU A 76 -52.98 29.76 -9.25
C GLU A 76 -52.53 31.12 -8.74
N ILE A 77 -52.40 31.30 -7.43
CA ILE A 77 -51.87 32.56 -6.82
C ILE A 77 -50.38 32.76 -7.13
N GLY A 78 -49.61 31.69 -7.38
CA GLY A 78 -48.17 31.84 -7.65
C GLY A 78 -47.91 31.96 -9.14
N TYR A 79 -48.98 32.09 -9.93
CA TYR A 79 -48.79 32.46 -11.35
C TYR A 79 -48.76 33.98 -11.30
N ARG A 80 -47.80 34.62 -11.96
CA ARG A 80 -47.63 36.10 -11.85
C ARG A 80 -48.62 36.82 -12.76
N ASP A 81 -48.83 38.11 -12.50
CA ASP A 81 -49.63 39.01 -13.36
C ASP A 81 -48.76 39.45 -14.53
N ILE A 82 -48.48 38.55 -15.47
CA ILE A 82 -47.75 38.87 -16.72
C ILE A 82 -48.71 38.59 -17.87
N PRO A 83 -48.45 39.13 -19.07
CA PRO A 83 -49.42 39.10 -20.15
C PRO A 83 -49.78 37.73 -20.73
N TYR A 84 -48.90 36.73 -20.68
CA TYR A 84 -49.19 35.44 -21.30
C TYR A 84 -49.06 34.26 -20.31
N HIS A 85 -47.89 34.07 -19.70
CA HIS A 85 -47.60 32.87 -18.86
C HIS A 85 -48.21 33.02 -17.47
N ASN A 86 -49.53 33.18 -17.43
CA ASN A 86 -50.31 33.47 -16.20
C ASN A 86 -51.29 32.30 -15.94
N ARG A 87 -52.13 32.44 -14.94
CA ARG A 87 -53.07 31.38 -14.51
C ARG A 87 -54.17 31.17 -15.57
N ILE A 88 -54.36 32.14 -16.46
CA ILE A 88 -55.35 32.00 -17.56
C ILE A 88 -54.81 31.04 -18.61
N HIS A 89 -53.54 31.20 -18.97
CA HIS A 89 -52.83 30.21 -19.83
C HIS A 89 -52.84 28.82 -19.21
N ALA A 90 -52.54 28.69 -17.92
CA ALA A 90 -52.51 27.38 -17.22
C ALA A 90 -53.88 26.71 -17.37
N THR A 91 -54.94 27.47 -17.18
CA THR A 91 -56.34 27.01 -17.30
C THR A 91 -56.58 26.54 -18.73
N ASP A 92 -56.14 27.35 -19.69
CA ASP A 92 -56.31 27.02 -21.14
C ASP A 92 -55.63 25.68 -21.46
N VAL A 93 -54.42 25.46 -20.97
CA VAL A 93 -53.64 24.23 -21.31
C VAL A 93 -54.28 23.02 -20.63
N LEU A 94 -54.77 23.19 -19.42
CA LEU A 94 -55.49 22.09 -18.75
C LEU A 94 -56.74 21.73 -19.55
N HIS A 95 -57.49 22.74 -19.98
CA HIS A 95 -58.70 22.47 -20.77
C HIS A 95 -58.32 21.73 -22.04
N ALA A 96 -57.28 22.18 -22.74
CA ALA A 96 -56.86 21.54 -24.02
C ALA A 96 -56.43 20.08 -23.79
N VAL A 97 -55.65 19.76 -22.74
CA VAL A 97 -55.24 18.33 -22.50
C VAL A 97 -56.50 17.52 -22.17
N TRP A 98 -57.40 18.06 -21.35
CA TRP A 98 -58.70 17.39 -21.06
C TRP A 98 -59.47 17.14 -22.37
N TYR A 99 -59.55 18.15 -23.23
CA TYR A 99 -60.29 18.02 -24.51
C TYR A 99 -59.63 16.94 -25.36
N LEU A 100 -58.30 16.99 -25.51
CA LEU A 100 -57.60 16.04 -26.45
C LEU A 100 -57.71 14.60 -25.93
N THR A 101 -57.84 14.40 -24.62
CA THR A 101 -57.83 13.06 -24.00
C THR A 101 -59.25 12.51 -23.77
N THR A 102 -60.32 13.30 -23.89
CA THR A 102 -61.70 12.87 -23.53
C THR A 102 -62.65 12.88 -24.72
N GLN A 103 -62.36 13.65 -25.74
CA GLN A 103 -63.33 13.90 -26.84
C GLN A 103 -63.18 12.83 -27.89
N PRO A 104 -64.25 12.55 -28.65
CA PRO A 104 -64.25 11.49 -29.64
C PRO A 104 -63.18 11.64 -30.72
N ILE A 105 -62.47 10.54 -30.97
CA ILE A 105 -61.41 10.41 -32.00
C ILE A 105 -61.85 9.34 -32.97
N PRO A 106 -62.16 9.71 -34.24
CA PRO A 106 -62.61 8.77 -35.22
C PRO A 106 -61.59 7.63 -35.45
N GLY A 107 -62.09 6.40 -35.40
CA GLY A 107 -61.33 5.18 -35.68
C GLY A 107 -60.28 4.87 -34.61
N LEU A 108 -60.30 5.47 -33.43
CA LEU A 108 -59.35 5.06 -32.38
C LEU A 108 -59.93 3.84 -31.64
N SER A 109 -59.11 2.83 -31.41
CA SER A 109 -59.44 1.60 -30.62
C SER A 109 -59.31 1.89 -29.13
N THR A 110 -60.22 1.36 -28.29
CA THR A 110 -60.28 1.60 -26.80
C THR A 110 -60.53 0.27 -26.05
N VAL A 111 -59.86 0.06 -24.91
CA VAL A 111 -60.12 -1.16 -24.08
C VAL A 111 -61.63 -1.21 -23.77
N SER A 118 -59.02 0.35 -14.48
CA SER A 118 -58.34 1.54 -13.93
C SER A 118 -58.31 2.70 -14.94
N TYR A 119 -59.41 2.86 -15.66
CA TYR A 119 -59.65 3.88 -16.71
C TYR A 119 -60.82 4.77 -16.30
N VAL A 120 -60.77 6.07 -16.55
CA VAL A 120 -61.90 7.01 -16.32
C VAL A 120 -62.34 7.56 -17.68
N PHE A 121 -63.59 8.00 -17.74
CA PHE A 121 -64.27 8.56 -18.92
C PHE A 121 -65.03 9.83 -18.52
N SER A 122 -65.04 10.82 -19.41
CA SER A 122 -65.79 12.10 -19.25
C SER A 122 -67.28 11.79 -19.26
N LYS A 123 -68.05 12.44 -18.38
CA LYS A 123 -69.52 12.48 -18.54
C LYS A 123 -69.91 13.03 -19.91
N THR A 124 -69.07 13.81 -20.59
CA THR A 124 -69.44 14.42 -21.91
C THR A 124 -69.34 13.40 -23.05
N TYR A 125 -68.78 12.22 -22.80
CA TYR A 125 -68.45 11.22 -23.86
C TYR A 125 -69.69 10.35 -24.13
N ASN A 126 -70.42 10.66 -25.20
CA ASN A 126 -71.75 10.07 -25.53
C ASN A 126 -71.59 9.15 -26.74
N VAL A 127 -71.88 9.72 -27.93
CA VAL A 127 -71.46 9.24 -29.29
C VAL A 127 -70.99 7.80 -29.13
N THR A 128 -71.97 6.88 -29.19
CA THR A 128 -71.77 5.42 -28.92
C THR A 128 -71.75 4.70 -30.26
N ASP A 129 -71.19 5.36 -31.27
CA ASP A 129 -70.80 4.70 -32.53
C ASP A 129 -69.48 3.97 -32.25
N ASP A 130 -69.44 2.67 -32.57
CA ASP A 130 -68.23 1.79 -32.67
C ASP A 130 -67.02 2.63 -33.19
N LYS A 131 -67.24 3.62 -34.06
CA LYS A 131 -66.18 4.23 -34.89
C LYS A 131 -65.57 5.45 -34.20
N TYR A 132 -65.71 5.62 -32.89
CA TYR A 132 -64.99 6.62 -32.09
C TYR A 132 -64.37 5.97 -30.87
N GLY A 133 -63.20 6.45 -30.46
CA GLY A 133 -62.65 6.23 -29.11
C GLY A 133 -62.13 7.54 -28.56
N CYS A 134 -61.56 7.50 -27.35
CA CYS A 134 -60.89 8.65 -26.73
C CYS A 134 -59.62 8.13 -26.04
N LEU A 135 -58.66 9.02 -25.76
CA LEU A 135 -57.37 8.57 -25.18
C LEU A 135 -57.62 8.06 -23.76
N SER A 136 -58.65 8.57 -23.06
CA SER A 136 -58.96 8.20 -21.66
C SER A 136 -59.34 6.73 -21.59
N GLY A 137 -59.71 6.13 -22.72
CA GLY A 137 -59.96 4.68 -22.86
C GLY A 137 -58.68 3.89 -23.03
N ASN A 138 -57.52 4.54 -23.21
CA ASN A 138 -56.24 3.88 -23.57
C ASN A 138 -55.15 4.25 -22.57
N ILE A 139 -55.33 5.31 -21.79
CA ILE A 139 -54.32 5.81 -20.84
C ILE A 139 -54.92 5.70 -19.44
N PRO A 140 -54.33 4.86 -18.57
CA PRO A 140 -54.87 4.63 -17.23
C PRO A 140 -55.08 5.95 -16.46
N ALA A 141 -56.08 5.94 -15.58
CA ALA A 141 -56.53 7.10 -14.80
C ALA A 141 -55.34 7.76 -14.07
N LEU A 142 -54.43 6.98 -13.47
CA LEU A 142 -53.27 7.57 -12.76
C LEU A 142 -52.44 8.47 -13.71
N GLU A 143 -52.18 8.00 -14.93
CA GLU A 143 -51.34 8.69 -15.94
C GLU A 143 -52.09 9.90 -16.49
N LEU A 144 -53.41 9.79 -16.64
CA LEU A 144 -54.24 10.92 -17.11
C LEU A 144 -54.23 12.01 -16.04
N MET A 145 -54.40 11.62 -14.78
CA MET A 145 -54.42 12.62 -13.69
C MET A 145 -53.05 13.31 -13.63
N ALA A 146 -51.97 12.57 -13.86
CA ALA A 146 -50.61 13.17 -13.89
C ALA A 146 -50.53 14.25 -14.99
N LEU A 147 -51.02 13.94 -16.17
CA LEU A 147 -51.03 14.87 -17.33
C LEU A 147 -51.84 16.14 -16.95
N TYR A 148 -53.02 15.99 -16.33
CA TYR A 148 -53.85 17.16 -15.97
C TYR A 148 -53.18 18.03 -14.91
N VAL A 149 -52.61 17.42 -13.87
CA VAL A 149 -51.90 18.20 -12.80
C VAL A 149 -50.67 18.89 -13.40
N ALA A 150 -49.95 18.21 -14.28
CA ALA A 150 -48.81 18.83 -14.97
C ALA A 150 -49.25 20.10 -15.73
N ALA A 151 -50.37 20.02 -16.45
CA ALA A 151 -50.89 21.17 -17.21
C ALA A 151 -51.17 22.35 -16.27
N ALA A 152 -51.74 22.08 -15.12
CA ALA A 152 -52.01 23.15 -14.15
C ALA A 152 -50.70 23.76 -13.62
N MET A 153 -49.65 22.97 -13.44
CA MET A 153 -48.37 23.46 -12.84
C MET A 153 -47.33 23.87 -13.88
N HIS A 154 -47.54 23.61 -15.17
CA HIS A 154 -46.49 23.74 -16.21
C HIS A 154 -45.75 25.08 -16.32
N ASP A 155 -46.37 26.19 -15.94
CA ASP A 155 -45.73 27.53 -16.09
C ASP A 155 -45.70 28.23 -14.74
N TYR A 156 -45.79 27.48 -13.65
CA TYR A 156 -45.84 28.07 -12.28
C TYR A 156 -44.68 29.03 -12.02
N ASP A 157 -44.98 30.24 -11.55
CA ASP A 157 -44.00 31.26 -11.18
C ASP A 157 -43.16 31.63 -12.40
N HIS A 158 -43.78 31.69 -13.59
CA HIS A 158 -43.06 32.12 -14.81
C HIS A 158 -42.70 33.59 -14.66
N PRO A 159 -41.42 33.96 -14.91
CA PRO A 159 -40.99 35.35 -14.79
C PRO A 159 -41.24 36.26 -16.00
N GLY A 160 -41.80 35.75 -17.09
CA GLY A 160 -42.06 36.59 -18.28
C GLY A 160 -40.84 36.81 -19.15
N ARG A 161 -39.87 35.92 -19.04
CA ARG A 161 -38.58 35.93 -19.78
C ARG A 161 -38.39 34.53 -20.38
N THR A 162 -37.71 34.44 -21.53
CA THR A 162 -37.33 33.14 -22.15
C THR A 162 -36.14 32.51 -21.40
N ASN A 163 -35.93 31.21 -21.61
CA ASN A 163 -34.70 30.50 -21.20
C ASN A 163 -33.49 31.26 -21.71
N ALA A 164 -33.50 31.68 -22.99
CA ALA A 164 -32.32 32.34 -23.61
C ALA A 164 -31.95 33.61 -22.81
N PHE A 165 -32.95 34.39 -22.37
CA PHE A 165 -32.71 35.64 -21.63
C PHE A 165 -32.09 35.29 -20.28
N LEU A 166 -32.63 34.28 -19.60
CA LEU A 166 -32.12 33.90 -18.26
C LEU A 166 -30.67 33.44 -18.38
N VAL A 167 -30.36 32.68 -19.42
CA VAL A 167 -29.00 32.13 -19.66
C VAL A 167 -28.08 33.29 -20.03
N ALA A 168 -28.47 34.15 -20.97
CA ALA A 168 -27.62 35.26 -21.42
C ALA A 168 -27.29 36.20 -20.25
N THR A 169 -28.15 36.38 -19.24
CA THR A 169 -27.96 37.37 -18.15
C THR A 169 -27.36 36.71 -16.89
N SER A 170 -27.04 35.40 -16.91
CA SER A 170 -26.61 34.61 -15.73
C SER A 170 -27.54 34.87 -14.57
N ALA A 171 -28.83 34.84 -14.82
CA ALA A 171 -29.87 34.89 -13.77
C ALA A 171 -29.61 33.78 -12.76
N PRO A 172 -29.84 34.01 -11.45
CA PRO A 172 -29.73 32.96 -10.44
C PRO A 172 -30.32 31.61 -10.87
N GLN A 173 -31.46 31.62 -11.56
CA GLN A 173 -32.17 30.37 -11.91
C GLN A 173 -31.35 29.63 -12.97
N ALA A 174 -30.73 30.35 -13.92
CA ALA A 174 -29.94 29.75 -14.99
C ALA A 174 -28.69 29.09 -14.36
N VAL A 175 -28.06 29.76 -13.42
CA VAL A 175 -26.89 29.20 -12.69
C VAL A 175 -27.37 27.95 -11.90
N LEU A 176 -28.53 28.02 -11.25
CA LEU A 176 -29.01 26.96 -10.34
C LEU A 176 -29.29 25.68 -11.15
N TYR A 177 -29.81 25.85 -12.37
CA TYR A 177 -30.16 24.73 -13.26
C TYR A 177 -29.13 24.49 -14.37
N ASN A 178 -27.93 25.02 -14.28
CA ASN A 178 -26.80 24.73 -15.22
C ASN A 178 -27.25 24.95 -16.68
N ASP A 179 -28.07 25.97 -16.92
CA ASP A 179 -28.53 26.47 -18.23
C ASP A 179 -29.42 25.40 -18.91
N ARG A 180 -29.83 24.34 -18.24
CA ARG A 180 -30.64 23.25 -18.87
C ARG A 180 -32.11 23.37 -18.51
N SER A 181 -33.00 23.57 -19.50
CA SER A 181 -34.46 23.69 -19.30
C SER A 181 -34.75 24.54 -18.06
N VAL A 182 -34.21 25.76 -18.01
CA VAL A 182 -34.18 26.58 -16.76
C VAL A 182 -35.60 26.84 -16.24
N LEU A 183 -36.50 27.34 -17.08
CA LEU A 183 -37.88 27.65 -16.65
C LEU A 183 -38.63 26.39 -16.26
N GLU A 184 -38.57 25.34 -17.10
CA GLU A 184 -39.38 24.11 -16.90
C GLU A 184 -38.96 23.35 -15.66
N ASN A 185 -37.65 23.29 -15.37
CA ASN A 185 -37.18 22.73 -14.10
C ASN A 185 -37.74 23.54 -12.96
N HIS A 186 -37.74 24.85 -13.02
CA HIS A 186 -38.24 25.74 -11.94
C HIS A 186 -39.75 25.56 -11.74
N HIS A 187 -40.54 25.54 -12.82
CA HIS A 187 -42.00 25.33 -12.70
C HIS A 187 -42.27 24.03 -11.92
N ALA A 188 -41.70 22.91 -12.35
CA ALA A 188 -41.87 21.59 -11.73
C ALA A 188 -41.38 21.65 -10.29
N ALA A 189 -40.21 22.22 -10.04
CA ALA A 189 -39.59 22.16 -8.70
C ALA A 189 -40.37 23.06 -7.73
N ALA A 190 -40.75 24.24 -8.18
CA ALA A 190 -41.49 25.24 -7.35
C ALA A 190 -42.91 24.70 -7.09
N ALA A 191 -43.56 24.12 -8.08
CA ALA A 191 -44.92 23.55 -7.88
C ALA A 191 -44.87 22.40 -6.87
N TRP A 192 -43.92 21.50 -7.04
CA TRP A 192 -43.82 20.32 -6.14
C TRP A 192 -43.40 20.76 -4.73
N ASN A 193 -42.54 21.76 -4.63
CA ASN A 193 -42.14 22.29 -3.29
C ASN A 193 -43.39 22.82 -2.60
N LEU A 194 -44.21 23.59 -3.31
CA LEU A 194 -45.47 24.11 -2.75
C LEU A 194 -46.33 22.94 -2.25
N PHE A 195 -46.48 21.89 -3.06
CA PHE A 195 -47.33 20.73 -2.67
C PHE A 195 -46.83 20.13 -1.36
N MET A 196 -45.54 19.84 -1.27
CA MET A 196 -44.97 19.16 -0.07
C MET A 196 -44.87 20.11 1.12
N SER A 197 -45.01 21.41 0.91
CA SER A 197 -44.85 22.43 1.98
C SER A 197 -45.93 22.35 3.05
N ARG A 198 -47.16 21.97 2.70
CA ARG A 198 -48.28 22.04 3.67
C ARG A 198 -49.15 20.77 3.66
N PRO A 199 -49.52 20.12 4.82
CA PRO A 199 -50.49 19.03 4.78
C PRO A 199 -51.87 19.49 4.20
N GLU A 200 -52.18 20.79 4.29
CA GLU A 200 -53.45 21.38 3.76
C GLU A 200 -53.50 21.21 2.25
N TYR A 201 -52.39 20.88 1.59
CA TYR A 201 -52.29 20.74 0.12
C TYR A 201 -52.29 19.28 -0.32
N ASN A 202 -52.33 18.30 0.57
CA ASN A 202 -52.03 16.89 0.20
C ASN A 202 -53.29 16.18 -0.33
N PHE A 203 -53.64 16.46 -1.57
CA PHE A 203 -54.84 15.85 -2.23
C PHE A 203 -54.52 14.43 -2.75
N LEU A 204 -53.25 14.00 -2.67
CA LEU A 204 -52.76 12.68 -3.17
C LEU A 204 -52.56 11.74 -2.01
N ILE A 205 -53.09 12.07 -0.85
CA ILE A 205 -52.89 11.31 0.42
C ILE A 205 -53.29 9.83 0.23
N ASN A 206 -54.24 9.49 -0.64
CA ASN A 206 -54.72 8.09 -0.76
C ASN A 206 -54.02 7.33 -1.89
N LEU A 207 -53.03 7.91 -2.58
CA LEU A 207 -52.08 7.12 -3.41
C LEU A 207 -51.13 6.36 -2.46
N ASP A 208 -50.86 5.07 -2.70
CA ASP A 208 -49.76 4.35 -2.00
C ASP A 208 -48.42 4.98 -2.46
N HIS A 209 -47.35 4.62 -1.77
CA HIS A 209 -45.97 5.17 -1.98
C HIS A 209 -45.51 4.85 -3.41
N VAL A 210 -45.74 3.65 -3.94
CA VAL A 210 -45.35 3.26 -5.32
C VAL A 210 -46.11 4.16 -6.32
N GLU A 211 -47.43 4.22 -6.23
CA GLU A 211 -48.28 5.14 -7.04
C GLU A 211 -47.78 6.58 -6.99
N PHE A 212 -47.55 7.13 -5.80
CA PHE A 212 -47.14 8.54 -5.62
C PHE A 212 -45.83 8.77 -6.36
N LYS A 213 -44.84 7.88 -6.20
CA LYS A 213 -43.51 8.03 -6.89
C LYS A 213 -43.72 7.99 -8.39
N HIS A 214 -44.56 7.07 -8.89
CA HIS A 214 -44.88 7.01 -10.34
C HIS A 214 -45.56 8.30 -10.81
N PHE A 215 -46.54 8.78 -10.05
CA PHE A 215 -47.30 10.02 -10.38
C PHE A 215 -46.32 11.20 -10.52
N ARG A 216 -45.47 11.38 -9.54
CA ARG A 216 -44.48 12.50 -9.52
C ARG A 216 -43.56 12.42 -10.74
N PHE A 217 -43.02 11.23 -11.03
CA PHE A 217 -42.19 11.01 -12.24
C PHE A 217 -42.98 11.49 -13.49
N LEU A 218 -44.24 11.05 -13.66
CA LEU A 218 -45.03 11.38 -14.88
C LEU A 218 -45.28 12.88 -14.97
N VAL A 219 -45.56 13.53 -13.86
CA VAL A 219 -45.84 14.99 -13.84
C VAL A 219 -44.57 15.71 -14.31
N ILE A 220 -43.43 15.33 -13.74
CA ILE A 220 -42.15 15.99 -14.10
C ILE A 220 -41.88 15.75 -15.57
N GLU A 221 -42.03 14.53 -16.07
CA GLU A 221 -41.73 14.24 -17.50
C GLU A 221 -42.60 15.11 -18.40
N ALA A 222 -43.85 15.34 -18.01
CA ALA A 222 -44.82 16.13 -18.83
C ALA A 222 -44.41 17.60 -18.80
N ILE A 223 -44.01 18.12 -17.64
CA ILE A 223 -43.67 19.57 -17.56
C ILE A 223 -42.37 19.82 -18.36
N LEU A 224 -41.38 18.94 -18.21
CA LEU A 224 -40.06 19.11 -18.86
C LEU A 224 -40.24 18.98 -20.38
N ALA A 225 -41.26 18.25 -20.86
CA ALA A 225 -41.53 18.08 -22.31
C ALA A 225 -42.02 19.40 -22.94
N THR A 226 -42.42 20.39 -22.16
CA THR A 226 -42.92 21.67 -22.71
C THR A 226 -41.76 22.60 -23.09
N ASP A 227 -40.50 22.25 -22.81
CA ASP A 227 -39.33 23.05 -23.29
C ASP A 227 -39.21 22.89 -24.82
N LEU A 228 -39.39 23.94 -25.61
CA LEU A 228 -39.35 23.88 -27.10
C LEU A 228 -37.92 23.64 -27.64
N LYS A 229 -36.87 23.77 -26.83
CA LYS A 229 -35.53 23.27 -27.22
C LYS A 229 -35.57 21.77 -27.53
N LYS A 230 -36.49 20.99 -26.96
CA LYS A 230 -36.61 19.53 -27.20
C LYS A 230 -37.66 19.23 -28.29
N HIS A 231 -38.29 20.25 -28.86
CA HIS A 231 -39.50 20.09 -29.72
C HIS A 231 -39.21 19.09 -30.88
N PHE A 232 -38.15 19.30 -31.62
CA PHE A 232 -37.84 18.51 -32.82
C PHE A 232 -37.51 17.07 -32.41
N ASP A 233 -36.84 16.88 -31.26
CA ASP A 233 -36.50 15.52 -30.74
C ASP A 233 -37.80 14.75 -30.43
N PHE A 234 -38.78 15.38 -29.75
CA PHE A 234 -40.05 14.70 -29.40
C PHE A 234 -40.79 14.33 -30.70
N VAL A 235 -40.89 15.28 -31.63
CA VAL A 235 -41.63 15.08 -32.91
C VAL A 235 -40.99 13.93 -33.68
N ALA A 236 -39.66 13.90 -33.81
CA ALA A 236 -38.97 12.82 -34.56
C ALA A 236 -39.18 11.47 -33.83
N LYS A 237 -39.07 11.45 -32.51
CA LYS A 237 -39.27 10.20 -31.74
C LYS A 237 -40.69 9.70 -31.98
N PHE A 238 -41.70 10.58 -31.95
CA PHE A 238 -43.12 10.18 -32.09
C PHE A 238 -43.39 9.63 -33.49
N ASN A 239 -42.93 10.34 -34.54
CA ASN A 239 -43.06 9.87 -35.94
C ASN A 239 -42.38 8.50 -36.12
N GLY A 240 -41.23 8.31 -35.47
CA GLY A 240 -40.53 7.01 -35.40
C GLY A 240 -41.41 5.89 -34.86
N LYS A 241 -42.08 6.08 -33.70
CA LYS A 241 -42.95 5.04 -33.06
C LYS A 241 -44.19 4.79 -33.92
N VAL A 242 -44.77 5.83 -34.52
CA VAL A 242 -45.98 5.70 -35.37
C VAL A 242 -45.66 4.92 -36.65
N ASN A 243 -44.48 5.13 -37.25
CA ASN A 243 -44.13 4.52 -38.55
C ASN A 243 -43.30 3.24 -38.39
N ASP A 244 -43.20 2.66 -37.20
CA ASP A 244 -42.49 1.37 -36.97
C ASP A 244 -43.47 0.18 -37.11
N ASP A 245 -42.96 -1.05 -37.03
CA ASP A 245 -43.66 -2.33 -37.32
C ASP A 245 -45.05 -2.46 -36.69
N VAL A 246 -45.29 -1.97 -35.48
CA VAL A 246 -46.54 -2.24 -34.72
C VAL A 246 -47.30 -0.95 -34.48
N GLY A 247 -46.72 0.21 -34.76
CA GLY A 247 -47.32 1.52 -34.42
C GLY A 247 -47.33 1.78 -32.91
N ILE A 248 -48.15 2.72 -32.42
CA ILE A 248 -48.32 2.96 -30.96
C ILE A 248 -48.88 1.69 -30.28
N ASP A 249 -48.21 1.21 -29.23
CA ASP A 249 -48.57 0.00 -28.43
C ASP A 249 -49.08 0.53 -27.09
N TRP A 250 -50.39 0.59 -26.89
CA TRP A 250 -51.05 1.19 -25.71
C TRP A 250 -50.74 0.40 -24.42
N THR A 251 -50.24 -0.83 -24.52
CA THR A 251 -49.84 -1.66 -23.35
C THR A 251 -48.39 -1.34 -22.94
N ASN A 252 -47.70 -0.49 -23.71
CA ASN A 252 -46.28 -0.12 -23.45
C ASN A 252 -46.24 1.24 -22.72
N GLU A 253 -45.67 1.25 -21.53
CA GLU A 253 -45.69 2.43 -20.65
C GLU A 253 -44.90 3.58 -21.28
N ASN A 254 -43.84 3.32 -22.07
CA ASN A 254 -43.00 4.40 -22.66
C ASN A 254 -43.73 5.03 -23.87
N ASP A 255 -44.47 4.22 -24.67
CA ASP A 255 -45.40 4.69 -25.74
C ASP A 255 -46.49 5.57 -25.12
N ARG A 256 -47.11 5.17 -24.01
CA ARG A 256 -48.14 6.01 -23.35
C ARG A 256 -47.52 7.33 -22.89
N LEU A 257 -46.31 7.30 -22.31
CA LEU A 257 -45.70 8.56 -21.81
C LEU A 257 -45.48 9.49 -23.00
N LEU A 258 -44.96 8.96 -24.09
CA LEU A 258 -44.68 9.78 -25.28
C LEU A 258 -45.99 10.39 -25.82
N VAL A 259 -47.11 9.63 -25.83
CA VAL A 259 -48.43 10.19 -26.24
C VAL A 259 -48.85 11.35 -25.32
N CYS A 260 -48.74 11.15 -23.99
CA CYS A 260 -49.04 12.20 -23.00
C CYS A 260 -48.16 13.43 -23.24
N GLN A 261 -46.89 13.24 -23.57
CA GLN A 261 -45.99 14.39 -23.82
C GLN A 261 -46.39 15.11 -25.12
N MET A 262 -46.80 14.40 -26.17
CA MET A 262 -47.29 15.06 -27.43
C MET A 262 -48.57 15.83 -27.12
N CYS A 263 -49.40 15.29 -26.23
CA CYS A 263 -50.66 15.88 -25.80
CA CYS A 263 -50.68 15.89 -25.80
C CYS A 263 -50.42 17.20 -25.08
N ILE A 264 -49.59 17.18 -24.01
CA ILE A 264 -49.28 18.44 -23.30
C ILE A 264 -48.59 19.43 -24.23
N LYS A 265 -47.73 18.97 -25.14
CA LYS A 265 -47.02 19.89 -26.05
C LYS A 265 -48.05 20.61 -26.94
N LEU A 266 -49.00 19.89 -27.54
CA LEU A 266 -50.06 20.50 -28.41
C LEU A 266 -50.95 21.43 -27.58
N ALA A 267 -51.33 21.01 -26.37
CA ALA A 267 -52.17 21.80 -25.47
C ALA A 267 -51.45 23.13 -25.20
N ASP A 268 -50.14 23.07 -24.99
CA ASP A 268 -49.35 24.25 -24.57
C ASP A 268 -49.35 25.27 -25.70
N ILE A 269 -49.33 24.85 -26.95
CA ILE A 269 -49.23 25.82 -28.08
C ILE A 269 -50.52 25.74 -28.93
N ASN A 270 -51.66 25.55 -28.30
CA ASN A 270 -52.98 25.32 -28.97
C ASN A 270 -53.48 26.61 -29.68
N GLY A 271 -53.04 27.80 -29.24
CA GLY A 271 -53.58 29.12 -29.66
C GLY A 271 -53.89 29.18 -31.15
N PRO A 272 -52.89 28.92 -32.02
CA PRO A 272 -53.08 29.04 -33.47
C PRO A 272 -54.05 27.99 -34.03
N ALA A 273 -54.44 26.99 -33.23
CA ALA A 273 -55.47 26.01 -33.66
C ALA A 273 -56.85 26.30 -33.03
N LYS A 274 -57.06 27.48 -32.43
CA LYS A 274 -58.36 27.98 -31.94
C LYS A 274 -59.02 28.90 -32.99
N CYS A 275 -60.29 29.27 -32.82
CA CYS A 275 -60.98 30.27 -33.69
C CYS A 275 -60.14 31.55 -33.68
N LYS A 276 -60.27 32.34 -34.73
CA LYS A 276 -59.50 33.59 -34.93
C LYS A 276 -59.59 34.47 -33.67
N GLU A 277 -60.77 34.62 -33.08
CA GLU A 277 -60.99 35.55 -31.93
C GLU A 277 -60.09 35.14 -30.76
N LEU A 278 -60.10 33.87 -30.39
CA LEU A 278 -59.22 33.39 -29.28
C LEU A 278 -57.76 33.54 -29.69
N HIS A 279 -57.39 33.08 -30.89
CA HIS A 279 -55.98 33.06 -31.37
C HIS A 279 -55.42 34.49 -31.31
N LEU A 280 -56.19 35.50 -31.73
CA LEU A 280 -55.70 36.91 -31.75
C LEU A 280 -55.50 37.43 -30.33
N GLN A 281 -56.34 37.03 -29.36
CA GLN A 281 -56.14 37.47 -27.95
C GLN A 281 -54.89 36.84 -27.36
N TRP A 282 -54.67 35.54 -27.60
CA TRP A 282 -53.44 34.86 -27.08
C TRP A 282 -52.19 35.48 -27.76
N THR A 283 -52.28 35.82 -29.04
CA THR A 283 -51.15 36.41 -29.80
C THR A 283 -50.79 37.77 -29.18
N ASP A 284 -51.81 38.58 -28.90
CA ASP A 284 -51.61 39.86 -28.19
C ASP A 284 -50.91 39.61 -26.86
N GLY A 285 -51.30 38.58 -26.10
CA GLY A 285 -50.68 38.29 -24.81
C GLY A 285 -49.19 38.00 -24.96
N ILE A 286 -48.81 37.09 -25.88
CA ILE A 286 -47.40 36.66 -25.96
C ILE A 286 -46.57 37.86 -26.44
N VAL A 287 -47.01 38.64 -27.44
CA VAL A 287 -46.15 39.76 -27.92
C VAL A 287 -45.99 40.81 -26.81
N ASN A 288 -47.00 41.05 -25.98
CA ASN A 288 -46.89 42.02 -24.87
C ASN A 288 -45.89 41.54 -23.81
N GLU A 289 -45.81 40.23 -23.58
CA GLU A 289 -44.82 39.68 -22.63
C GLU A 289 -43.43 39.84 -23.26
N PHE A 290 -43.27 39.53 -24.56
CA PHE A 290 -42.01 39.73 -25.28
C PHE A 290 -41.54 41.18 -25.17
N TYR A 291 -42.44 42.16 -25.30
CA TYR A 291 -42.06 43.59 -25.27
C TYR A 291 -41.50 43.94 -23.88
N GLU A 292 -42.06 43.39 -22.81
CA GLU A 292 -41.52 43.61 -21.44
C GLU A 292 -40.06 43.08 -21.42
N GLN A 293 -39.79 41.95 -22.07
CA GLN A 293 -38.43 41.37 -22.11
C GLN A 293 -37.51 42.31 -22.92
N GLY A 294 -37.95 42.72 -24.12
CA GLY A 294 -37.22 43.69 -24.98
C GLY A 294 -36.86 44.96 -24.22
N ASP A 295 -37.79 45.53 -23.45
CA ASP A 295 -37.53 46.71 -22.60
C ASP A 295 -36.37 46.41 -21.61
N GLU A 296 -36.39 45.26 -20.94
CA GLU A 296 -35.32 44.95 -19.97
C GLU A 296 -33.99 44.73 -20.70
N GLU A 297 -34.01 44.02 -21.85
CA GLU A 297 -32.81 43.79 -22.70
C GLU A 297 -32.17 45.14 -23.02
N ALA A 298 -32.93 46.12 -23.54
CA ALA A 298 -32.44 47.47 -23.88
C ALA A 298 -31.82 48.10 -22.63
N SER A 299 -32.49 48.02 -21.48
CA SER A 299 -31.99 48.69 -20.24
C SER A 299 -30.66 48.04 -19.79
N LEU A 300 -30.46 46.74 -20.05
CA LEU A 300 -29.19 46.01 -19.73
C LEU A 300 -28.17 46.19 -20.87
N GLY A 301 -28.50 46.93 -21.93
CA GLY A 301 -27.58 47.17 -23.05
C GLY A 301 -27.41 45.95 -23.92
N LEU A 302 -28.34 45.00 -23.90
CA LEU A 302 -28.30 43.82 -24.79
C LEU A 302 -29.05 44.20 -26.06
N PRO A 303 -28.77 43.56 -27.21
CA PRO A 303 -29.60 43.76 -28.40
C PRO A 303 -30.99 43.15 -28.11
N ILE A 304 -32.06 43.81 -28.57
CA ILE A 304 -33.44 43.30 -28.39
C ILE A 304 -33.61 42.05 -29.27
N SER A 305 -34.06 40.96 -28.65
CA SER A 305 -34.32 39.67 -29.33
C SER A 305 -35.26 39.88 -30.51
N PRO A 306 -35.24 38.99 -31.53
CA PRO A 306 -36.20 39.07 -32.63
C PRO A 306 -37.64 39.04 -32.08
N PHE A 307 -38.52 39.88 -32.63
CA PHE A 307 -39.98 39.96 -32.39
C PHE A 307 -40.32 40.61 -31.03
N MET A 308 -39.32 41.11 -30.29
CA MET A 308 -39.54 41.61 -28.90
C MET A 308 -39.41 43.14 -28.82
N ASP A 309 -39.43 43.82 -29.97
CA ASP A 309 -39.23 45.28 -30.01
C ASP A 309 -40.59 45.98 -30.25
N ARG A 310 -41.16 46.55 -29.17
CA ARG A 310 -42.49 47.25 -29.19
C ARG A 310 -42.50 48.34 -30.27
N SER A 311 -41.39 49.01 -30.57
CA SER A 311 -41.38 50.14 -31.53
C SER A 311 -41.09 49.65 -32.96
N ALA A 312 -40.91 48.34 -33.16
CA ALA A 312 -40.87 47.70 -34.50
C ALA A 312 -41.47 46.29 -34.40
N PRO A 313 -42.81 46.20 -34.20
CA PRO A 313 -43.50 44.91 -34.07
C PRO A 313 -43.40 44.14 -35.39
N GLN A 314 -43.34 42.82 -35.32
CA GLN A 314 -43.31 41.94 -36.50
C GLN A 314 -44.20 40.73 -36.17
N LEU A 315 -45.43 41.03 -35.79
CA LEU A 315 -46.43 40.10 -35.23
C LEU A 315 -46.76 39.01 -36.26
N ALA A 316 -47.09 39.39 -37.50
CA ALA A 316 -47.45 38.44 -38.56
C ALA A 316 -46.25 37.51 -38.84
N ASN A 317 -45.01 38.04 -38.88
CA ASN A 317 -43.84 37.20 -39.17
C ASN A 317 -43.65 36.21 -38.02
N LEU A 318 -43.80 36.67 -36.78
CA LEU A 318 -43.72 35.78 -35.61
C LEU A 318 -44.72 34.61 -35.76
N GLN A 319 -45.99 34.89 -36.03
CA GLN A 319 -47.05 33.85 -35.99
C GLN A 319 -46.94 32.97 -37.24
N GLU A 320 -46.65 33.53 -38.40
CA GLU A 320 -46.51 32.70 -39.63
C GLU A 320 -45.39 31.65 -39.41
N SER A 321 -44.23 32.08 -38.88
CA SER A 321 -43.06 31.19 -38.77
C SER A 321 -43.26 30.24 -37.57
N PHE A 322 -43.89 30.69 -36.48
CA PHE A 322 -44.27 29.79 -35.37
C PHE A 322 -45.19 28.67 -35.88
N ILE A 323 -46.20 28.99 -36.67
CA ILE A 323 -47.13 27.95 -37.21
C ILE A 323 -46.35 27.06 -38.18
N SER A 324 -45.60 27.64 -39.12
CA SER A 324 -44.86 26.89 -40.14
C SER A 324 -43.80 25.94 -39.51
N HIS A 325 -43.07 26.36 -38.49
CA HIS A 325 -41.87 25.62 -37.98
C HIS A 325 -42.25 24.73 -36.80
N ILE A 326 -43.22 25.11 -35.98
CA ILE A 326 -43.47 24.47 -34.68
C ILE A 326 -44.85 23.84 -34.64
N VAL A 327 -45.91 24.65 -34.74
CA VAL A 327 -47.29 24.16 -34.45
C VAL A 327 -47.72 23.26 -35.61
N GLY A 328 -47.56 23.71 -36.84
CA GLY A 328 -47.89 22.95 -38.06
C GLY A 328 -47.33 21.53 -38.01
N PRO A 329 -45.99 21.34 -37.97
CA PRO A 329 -45.44 19.98 -37.91
C PRO A 329 -45.93 19.15 -36.69
N LEU A 330 -46.12 19.74 -35.53
CA LEU A 330 -46.66 18.99 -34.35
C LEU A 330 -48.08 18.50 -34.63
N CYS A 331 -48.97 19.35 -35.16
CA CYS A 331 -50.36 18.93 -35.50
C CYS A 331 -50.36 17.87 -36.57
N ASN A 332 -49.53 18.04 -37.61
CA ASN A 332 -49.46 17.05 -38.73
C ASN A 332 -49.05 15.69 -38.14
N SER A 333 -48.03 15.66 -37.29
CA SER A 333 -47.51 14.44 -36.62
C SER A 333 -48.60 13.79 -35.73
N TYR A 334 -49.29 14.58 -34.92
CA TYR A 334 -50.36 14.07 -34.02
C TYR A 334 -51.55 13.55 -34.84
N ASP A 335 -51.87 14.26 -35.94
CA ASP A 335 -52.98 13.89 -36.87
C ASP A 335 -52.60 12.60 -37.61
N SER A 336 -51.38 12.46 -38.09
CA SER A 336 -50.84 11.24 -38.74
C SER A 336 -50.96 10.01 -37.84
N ALA A 337 -50.89 10.18 -36.53
CA ALA A 337 -51.01 9.09 -35.55
C ALA A 337 -52.49 8.70 -35.42
N GLY A 338 -53.41 9.51 -35.94
CA GLY A 338 -54.86 9.31 -35.81
C GLY A 338 -55.37 9.70 -34.42
N LEU A 339 -54.74 10.64 -33.72
CA LEU A 339 -55.13 11.01 -32.34
C LEU A 339 -55.91 12.33 -32.28
N MET A 340 -56.15 13.00 -33.39
CA MET A 340 -56.88 14.29 -33.40
C MET A 340 -58.37 14.05 -33.18
N PRO A 341 -59.01 14.72 -32.19
CA PRO A 341 -60.48 14.70 -32.13
C PRO A 341 -61.06 15.17 -33.47
N GLY A 342 -62.20 14.62 -33.84
CA GLY A 342 -62.86 14.93 -35.12
C GLY A 342 -64.19 14.21 -35.23
N LYS A 343 -64.89 14.44 -36.32
CA LYS A 343 -66.26 13.89 -36.58
C LYS A 343 -66.26 13.20 -37.95
N TRP A 344 -66.89 12.05 -38.04
CA TRP A 344 -67.23 11.44 -39.35
C TRP A 344 -68.34 12.30 -40.01
N VAL A 345 -68.09 12.60 -41.31
CA VAL A 345 -68.94 13.54 -42.08
C VAL A 345 -70.21 12.80 -42.54
N ARG A 354 -67.40 7.85 -46.08
CA ARG A 354 -67.16 8.80 -44.94
C ARG A 354 -65.68 9.23 -44.86
N LYS A 355 -65.43 10.54 -44.81
CA LYS A 355 -64.15 11.18 -44.41
C LYS A 355 -64.33 11.85 -43.05
N ILE A 356 -63.30 12.55 -42.58
CA ILE A 356 -63.23 13.08 -41.18
C ILE A 356 -63.16 14.59 -41.27
N TYR A 357 -63.96 15.30 -40.47
CA TYR A 357 -63.86 16.77 -40.31
C TYR A 357 -63.13 17.03 -39.00
N CYS A 358 -62.03 17.74 -39.07
CA CYS A 358 -61.16 17.99 -37.90
C CYS A 358 -61.06 19.50 -37.67
N GLN A 359 -61.79 19.97 -36.67
CA GLN A 359 -61.91 21.39 -36.29
C GLN A 359 -60.52 21.97 -36.04
N ILE A 360 -59.72 21.24 -35.31
CA ILE A 360 -58.39 21.72 -34.85
C ILE A 360 -57.48 22.01 -36.06
N THR A 361 -57.38 21.11 -37.03
CA THR A 361 -56.48 21.32 -38.19
C THR A 361 -57.12 22.36 -39.12
N GLN A 362 -58.46 22.40 -39.22
CA GLN A 362 -59.13 23.44 -40.05
C GLN A 362 -58.81 24.81 -39.46
N HIS A 363 -58.88 25.01 -38.13
CA HIS A 363 -58.53 26.34 -37.54
C HIS A 363 -57.06 26.68 -37.84
N LEU A 364 -56.17 25.71 -37.68
CA LEU A 364 -54.71 25.99 -37.86
C LEU A 364 -54.43 26.45 -39.29
N LEU A 365 -55.06 25.80 -40.26
CA LEU A 365 -54.92 26.13 -41.70
C LEU A 365 -55.46 27.53 -41.96
N GLN A 366 -56.61 27.89 -41.38
CA GLN A 366 -57.28 29.19 -41.63
C GLN A 366 -56.45 30.30 -40.98
N ASN A 367 -55.94 30.08 -39.77
CA ASN A 367 -55.11 31.09 -39.09
C ASN A 367 -53.79 31.28 -39.85
N HIS A 368 -53.18 30.22 -40.37
CA HIS A 368 -51.93 30.28 -41.17
C HIS A 368 -52.14 31.17 -42.39
N LYS A 369 -53.21 30.94 -43.15
CA LYS A 369 -53.60 31.70 -44.35
C LYS A 369 -53.82 33.17 -43.99
N MET A 370 -54.50 33.43 -42.87
CA MET A 370 -54.73 34.81 -42.41
C MET A 370 -53.38 35.52 -42.19
N TRP A 371 -52.40 34.89 -41.52
CA TRP A 371 -51.09 35.56 -41.31
C TRP A 371 -50.33 35.75 -42.63
N LYS A 372 -50.35 34.76 -43.53
CA LYS A 372 -49.68 34.89 -44.87
C LYS A 372 -50.25 36.07 -45.65
N LYS A 373 -51.56 36.25 -45.59
CA LYS A 373 -52.28 37.36 -46.29
C LYS A 373 -51.85 38.69 -45.66
N VAL A 374 -51.76 38.80 -44.34
CA VAL A 374 -51.23 40.03 -43.67
C VAL A 374 -49.82 40.34 -44.19
N ILE A 375 -48.95 39.34 -44.25
CA ILE A 375 -47.55 39.50 -44.73
C ILE A 375 -47.56 40.04 -46.16
N GLU A 376 -48.40 39.51 -47.04
CA GLU A 376 -48.55 39.93 -48.46
C GLU A 376 -48.80 41.44 -48.59
N GLU A 377 -49.49 42.10 -47.65
CA GLU A 377 -49.62 43.58 -47.66
C GLU A 377 -48.34 44.29 -47.19
N GLU A 378 -47.65 43.80 -46.13
CA GLU A 378 -46.59 44.53 -45.38
C GLU A 378 -45.36 44.84 -46.26
N LYS B 2 37.32 -47.53 7.46
CA LYS B 2 37.26 -48.49 8.63
C LYS B 2 37.25 -47.67 9.91
N PRO B 3 36.77 -48.20 11.06
CA PRO B 3 36.97 -47.49 12.32
C PRO B 3 38.44 -47.73 12.71
N ILE B 4 39.18 -46.66 13.00
CA ILE B 4 40.46 -46.77 13.73
C ILE B 4 40.12 -47.29 15.13
N LEU B 5 40.74 -48.37 15.57
CA LEU B 5 40.56 -49.01 16.90
C LEU B 5 41.87 -48.92 17.70
N ALA B 6 41.72 -48.87 19.02
CA ALA B 6 42.87 -48.80 19.94
C ALA B 6 43.75 -50.05 19.79
N PRO B 7 45.09 -49.91 19.80
CA PRO B 7 45.97 -51.03 19.55
C PRO B 7 46.33 -52.09 20.61
N GLU B 8 46.82 -53.26 20.19
CA GLU B 8 47.35 -54.38 21.04
C GLU B 8 46.77 -54.39 22.47
N PRO B 9 47.51 -54.58 23.59
CA PRO B 9 46.93 -54.39 24.91
C PRO B 9 46.63 -52.89 25.03
N LEU B 10 45.43 -52.54 25.51
CA LEU B 10 44.99 -51.13 25.57
C LEU B 10 45.98 -50.27 26.34
N VAL B 11 46.41 -50.72 27.50
CA VAL B 11 47.39 -49.95 28.34
C VAL B 11 48.79 -50.52 28.14
N MET B 12 49.76 -49.73 27.67
CA MET B 12 51.18 -50.12 27.59
C MET B 12 51.74 -50.21 29.03
N ASP B 13 52.32 -51.33 29.43
CA ASP B 13 52.71 -51.52 30.85
C ASP B 13 54.15 -51.10 31.12
N ASN B 14 54.91 -50.81 30.07
CA ASN B 14 56.34 -50.41 30.15
C ASN B 14 56.52 -48.90 30.41
N LEU B 15 55.45 -48.14 30.63
CA LEU B 15 55.54 -46.66 30.81
C LEU B 15 55.47 -46.26 32.28
N ASP B 16 55.37 -47.22 33.22
CA ASP B 16 54.98 -46.95 34.64
C ASP B 16 55.97 -45.98 35.29
N SER B 17 57.28 -46.16 35.08
CA SER B 17 58.28 -45.41 35.86
C SER B 17 58.31 -43.96 35.36
N ILE B 18 58.03 -43.74 34.08
CA ILE B 18 57.95 -42.33 33.60
C ILE B 18 56.55 -41.74 33.90
N MET B 19 55.45 -42.51 33.87
CA MET B 19 54.09 -41.99 34.17
C MET B 19 53.98 -41.61 35.65
N GLU B 20 54.78 -42.17 36.55
CA GLU B 20 54.79 -41.75 37.98
C GLU B 20 55.35 -40.32 38.13
N GLN B 21 55.98 -39.76 37.11
CA GLN B 21 56.43 -38.33 37.10
C GLN B 21 55.32 -37.37 36.60
N LEU B 22 54.12 -37.83 36.28
CA LEU B 22 53.04 -36.94 35.77
C LEU B 22 52.76 -35.84 36.80
N ASN B 23 52.93 -36.07 38.09
CA ASN B 23 52.56 -35.02 39.07
C ASN B 23 53.71 -34.03 39.26
N THR B 24 54.47 -33.73 38.21
CA THR B 24 55.49 -32.67 38.26
C THR B 24 55.14 -31.71 37.14
N TRP B 25 55.42 -30.44 37.33
CA TRP B 25 55.11 -29.40 36.30
C TRP B 25 56.01 -29.66 35.08
N ASN B 26 57.32 -29.87 35.29
CA ASN B 26 58.27 -30.15 34.16
C ASN B 26 58.29 -31.65 33.82
N PHE B 27 57.14 -32.23 33.57
CA PHE B 27 56.99 -33.62 33.13
C PHE B 27 57.87 -33.82 31.88
N PRO B 28 58.76 -34.84 31.88
CA PRO B 28 59.66 -35.06 30.75
C PRO B 28 58.90 -35.76 29.59
N ILE B 29 58.12 -34.95 28.90
CA ILE B 29 57.25 -35.41 27.80
C ILE B 29 58.11 -35.89 26.62
N PHE B 30 59.27 -35.29 26.34
CA PHE B 30 60.10 -35.70 25.18
C PHE B 30 60.83 -37.04 25.49
N ASP B 31 61.13 -37.32 26.75
CA ASP B 31 61.60 -38.65 27.18
C ASP B 31 60.46 -39.69 27.01
N LEU B 32 59.20 -39.31 27.27
CA LEU B 32 58.06 -40.23 27.04
C LEU B 32 57.97 -40.52 25.53
N VAL B 33 58.10 -39.50 24.68
CA VAL B 33 58.08 -39.65 23.20
C VAL B 33 59.16 -40.64 22.77
N GLU B 34 60.36 -40.52 23.32
CA GLU B 34 61.51 -41.33 22.93
C GLU B 34 61.26 -42.78 23.36
N ASN B 35 60.62 -43.00 24.52
CA ASN B 35 60.38 -44.36 25.06
C ASN B 35 59.27 -45.06 24.24
N ILE B 36 58.28 -44.31 23.77
CA ILE B 36 57.12 -44.81 22.98
C ILE B 36 57.53 -44.99 21.50
N GLY B 37 58.35 -44.08 20.97
CA GLY B 37 58.62 -43.92 19.53
C GLY B 37 58.04 -42.62 18.99
N ARG B 38 58.84 -41.86 18.25
CA ARG B 38 58.50 -40.51 17.68
C ARG B 38 57.16 -40.49 16.93
N LYS B 39 56.82 -41.57 16.21
CA LYS B 39 55.63 -41.63 15.32
C LYS B 39 54.69 -42.78 15.77
N CYS B 40 54.71 -43.14 17.05
CA CYS B 40 54.00 -44.34 17.58
C CYS B 40 52.49 -44.16 17.41
N GLY B 41 52.06 -42.91 17.62
CA GLY B 41 50.68 -42.46 17.63
C GLY B 41 49.94 -43.01 18.83
N ARG B 42 50.53 -43.11 20.03
CA ARG B 42 49.81 -43.63 21.23
C ARG B 42 49.99 -42.72 22.44
N ILE B 43 50.77 -41.63 22.34
CA ILE B 43 51.11 -40.83 23.55
C ILE B 43 49.85 -40.20 24.14
N LEU B 44 48.94 -39.66 23.31
CA LEU B 44 47.76 -38.95 23.85
C LEU B 44 46.84 -39.96 24.54
N SER B 45 46.59 -41.10 23.92
CA SER B 45 45.66 -42.10 24.49
C SER B 45 46.26 -42.68 25.79
N GLN B 46 47.55 -42.96 25.83
CA GLN B 46 48.21 -43.55 27.03
C GLN B 46 48.19 -42.55 28.19
N VAL B 47 48.47 -41.28 27.96
CA VAL B 47 48.44 -40.27 29.05
C VAL B 47 46.99 -40.01 29.47
N SER B 48 46.08 -39.89 28.52
CA SER B 48 44.62 -39.70 28.84
C SER B 48 44.14 -40.84 29.74
N TYR B 49 44.53 -42.07 29.49
CA TYR B 49 44.12 -43.23 30.31
C TYR B 49 44.58 -42.98 31.75
N ARG B 50 45.85 -42.63 31.92
CA ARG B 50 46.46 -42.51 33.27
C ARG B 50 45.77 -41.36 34.00
N LEU B 51 45.50 -40.24 33.34
CA LEU B 51 44.92 -39.06 34.04
C LEU B 51 43.45 -39.33 34.39
N PHE B 52 42.69 -39.99 33.51
CA PHE B 52 41.29 -40.37 33.82
C PHE B 52 41.24 -41.36 34.96
N GLU B 53 42.20 -42.31 35.02
CA GLU B 53 42.24 -43.32 36.08
C GLU B 53 42.63 -42.60 37.37
N ASP B 54 43.63 -41.72 37.31
CA ASP B 54 44.12 -40.99 38.51
C ASP B 54 42.94 -40.24 39.15
N MET B 55 42.01 -39.72 38.35
CA MET B 55 40.88 -38.91 38.87
C MET B 55 39.66 -39.79 39.17
N GLY B 56 39.70 -41.10 38.94
CA GLY B 56 38.55 -42.01 39.09
C GLY B 56 37.40 -41.61 38.17
N LEU B 57 37.68 -41.04 37.01
CA LEU B 57 36.62 -40.59 36.07
C LEU B 57 35.97 -41.80 35.38
N PHE B 58 36.66 -42.94 35.23
CA PHE B 58 36.04 -44.14 34.62
C PHE B 58 34.90 -44.63 35.52
N GLU B 59 35.09 -44.65 36.83
CA GLU B 59 34.05 -45.10 37.78
C GLU B 59 32.97 -44.03 37.88
N ALA B 60 33.32 -42.75 38.03
CA ALA B 60 32.35 -41.65 38.21
C ALA B 60 31.31 -41.61 37.07
N PHE B 61 31.70 -41.85 35.81
CA PHE B 61 30.77 -41.78 34.66
C PHE B 61 30.63 -43.15 33.97
N LYS B 62 31.03 -44.24 34.64
CA LYS B 62 30.89 -45.63 34.12
C LYS B 62 31.37 -45.64 32.67
N ILE B 63 32.56 -45.11 32.42
CA ILE B 63 33.15 -45.02 31.06
C ILE B 63 33.71 -46.39 30.71
N PRO B 64 33.26 -47.03 29.61
CA PRO B 64 33.90 -48.25 29.13
C PRO B 64 35.26 -47.92 28.50
N ILE B 65 36.30 -48.61 28.94
CA ILE B 65 37.72 -48.26 28.63
C ILE B 65 38.02 -48.53 27.15
N ARG B 66 37.44 -49.56 26.56
CA ARG B 66 37.72 -49.90 25.14
C ARG B 66 37.28 -48.73 24.25
N GLU B 67 36.03 -48.27 24.40
CA GLU B 67 35.46 -47.17 23.57
C GLU B 67 36.29 -45.90 23.81
N PHE B 68 36.64 -45.65 25.06
CA PHE B 68 37.47 -44.48 25.44
C PHE B 68 38.82 -44.52 24.70
N MET B 69 39.53 -45.65 24.75
CA MET B 69 40.84 -45.83 24.07
C MET B 69 40.65 -45.82 22.54
N ASN B 70 39.57 -46.41 22.03
CA ASN B 70 39.21 -46.30 20.59
C ASN B 70 39.12 -44.82 20.20
N TYR B 71 38.36 -44.02 20.94
CA TYR B 71 38.19 -42.60 20.57
C TYR B 71 39.52 -41.84 20.66
N PHE B 72 40.20 -41.94 21.80
CA PHE B 72 41.45 -41.16 22.00
C PHE B 72 42.53 -41.63 21.00
N HIS B 73 42.54 -42.88 20.56
CA HIS B 73 43.49 -43.32 19.52
C HIS B 73 43.06 -42.74 18.15
N ALA B 74 41.78 -42.75 17.79
CA ALA B 74 41.33 -42.13 16.53
C ALA B 74 41.70 -40.64 16.53
N LEU B 75 41.48 -39.98 17.67
CA LEU B 75 41.77 -38.53 17.81
C LEU B 75 43.27 -38.30 17.64
N GLU B 76 44.09 -39.07 18.35
CA GLU B 76 45.56 -38.81 18.32
C GLU B 76 46.10 -39.10 16.91
N ILE B 77 45.49 -40.03 16.18
CA ILE B 77 45.87 -40.35 14.77
C ILE B 77 45.54 -39.19 13.84
N GLY B 78 44.54 -38.37 14.15
CA GLY B 78 44.12 -37.26 13.27
C GLY B 78 44.88 -36.00 13.59
N TYR B 79 45.85 -36.11 14.49
CA TYR B 79 46.77 -34.97 14.69
C TYR B 79 47.85 -35.19 13.63
N ARG B 80 48.20 -34.17 12.85
CA ARG B 80 49.17 -34.32 11.74
C ARG B 80 50.59 -34.34 12.28
N ASP B 81 51.50 -34.81 11.46
CA ASP B 81 52.96 -34.85 11.76
C ASP B 81 53.52 -33.48 11.37
N ILE B 82 53.21 -32.46 12.14
CA ILE B 82 53.76 -31.10 11.97
C ILE B 82 54.58 -30.77 13.22
N PRO B 83 55.46 -29.74 13.13
CA PRO B 83 56.45 -29.53 14.20
C PRO B 83 55.89 -29.13 15.57
N TYR B 84 54.74 -28.45 15.66
CA TYR B 84 54.23 -27.99 16.97
C TYR B 84 52.81 -28.51 17.26
N HIS B 85 51.83 -28.21 16.40
CA HIS B 85 50.39 -28.48 16.67
C HIS B 85 50.10 -29.94 16.41
N ASN B 86 50.81 -30.84 17.11
CA ASN B 86 50.73 -32.29 16.94
C ASN B 86 50.17 -32.95 18.21
N ARG B 87 50.14 -34.29 18.24
CA ARG B 87 49.54 -35.04 19.37
C ARG B 87 50.40 -34.89 20.63
N ILE B 88 51.66 -34.49 20.48
CA ILE B 88 52.57 -34.28 21.65
C ILE B 88 52.20 -33.00 22.36
N HIS B 89 51.93 -31.92 21.63
CA HIS B 89 51.35 -30.68 22.17
C HIS B 89 49.98 -30.96 22.84
N ALA B 90 49.08 -31.71 22.23
CA ALA B 90 47.75 -32.03 22.80
C ALA B 90 47.97 -32.73 24.17
N THR B 91 48.92 -33.65 24.24
CA THR B 91 49.26 -34.41 25.49
C THR B 91 49.76 -33.39 26.52
N ASP B 92 50.68 -32.52 26.10
CA ASP B 92 51.25 -31.46 26.97
C ASP B 92 50.15 -30.60 27.58
N VAL B 93 49.17 -30.18 26.76
CA VAL B 93 48.11 -29.27 27.23
C VAL B 93 47.20 -30.03 28.20
N LEU B 94 46.90 -31.29 27.91
CA LEU B 94 46.09 -32.13 28.82
C LEU B 94 46.80 -32.27 30.15
N HIS B 95 48.09 -32.55 30.12
CA HIS B 95 48.88 -32.69 31.35
C HIS B 95 48.81 -31.38 32.13
N ALA B 96 49.00 -30.24 31.47
CA ALA B 96 49.02 -28.94 32.18
C ALA B 96 47.65 -28.64 32.81
N VAL B 97 46.51 -28.91 32.12
CA VAL B 97 45.18 -28.62 32.72
C VAL B 97 44.95 -29.56 33.90
N TRP B 98 45.36 -30.82 33.78
CA TRP B 98 45.26 -31.79 34.91
C TRP B 98 46.12 -31.27 36.06
N TYR B 99 47.33 -30.79 35.79
CA TYR B 99 48.23 -30.29 36.87
C TYR B 99 47.57 -29.08 37.54
N LEU B 100 47.05 -28.11 36.76
CA LEU B 100 46.52 -26.84 37.32
C LEU B 100 45.26 -27.13 38.15
N THR B 101 44.49 -28.19 37.82
CA THR B 101 43.20 -28.50 38.48
C THR B 101 43.37 -29.47 39.65
N THR B 102 44.51 -30.14 39.83
CA THR B 102 44.66 -31.24 40.84
C THR B 102 45.72 -30.93 41.87
N GLN B 103 46.67 -30.04 41.58
CA GLN B 103 47.87 -29.90 42.45
C GLN B 103 47.56 -28.83 43.50
N PRO B 104 48.29 -28.85 44.62
CA PRO B 104 48.03 -27.95 45.73
C PRO B 104 48.17 -26.47 45.37
N ILE B 105 47.19 -25.69 45.81
CA ILE B 105 47.11 -24.21 45.66
C ILE B 105 47.05 -23.60 47.04
N PRO B 106 48.10 -22.83 47.43
CA PRO B 106 48.17 -22.28 48.79
C PRO B 106 46.99 -21.33 49.08
N GLY B 107 46.36 -21.54 50.20
CA GLY B 107 45.25 -20.68 50.70
C GLY B 107 43.98 -20.75 49.87
N LEU B 108 43.81 -21.73 48.97
CA LEU B 108 42.51 -21.85 48.25
C LEU B 108 41.54 -22.57 49.20
N SER B 109 40.32 -22.06 49.36
CA SER B 109 39.24 -22.73 50.15
C SER B 109 38.56 -23.81 49.28
N THR B 110 38.20 -24.96 49.88
CA THR B 110 37.28 -25.94 49.24
C THR B 110 35.84 -25.42 49.41
N VAL B 111 35.06 -25.35 48.34
CA VAL B 111 33.61 -25.04 48.48
C VAL B 111 33.01 -26.04 49.49
N ILE B 112 32.10 -25.57 50.33
CA ILE B 112 31.23 -26.51 51.10
C ILE B 112 30.53 -27.45 50.10
N GLY B 113 30.56 -28.77 50.38
CA GLY B 113 29.95 -29.80 49.51
C GLY B 113 30.85 -30.32 48.36
N GLY B 114 32.15 -29.90 48.37
CA GLY B 114 33.15 -30.07 47.31
C GLY B 114 33.92 -31.39 47.29
N SER B 115 33.65 -32.29 48.25
CA SER B 115 34.17 -33.68 48.27
C SER B 115 33.01 -34.70 48.24
N GLY B 116 31.82 -34.28 47.79
CA GLY B 116 30.62 -35.14 47.63
C GLY B 116 30.60 -35.83 46.27
N GLY B 117 29.49 -36.48 45.92
CA GLY B 117 29.46 -37.44 44.80
C GLY B 117 29.54 -36.77 43.44
N SER B 118 29.54 -35.44 43.37
CA SER B 118 29.61 -34.67 42.11
C SER B 118 31.05 -34.29 41.78
N TYR B 119 31.98 -34.53 42.69
CA TYR B 119 33.38 -34.02 42.66
C TYR B 119 34.34 -35.21 42.65
N VAL B 120 35.48 -35.11 41.95
CA VAL B 120 36.56 -36.14 41.99
C VAL B 120 37.81 -35.49 42.55
N PHE B 121 38.79 -36.29 42.93
CA PHE B 121 40.10 -35.91 43.52
C PHE B 121 41.22 -36.75 42.89
N SER B 122 42.42 -36.21 42.67
CA SER B 122 43.61 -36.97 42.17
C SER B 122 44.07 -37.92 43.27
N LYS B 123 44.43 -39.15 42.93
CA LYS B 123 45.24 -40.02 43.82
C LYS B 123 46.55 -39.33 44.19
N THR B 124 47.06 -38.37 43.42
CA THR B 124 48.36 -37.70 43.78
C THR B 124 48.16 -36.67 44.90
N TYR B 125 46.91 -36.31 45.24
CA TYR B 125 46.58 -35.17 46.13
C TYR B 125 46.50 -35.74 47.55
N ASN B 126 47.57 -35.55 48.34
CA ASN B 126 47.72 -36.13 49.70
C ASN B 126 47.63 -34.97 50.69
N VAL B 127 48.71 -34.16 50.84
CA VAL B 127 48.75 -32.86 51.59
C VAL B 127 47.35 -32.57 52.16
N THR B 128 47.12 -32.95 53.42
CA THR B 128 45.82 -32.73 54.12
C THR B 128 45.99 -31.63 55.17
N ASP B 129 47.07 -30.82 55.12
CA ASP B 129 47.13 -29.54 55.88
C ASP B 129 46.26 -28.52 55.12
N ASP B 130 45.16 -28.11 55.77
CA ASP B 130 44.06 -27.20 55.35
C ASP B 130 44.52 -25.91 54.68
N LYS B 131 45.82 -25.61 54.67
CA LYS B 131 46.37 -24.39 54.04
C LYS B 131 46.54 -24.57 52.52
N TYR B 132 46.10 -25.68 51.92
CA TYR B 132 46.11 -25.92 50.45
C TYR B 132 44.71 -26.38 50.05
N GLY B 133 44.30 -25.98 48.85
CA GLY B 133 43.17 -26.62 48.12
C GLY B 133 43.63 -26.99 46.72
N CYS B 134 42.77 -27.62 45.96
CA CYS B 134 42.88 -27.78 44.51
C CYS B 134 41.55 -27.45 43.84
N LEU B 135 41.59 -27.18 42.54
CA LEU B 135 40.38 -26.80 41.78
C LEU B 135 39.42 -27.99 41.74
N SER B 136 39.93 -29.23 41.83
CA SER B 136 39.11 -30.47 41.78
C SER B 136 38.14 -30.50 42.98
N GLY B 137 38.47 -29.75 44.02
CA GLY B 137 37.61 -29.54 45.19
C GLY B 137 36.57 -28.47 44.96
N ASN B 138 36.60 -27.73 43.84
CA ASN B 138 35.73 -26.55 43.60
C ASN B 138 34.95 -26.70 42.31
N ILE B 139 35.40 -27.56 41.40
CA ILE B 139 34.81 -27.69 40.04
C ILE B 139 34.32 -29.12 39.91
N PRO B 140 32.99 -29.31 39.71
CA PRO B 140 32.41 -30.64 39.56
C PRO B 140 33.11 -31.50 38.51
N ALA B 141 33.11 -32.79 38.75
CA ALA B 141 33.69 -33.84 37.89
C ALA B 141 33.23 -33.71 36.44
N LEU B 142 31.95 -33.43 36.17
CA LEU B 142 31.48 -33.27 34.77
C LEU B 142 32.25 -32.13 34.07
N GLU B 143 32.44 -31.00 34.75
CA GLU B 143 33.09 -29.78 34.19
C GLU B 143 34.58 -30.03 34.02
N LEU B 144 35.19 -30.74 34.96
CA LEU B 144 36.61 -31.10 34.87
C LEU B 144 36.82 -32.06 33.70
N MET B 145 35.95 -33.06 33.56
CA MET B 145 36.10 -34.03 32.46
C MET B 145 35.96 -33.28 31.13
N ALA B 146 35.03 -32.32 31.04
CA ALA B 146 34.88 -31.50 29.81
C ALA B 146 36.20 -30.77 29.49
N LEU B 147 36.82 -30.16 30.50
CA LEU B 147 38.11 -29.43 30.29
C LEU B 147 39.18 -30.43 29.81
N TYR B 148 39.26 -31.64 30.37
CA TYR B 148 40.33 -32.59 29.96
C TYR B 148 40.10 -33.02 28.52
N VAL B 149 38.86 -33.35 28.15
CA VAL B 149 38.53 -33.81 26.77
C VAL B 149 38.82 -32.66 25.79
N ALA B 150 38.49 -31.43 26.18
CA ALA B 150 38.78 -30.25 25.33
C ALA B 150 40.29 -30.17 25.03
N ALA B 151 41.13 -30.33 26.04
CA ALA B 151 42.59 -30.25 25.86
C ALA B 151 43.08 -31.32 24.89
N ALA B 152 42.53 -32.52 24.98
CA ALA B 152 42.90 -33.61 24.06
C ALA B 152 42.48 -33.25 22.62
N MET B 153 41.34 -32.60 22.42
CA MET B 153 40.80 -32.33 21.06
C MET B 153 41.16 -30.94 20.55
N HIS B 154 41.70 -30.05 21.38
CA HIS B 154 41.86 -28.60 21.06
C HIS B 154 42.58 -28.23 19.74
N ASP B 155 43.52 -29.03 19.24
CA ASP B 155 44.21 -28.70 17.97
C ASP B 155 44.01 -29.82 16.94
N TYR B 156 42.94 -30.58 17.07
CA TYR B 156 42.66 -31.73 16.15
C TYR B 156 42.71 -31.34 14.67
N ASP B 157 43.48 -32.05 13.89
CA ASP B 157 43.63 -31.84 12.44
C ASP B 157 44.13 -30.42 12.14
N HIS B 158 45.05 -29.90 12.96
CA HIS B 158 45.67 -28.59 12.73
C HIS B 158 46.53 -28.71 11.48
N PRO B 159 46.38 -27.79 10.50
CA PRO B 159 47.18 -27.82 9.28
C PRO B 159 48.56 -27.16 9.35
N GLY B 160 48.98 -26.59 10.48
CA GLY B 160 50.31 -25.95 10.58
C GLY B 160 50.36 -24.54 9.96
N ARG B 161 49.21 -23.89 9.86
CA ARG B 161 49.05 -22.49 9.39
C ARG B 161 48.19 -21.73 10.40
N THR B 162 48.42 -20.42 10.57
CA THR B 162 47.63 -19.56 11.47
C THR B 162 46.26 -19.24 10.83
N ASN B 163 45.31 -18.80 11.67
CA ASN B 163 44.01 -18.22 11.22
C ASN B 163 44.25 -17.14 10.18
N ALA B 164 45.21 -16.26 10.41
CA ALA B 164 45.44 -15.11 9.52
C ALA B 164 45.86 -15.62 8.14
N PHE B 165 46.71 -16.65 8.06
CA PHE B 165 47.11 -17.23 6.76
C PHE B 165 45.90 -17.87 6.07
N LEU B 166 45.07 -18.59 6.81
CA LEU B 166 43.87 -19.24 6.20
C LEU B 166 42.95 -18.15 5.63
N VAL B 167 42.76 -17.07 6.36
CA VAL B 167 41.90 -15.93 5.97
C VAL B 167 42.53 -15.23 4.78
N ALA B 168 43.84 -14.89 4.84
CA ALA B 168 44.50 -14.18 3.72
C ALA B 168 44.45 -15.00 2.43
N THR B 169 44.41 -16.33 2.46
CA THR B 169 44.50 -17.20 1.25
C THR B 169 43.12 -17.69 0.83
N SER B 170 42.04 -17.25 1.48
CA SER B 170 40.64 -17.69 1.24
C SER B 170 40.57 -19.20 1.24
N ALA B 171 41.26 -19.82 2.18
CA ALA B 171 41.26 -21.29 2.34
C ALA B 171 39.81 -21.77 2.49
N PRO B 172 39.44 -22.97 1.98
CA PRO B 172 38.09 -23.47 2.18
C PRO B 172 37.61 -23.40 3.62
N GLN B 173 38.47 -23.68 4.60
CA GLN B 173 38.10 -23.62 6.03
C GLN B 173 37.71 -22.19 6.45
N ALA B 174 38.42 -21.19 5.95
CA ALA B 174 38.18 -19.78 6.30
C ALA B 174 36.83 -19.35 5.68
N VAL B 175 36.52 -19.77 4.46
CA VAL B 175 35.22 -19.51 3.83
C VAL B 175 34.14 -20.23 4.64
N LEU B 176 34.37 -21.48 5.04
CA LEU B 176 33.36 -22.29 5.73
C LEU B 176 33.01 -21.64 7.08
N TYR B 177 34.01 -21.08 7.76
CA TYR B 177 33.80 -20.45 9.11
C TYR B 177 33.69 -18.92 9.08
N ASN B 178 33.55 -18.30 7.90
CA ASN B 178 33.30 -16.84 7.76
C ASN B 178 34.40 -16.06 8.51
N ASP B 179 35.64 -16.54 8.40
CA ASP B 179 36.88 -15.91 8.90
C ASP B 179 36.85 -15.85 10.44
N ARG B 180 35.94 -16.51 11.14
CA ARG B 180 35.82 -16.36 12.63
C ARG B 180 36.38 -17.60 13.32
N SER B 181 37.42 -17.46 14.13
CA SER B 181 38.04 -18.60 14.88
C SER B 181 38.12 -19.85 13.98
N VAL B 182 38.77 -19.70 12.82
CA VAL B 182 38.66 -20.72 11.73
C VAL B 182 39.22 -22.08 12.23
N LEU B 183 40.44 -22.10 12.77
CA LEU B 183 41.08 -23.35 13.25
C LEU B 183 40.27 -23.95 14.42
N GLU B 184 39.93 -23.14 15.42
CA GLU B 184 39.29 -23.61 16.66
C GLU B 184 37.88 -24.17 16.40
N ASN B 185 37.09 -23.54 15.53
CA ASN B 185 35.82 -24.10 15.09
C ASN B 185 36.06 -25.46 14.46
N HIS B 186 37.05 -25.60 13.59
CA HIS B 186 37.31 -26.88 12.92
C HIS B 186 37.77 -27.97 13.92
N HIS B 187 38.66 -27.63 14.86
CA HIS B 187 39.13 -28.59 15.88
C HIS B 187 37.93 -29.17 16.62
N ALA B 188 37.05 -28.31 17.12
CA ALA B 188 35.85 -28.73 17.86
C ALA B 188 34.93 -29.55 16.95
N ALA B 189 34.70 -29.08 15.74
CA ALA B 189 33.70 -29.69 14.86
C ALA B 189 34.18 -31.05 14.37
N ALA B 190 35.46 -31.11 14.00
CA ALA B 190 36.08 -32.33 13.46
C ALA B 190 36.20 -33.37 14.59
N ALA B 191 36.58 -32.97 15.80
CA ALA B 191 36.65 -33.94 16.92
C ALA B 191 35.26 -34.48 17.29
N TRP B 192 34.24 -33.65 17.29
CA TRP B 192 32.88 -34.10 17.67
C TRP B 192 32.29 -34.95 16.54
N ASN B 193 32.56 -34.59 15.30
CA ASN B 193 32.10 -35.40 14.16
C ASN B 193 32.76 -36.80 14.27
N LEU B 194 34.05 -36.85 14.55
CA LEU B 194 34.77 -38.13 14.75
C LEU B 194 34.03 -38.92 15.85
N PHE B 195 33.81 -38.32 17.01
CA PHE B 195 33.19 -38.98 18.17
C PHE B 195 31.84 -39.59 17.75
N MET B 196 31.01 -38.86 17.00
CA MET B 196 29.65 -39.32 16.66
C MET B 196 29.67 -40.33 15.50
N SER B 197 30.76 -40.44 14.73
CA SER B 197 30.78 -41.24 13.48
C SER B 197 30.70 -42.74 13.78
N ARG B 198 31.04 -43.21 14.98
CA ARG B 198 31.09 -44.68 15.25
C ARG B 198 30.60 -44.97 16.66
N PRO B 199 29.74 -45.99 16.86
CA PRO B 199 29.40 -46.42 18.21
C PRO B 199 30.65 -46.95 18.98
N GLU B 200 31.70 -47.39 18.29
CA GLU B 200 32.95 -47.91 18.94
C GLU B 200 33.67 -46.76 19.65
N TYR B 201 33.26 -45.52 19.43
CA TYR B 201 33.86 -44.33 20.08
C TYR B 201 33.00 -43.78 21.23
N ASN B 202 31.86 -44.38 21.57
CA ASN B 202 30.89 -43.74 22.49
C ASN B 202 31.27 -44.01 23.96
N PHE B 203 32.29 -43.32 24.45
CA PHE B 203 32.76 -43.50 25.85
C PHE B 203 31.86 -42.75 26.86
N LEU B 204 30.89 -41.95 26.36
CA LEU B 204 29.98 -41.11 27.19
C LEU B 204 28.60 -41.74 27.21
N ILE B 205 28.50 -43.04 26.89
CA ILE B 205 27.18 -43.73 26.75
C ILE B 205 26.38 -43.64 28.05
N ASN B 206 27.01 -43.51 29.21
CA ASN B 206 26.28 -43.48 30.51
C ASN B 206 26.03 -42.06 31.03
N LEU B 207 26.33 -41.00 30.27
CA LEU B 207 25.73 -39.65 30.55
C LEU B 207 24.25 -39.67 30.11
N ASP B 208 23.33 -39.11 30.91
CA ASP B 208 21.95 -38.81 30.40
C ASP B 208 22.04 -37.70 29.33
N HIS B 209 20.93 -37.50 28.62
CA HIS B 209 20.81 -36.55 27.49
C HIS B 209 21.13 -35.11 27.95
N VAL B 210 20.65 -34.67 29.09
CA VAL B 210 20.87 -33.31 29.66
C VAL B 210 22.35 -33.17 29.94
N GLU B 211 22.95 -34.08 30.70
CA GLU B 211 24.41 -34.13 30.95
C GLU B 211 25.22 -34.07 29.64
N PHE B 212 24.91 -34.90 28.65
CA PHE B 212 25.67 -35.01 27.39
C PHE B 212 25.65 -33.64 26.70
N LYS B 213 24.47 -33.00 26.60
CA LYS B 213 24.34 -31.70 25.92
C LYS B 213 25.15 -30.65 26.68
N HIS B 214 25.11 -30.65 28.00
CA HIS B 214 25.89 -29.72 28.82
C HIS B 214 27.38 -29.99 28.60
N PHE B 215 27.80 -31.26 28.62
CA PHE B 215 29.22 -31.65 28.42
C PHE B 215 29.74 -31.10 27.07
N ARG B 216 28.99 -31.35 26.00
CA ARG B 216 29.37 -30.88 24.65
C ARG B 216 29.49 -29.34 24.63
N PHE B 217 28.53 -28.61 25.22
CA PHE B 217 28.61 -27.13 25.36
C PHE B 217 29.94 -26.76 26.04
N LEU B 218 30.30 -27.39 27.16
CA LEU B 218 31.51 -27.02 27.95
C LEU B 218 32.78 -27.30 27.14
N VAL B 219 32.83 -28.43 26.43
CA VAL B 219 34.00 -28.79 25.60
C VAL B 219 34.16 -27.71 24.52
N ILE B 220 33.07 -27.37 23.83
CA ILE B 220 33.13 -26.38 22.74
C ILE B 220 33.58 -25.04 23.33
N GLU B 221 33.04 -24.61 24.46
CA GLU B 221 33.43 -23.30 25.02
C GLU B 221 34.92 -23.30 25.34
N ALA B 222 35.45 -24.41 25.83
CA ALA B 222 36.88 -24.48 26.21
C ALA B 222 37.73 -24.46 24.94
N ILE B 223 37.37 -25.19 23.90
CA ILE B 223 38.23 -25.24 22.69
C ILE B 223 38.22 -23.86 22.00
N LEU B 224 37.07 -23.22 21.91
CA LEU B 224 36.93 -21.93 21.20
C LEU B 224 37.69 -20.84 21.99
N ALA B 225 37.81 -20.99 23.31
CA ALA B 225 38.58 -20.06 24.18
C ALA B 225 40.07 -20.07 23.84
N THR B 226 40.58 -21.06 23.11
CA THR B 226 42.04 -21.12 22.81
C THR B 226 42.36 -20.20 21.61
N ASP B 227 41.40 -19.55 20.94
CA ASP B 227 41.68 -18.56 19.85
C ASP B 227 42.32 -17.30 20.46
N LEU B 228 43.58 -17.01 20.17
CA LEU B 228 44.30 -15.86 20.82
C LEU B 228 43.78 -14.51 20.30
N LYS B 229 43.03 -14.45 19.19
CA LYS B 229 42.32 -13.19 18.83
C LYS B 229 41.38 -12.76 19.98
N LYS B 230 40.87 -13.66 20.81
CA LYS B 230 39.98 -13.33 21.97
C LYS B 230 40.77 -13.22 23.29
N HIS B 231 42.08 -13.30 23.25
CA HIS B 231 42.92 -13.36 24.48
C HIS B 231 42.62 -12.21 25.44
N PHE B 232 42.66 -11.00 24.95
CA PHE B 232 42.48 -9.78 25.80
C PHE B 232 41.04 -9.73 26.28
N ASP B 233 40.05 -10.21 25.53
CA ASP B 233 38.62 -10.25 25.99
C ASP B 233 38.49 -11.21 27.17
N PHE B 234 39.09 -12.40 27.10
CA PHE B 234 39.01 -13.39 28.23
C PHE B 234 39.70 -12.81 29.47
N VAL B 235 40.88 -12.24 29.27
CA VAL B 235 41.69 -11.70 30.40
C VAL B 235 40.94 -10.54 31.02
N ALA B 236 40.37 -9.62 30.25
CA ALA B 236 39.60 -8.47 30.82
C ALA B 236 38.36 -8.98 31.54
N LYS B 237 37.66 -9.97 30.99
CA LYS B 237 36.43 -10.48 31.64
C LYS B 237 36.83 -11.10 32.98
N PHE B 238 37.92 -11.87 33.00
CA PHE B 238 38.36 -12.57 34.24
C PHE B 238 38.83 -11.58 35.31
N ASN B 239 39.64 -10.60 34.93
CA ASN B 239 40.08 -9.51 35.86
C ASN B 239 38.87 -8.74 36.38
N GLY B 240 37.83 -8.54 35.56
CA GLY B 240 36.53 -7.97 35.96
C GLY B 240 35.92 -8.75 37.11
N LYS B 241 35.81 -10.08 37.00
CA LYS B 241 35.22 -10.94 38.08
C LYS B 241 36.09 -10.95 39.33
N VAL B 242 37.40 -10.99 39.19
CA VAL B 242 38.36 -11.02 40.35
C VAL B 242 38.32 -9.69 41.10
N ASN B 243 38.23 -8.57 40.39
CA ASN B 243 38.42 -7.22 40.97
C ASN B 243 37.06 -6.57 41.23
N ASP B 244 35.95 -7.32 41.11
CA ASP B 244 34.69 -6.90 41.77
C ASP B 244 34.97 -6.92 43.28
N ASP B 245 36.15 -7.46 43.67
CA ASP B 245 36.64 -7.55 45.08
C ASP B 245 35.57 -8.34 45.88
N VAL B 246 34.75 -9.10 45.17
CA VAL B 246 33.94 -10.25 45.65
C VAL B 246 34.62 -11.55 45.14
N GLY B 247 35.28 -11.48 43.98
CA GLY B 247 36.13 -12.59 43.48
C GLY B 247 35.30 -13.77 42.99
N ILE B 248 35.92 -14.93 42.80
CA ILE B 248 35.21 -16.08 42.17
C ILE B 248 34.14 -16.62 43.12
N ASP B 249 32.92 -16.84 42.62
CA ASP B 249 31.83 -17.57 43.32
C ASP B 249 31.76 -19.01 42.77
N TRP B 250 32.34 -19.98 43.50
CA TRP B 250 32.49 -21.39 43.06
C TRP B 250 31.13 -22.10 42.91
N THR B 251 30.04 -21.53 43.45
CA THR B 251 28.66 -22.08 43.28
C THR B 251 28.01 -21.56 41.99
N ASN B 252 28.69 -20.66 41.28
CA ASN B 252 28.14 -20.02 40.05
C ASN B 252 28.74 -20.72 38.81
N GLU B 253 27.88 -21.30 37.98
CA GLU B 253 28.21 -22.07 36.78
C GLU B 253 29.07 -21.24 35.81
N ASN B 254 28.79 -19.95 35.67
CA ASN B 254 29.41 -19.08 34.63
C ASN B 254 30.81 -18.68 35.10
N ASP B 255 31.00 -18.43 36.42
CA ASP B 255 32.32 -18.24 37.08
C ASP B 255 33.17 -19.49 36.88
N ARG B 256 32.63 -20.70 37.10
CA ARG B 256 33.40 -21.94 36.92
C ARG B 256 33.80 -22.08 35.43
N LEU B 257 32.91 -21.74 34.49
CA LEU B 257 33.26 -21.90 33.06
C LEU B 257 34.43 -20.96 32.75
N LEU B 258 34.35 -19.73 33.22
CA LEU B 258 35.41 -18.74 32.97
C LEU B 258 36.76 -19.20 33.57
N VAL B 259 36.76 -19.83 34.73
CA VAL B 259 37.99 -20.42 35.35
C VAL B 259 38.53 -21.54 34.47
N CYS B 260 37.67 -22.45 34.00
CA CYS B 260 38.06 -23.53 33.08
C CYS B 260 38.67 -22.95 31.80
N GLN B 261 38.09 -21.87 31.29
CA GLN B 261 38.61 -21.24 30.05
C GLN B 261 40.00 -20.63 30.33
N MET B 262 40.22 -19.99 31.47
CA MET B 262 41.54 -19.43 31.82
C MET B 262 42.55 -20.55 31.97
N CYS B 263 42.10 -21.69 32.50
CA CYS B 263 42.93 -22.89 32.74
CA CYS B 263 42.92 -22.90 32.74
C CYS B 263 43.42 -23.46 31.41
N ILE B 264 42.49 -23.73 30.47
CA ILE B 264 42.89 -24.28 29.18
C ILE B 264 43.77 -23.25 28.45
N LYS B 265 43.48 -21.95 28.57
CA LYS B 265 44.30 -20.95 27.88
C LYS B 265 45.76 -20.99 28.39
N LEU B 266 45.97 -21.04 29.70
CA LEU B 266 47.32 -21.10 30.32
C LEU B 266 48.00 -22.42 29.89
N ALA B 267 47.27 -23.54 29.93
CA ALA B 267 47.82 -24.86 29.60
C ALA B 267 48.29 -24.79 28.14
N ASP B 268 47.50 -24.14 27.28
CA ASP B 268 47.80 -24.09 25.83
C ASP B 268 49.13 -23.34 25.60
N ILE B 269 49.46 -22.33 26.38
CA ILE B 269 50.68 -21.52 26.15
C ILE B 269 51.64 -21.69 27.32
N ASN B 270 51.71 -22.89 27.88
CA ASN B 270 52.49 -23.17 29.13
C ASN B 270 54.00 -23.12 28.90
N GLY B 271 54.44 -23.35 27.64
CA GLY B 271 55.83 -23.53 27.23
C GLY B 271 56.80 -22.60 27.96
N PRO B 272 56.59 -21.27 27.87
CA PRO B 272 57.53 -20.32 28.44
C PRO B 272 57.51 -20.35 29.96
N ALA B 273 56.56 -21.05 30.56
CA ALA B 273 56.53 -21.19 32.04
C ALA B 273 57.05 -22.57 32.50
N LYS B 274 57.70 -23.33 31.59
CA LYS B 274 58.41 -24.61 31.89
C LYS B 274 59.88 -24.30 32.09
N CYS B 275 60.69 -25.26 32.58
CA CYS B 275 62.16 -25.14 32.63
C CYS B 275 62.66 -24.78 31.21
N LYS B 276 63.82 -24.17 31.16
CA LYS B 276 64.50 -23.72 29.93
C LYS B 276 64.51 -24.84 28.88
N GLU B 277 64.86 -26.05 29.27
CA GLU B 277 65.07 -27.17 28.32
C GLU B 277 63.75 -27.49 27.61
N LEU B 278 62.66 -27.60 28.33
CA LEU B 278 61.35 -27.85 27.70
C LEU B 278 60.93 -26.64 26.86
N HIS B 279 61.02 -25.43 27.41
CA HIS B 279 60.64 -24.18 26.70
C HIS B 279 61.41 -24.08 25.38
N LEU B 280 62.70 -24.34 25.34
CA LEU B 280 63.54 -24.22 24.11
C LEU B 280 63.09 -25.28 23.09
N GLN B 281 62.71 -26.50 23.50
CA GLN B 281 62.25 -27.50 22.48
C GLN B 281 60.89 -27.08 21.91
N TRP B 282 59.95 -26.61 22.73
CA TRP B 282 58.65 -26.13 22.21
C TRP B 282 58.86 -24.89 21.32
N THR B 283 59.81 -24.02 21.62
CA THR B 283 60.13 -22.80 20.84
C THR B 283 60.60 -23.23 19.46
N ASP B 284 61.52 -24.18 19.45
CA ASP B 284 62.02 -24.79 18.18
C ASP B 284 60.83 -25.34 17.38
N GLY B 285 59.89 -26.04 18.02
CA GLY B 285 58.73 -26.58 17.28
C GLY B 285 57.92 -25.48 16.62
N ILE B 286 57.52 -24.44 17.38
CA ILE B 286 56.59 -23.42 16.81
C ILE B 286 57.34 -22.67 15.70
N VAL B 287 58.60 -22.30 15.87
CA VAL B 287 59.30 -21.50 14.81
C VAL B 287 59.48 -22.35 13.54
N ASN B 288 59.66 -23.65 13.67
CA ASN B 288 59.76 -24.55 12.50
C ASN B 288 58.43 -24.60 11.75
N GLU B 289 57.31 -24.62 12.46
CA GLU B 289 55.98 -24.56 11.84
C GLU B 289 55.77 -23.19 11.16
N PHE B 290 56.14 -22.10 11.82
CA PHE B 290 56.12 -20.76 11.20
C PHE B 290 56.95 -20.67 9.93
N TYR B 291 58.15 -21.27 9.91
CA TYR B 291 59.03 -21.19 8.70
C TYR B 291 58.38 -21.90 7.53
N GLU B 292 57.69 -23.01 7.78
CA GLU B 292 56.94 -23.73 6.73
C GLU B 292 55.90 -22.75 6.15
N GLN B 293 55.26 -21.97 7.01
CA GLN B 293 54.21 -21.01 6.59
C GLN B 293 54.86 -19.87 5.81
N GLY B 294 55.95 -19.32 6.30
CA GLY B 294 56.70 -18.27 5.57
C GLY B 294 57.16 -18.72 4.20
N ASP B 295 57.64 -19.96 4.05
CA ASP B 295 58.01 -20.51 2.73
C ASP B 295 56.75 -20.50 1.83
N GLU B 296 55.58 -20.92 2.33
CA GLU B 296 54.38 -20.97 1.48
C GLU B 296 53.93 -19.55 1.13
N GLU B 297 53.95 -18.63 2.10
CA GLU B 297 53.62 -17.19 1.86
C GLU B 297 54.48 -16.67 0.70
N ALA B 298 55.80 -16.83 0.74
CA ALA B 298 56.73 -16.41 -0.34
C ALA B 298 56.31 -17.05 -1.66
N SER B 299 56.02 -18.35 -1.67
CA SER B 299 55.66 -19.05 -2.93
C SER B 299 54.35 -18.50 -3.51
N LEU B 300 53.44 -18.04 -2.67
CA LEU B 300 52.13 -17.42 -3.08
C LEU B 300 52.33 -15.94 -3.41
N GLY B 301 53.51 -15.36 -3.22
CA GLY B 301 53.72 -13.91 -3.42
C GLY B 301 53.03 -13.08 -2.35
N LEU B 302 52.78 -13.63 -1.17
CA LEU B 302 52.34 -12.83 0.01
C LEU B 302 53.59 -12.33 0.71
N PRO B 303 53.53 -11.21 1.47
CA PRO B 303 54.66 -10.83 2.32
C PRO B 303 54.82 -11.89 3.44
N ILE B 304 56.06 -12.23 3.79
CA ILE B 304 56.36 -13.19 4.90
C ILE B 304 55.92 -12.53 6.21
N SER B 305 55.04 -13.17 6.98
CA SER B 305 54.55 -12.68 8.27
C SER B 305 55.75 -12.44 9.20
N PRO B 306 55.62 -11.54 10.21
CA PRO B 306 56.70 -11.30 11.16
C PRO B 306 57.07 -12.63 11.84
N PHE B 307 58.36 -12.87 12.00
CA PHE B 307 59.01 -13.98 12.74
C PHE B 307 58.91 -15.31 11.97
N MET B 308 58.41 -15.31 10.73
CA MET B 308 58.21 -16.56 9.96
C MET B 308 59.20 -16.68 8.80
N ASP B 309 60.25 -15.88 8.78
CA ASP B 309 61.26 -15.90 7.69
C ASP B 309 62.53 -16.67 8.19
N ARG B 310 62.69 -17.92 7.73
CA ARG B 310 63.83 -18.81 8.14
C ARG B 310 65.16 -18.13 7.85
N SER B 311 65.29 -17.28 6.84
CA SER B 311 66.60 -16.68 6.46
C SER B 311 66.81 -15.33 7.17
N ALA B 312 65.85 -14.90 7.99
CA ALA B 312 66.00 -13.72 8.89
C ALA B 312 65.21 -13.98 10.18
N PRO B 313 65.65 -14.96 11.00
CA PRO B 313 64.93 -15.31 12.22
C PRO B 313 65.00 -14.12 13.20
N GLN B 314 63.97 -13.95 14.03
CA GLN B 314 64.04 -12.99 15.16
C GLN B 314 63.42 -13.67 16.37
N LEU B 315 64.00 -14.80 16.74
CA LEU B 315 63.45 -15.76 17.72
C LEU B 315 63.33 -15.06 19.09
N ALA B 316 64.37 -14.35 19.53
CA ALA B 316 64.37 -13.68 20.84
C ALA B 316 63.25 -12.62 20.86
N ASN B 317 63.10 -11.84 19.81
CA ASN B 317 62.04 -10.80 19.73
C ASN B 317 60.66 -11.46 19.77
N LEU B 318 60.47 -12.56 19.05
CA LEU B 318 59.19 -13.32 19.05
C LEU B 318 58.86 -13.74 20.52
N GLN B 319 59.80 -14.39 21.22
CA GLN B 319 59.51 -15.01 22.52
C GLN B 319 59.44 -13.92 23.58
N GLU B 320 60.27 -12.90 23.49
CA GLU B 320 60.24 -11.79 24.49
C GLU B 320 58.85 -11.15 24.43
N SER B 321 58.37 -10.84 23.22
CA SER B 321 57.10 -10.10 23.09
C SER B 321 55.91 -11.03 23.40
N PHE B 322 55.97 -12.31 23.02
CA PHE B 322 54.94 -13.29 23.40
C PHE B 322 54.82 -13.39 24.94
N ILE B 323 55.95 -13.47 25.66
CA ILE B 323 55.93 -13.52 27.13
C ILE B 323 55.40 -12.20 27.68
N SER B 324 55.93 -11.07 27.24
CA SER B 324 55.52 -9.72 27.71
C SER B 324 54.01 -9.49 27.49
N HIS B 325 53.48 -9.78 26.31
CA HIS B 325 52.16 -9.28 25.86
C HIS B 325 51.06 -10.31 26.08
N ILE B 326 51.36 -11.59 26.09
CA ILE B 326 50.34 -12.66 26.08
C ILE B 326 50.48 -13.52 27.35
N VAL B 327 51.63 -14.20 27.55
CA VAL B 327 51.75 -15.19 28.66
C VAL B 327 51.79 -14.47 29.99
N GLY B 328 52.63 -13.45 30.10
CA GLY B 328 52.79 -12.65 31.33
C GLY B 328 51.45 -12.16 31.86
N PRO B 329 50.65 -11.35 31.11
CA PRO B 329 49.39 -10.87 31.63
C PRO B 329 48.39 -11.99 31.96
N LEU B 330 48.38 -13.09 31.23
CA LEU B 330 47.49 -14.20 31.60
C LEU B 330 47.91 -14.85 32.93
N CYS B 331 49.20 -15.08 33.17
CA CYS B 331 49.69 -15.67 34.44
C CYS B 331 49.39 -14.71 35.56
N ASN B 332 49.62 -13.44 35.35
CA ASN B 332 49.39 -12.41 36.41
C ASN B 332 47.89 -12.41 36.78
N SER B 333 47.01 -12.46 35.81
CA SER B 333 45.53 -12.51 36.00
C SER B 333 45.12 -13.79 36.75
N TYR B 334 45.65 -14.94 36.36
CA TYR B 334 45.38 -16.25 37.03
C TYR B 334 45.90 -16.23 38.47
N ASP B 335 47.07 -15.63 38.67
CA ASP B 335 47.76 -15.53 39.99
C ASP B 335 46.95 -14.59 40.88
N SER B 336 46.46 -13.45 40.37
CA SER B 336 45.62 -12.49 41.12
C SER B 336 44.35 -13.18 41.66
N ALA B 337 43.83 -14.20 40.96
CA ALA B 337 42.62 -14.92 41.39
C ALA B 337 43.00 -15.90 42.51
N GLY B 338 44.29 -16.10 42.77
CA GLY B 338 44.78 -17.05 43.79
C GLY B 338 44.75 -18.48 43.28
N LEU B 339 44.86 -18.75 41.98
CA LEU B 339 44.67 -20.14 41.47
C LEU B 339 46.00 -20.85 41.07
N MET B 340 47.14 -20.21 41.25
CA MET B 340 48.43 -20.75 40.78
C MET B 340 48.87 -21.80 41.79
N PRO B 341 49.18 -23.05 41.38
CA PRO B 341 49.85 -24.01 42.26
C PRO B 341 51.12 -23.38 42.85
N GLY B 342 51.44 -23.71 44.08
CA GLY B 342 52.65 -23.23 44.74
C GLY B 342 52.83 -23.86 46.11
N LYS B 343 53.83 -23.41 46.85
CA LYS B 343 54.16 -23.92 48.21
C LYS B 343 54.27 -22.75 49.18
N TRP B 344 53.83 -22.95 50.42
CA TRP B 344 54.14 -22.01 51.50
C TRP B 344 55.65 -22.15 51.85
N VAL B 345 56.28 -20.98 52.03
CA VAL B 345 57.68 -20.89 52.55
C VAL B 345 57.64 -21.18 54.06
N GLU B 346 57.08 -20.31 54.90
CA GLU B 346 57.46 -20.19 56.36
C GLU B 346 58.94 -20.55 56.62
N ARG B 353 50.63 -14.20 58.58
CA ARG B 353 50.72 -14.58 57.15
C ARG B 353 52.13 -15.11 56.84
N ARG B 354 52.31 -15.69 55.64
CA ARG B 354 53.61 -16.18 55.10
C ARG B 354 53.73 -15.79 53.62
N LYS B 355 54.89 -16.11 53.03
CA LYS B 355 55.20 -15.96 51.58
C LYS B 355 54.86 -17.27 50.84
N ILE B 356 54.66 -17.19 49.53
CA ILE B 356 54.36 -18.34 48.65
C ILE B 356 55.50 -18.46 47.64
N TYR B 357 55.97 -19.66 47.32
CA TYR B 357 56.94 -19.90 46.25
C TYR B 357 56.18 -20.47 45.05
N CYS B 358 56.21 -19.80 43.90
CA CYS B 358 55.43 -20.26 42.72
C CYS B 358 56.37 -20.60 41.56
N GLN B 359 56.58 -21.87 41.34
CA GLN B 359 57.52 -22.43 40.35
C GLN B 359 57.14 -21.87 38.98
N ILE B 360 55.87 -21.87 38.64
CA ILE B 360 55.39 -21.46 37.30
C ILE B 360 55.80 -20.01 36.99
N THR B 361 55.59 -19.07 37.90
CA THR B 361 55.92 -17.64 37.65
C THR B 361 57.44 -17.50 37.71
N GLN B 362 58.13 -18.25 38.58
CA GLN B 362 59.62 -18.23 38.61
C GLN B 362 60.16 -18.67 37.25
N HIS B 363 59.68 -19.75 36.64
CA HIS B 363 60.18 -20.15 35.30
C HIS B 363 59.90 -19.08 34.25
N LEU B 364 58.69 -18.51 34.29
CA LEU B 364 58.32 -17.51 33.25
C LEU B 364 59.25 -16.30 33.34
N LEU B 365 59.57 -15.87 34.56
CA LEU B 365 60.46 -14.74 34.84
C LEU B 365 61.87 -15.07 34.32
N GLN B 366 62.36 -16.28 34.56
CA GLN B 366 63.75 -16.67 34.18
C GLN B 366 63.83 -16.77 32.66
N ASN B 367 62.84 -17.34 32.01
CA ASN B 367 62.82 -17.44 30.53
C ASN B 367 62.75 -16.04 29.90
N HIS B 368 61.93 -15.16 30.46
CA HIS B 368 61.79 -13.74 29.99
C HIS B 368 63.14 -13.04 30.04
N LYS B 369 63.87 -13.16 31.14
CA LYS B 369 65.21 -12.56 31.36
C LYS B 369 66.20 -13.14 30.37
N MET B 370 66.17 -14.43 30.15
CA MET B 370 67.03 -15.08 29.15
C MET B 370 66.79 -14.45 27.75
N TRP B 371 65.55 -14.27 27.31
CA TRP B 371 65.30 -13.65 25.98
C TRP B 371 65.72 -12.18 25.97
N LYS B 372 65.47 -11.39 27.02
CA LYS B 372 65.88 -9.97 27.08
C LYS B 372 67.41 -9.83 26.97
N LYS B 373 68.14 -10.73 27.61
CA LYS B 373 69.61 -10.78 27.58
C LYS B 373 70.05 -11.10 26.14
N VAL B 374 69.43 -12.06 25.45
CA VAL B 374 69.77 -12.36 24.03
C VAL B 374 69.54 -11.11 23.19
N ILE B 375 68.42 -10.42 23.37
CA ILE B 375 68.08 -9.17 22.62
C ILE B 375 69.20 -8.14 22.85
N GLU B 376 69.65 -7.93 24.10
CA GLU B 376 70.62 -6.84 24.41
C GLU B 376 71.96 -7.15 23.73
N GLU B 377 72.31 -8.40 23.39
CA GLU B 377 73.52 -8.67 22.56
C GLU B 377 73.28 -8.32 21.07
N GLU B 378 72.12 -8.60 20.47
CA GLU B 378 71.85 -8.46 19.01
C GLU B 378 71.93 -6.99 18.53
N ILE C 4 25.34 -21.80 -13.23
CA ILE C 4 24.02 -21.15 -13.39
C ILE C 4 24.27 -19.73 -13.88
N LEU C 5 23.73 -19.36 -15.03
CA LEU C 5 23.90 -18.04 -15.70
C LEU C 5 22.56 -17.30 -15.74
N ALA C 6 22.60 -15.97 -15.73
CA ALA C 6 21.38 -15.15 -15.77
C ALA C 6 20.68 -15.31 -17.11
N PRO C 7 19.33 -15.44 -17.13
CA PRO C 7 18.58 -15.55 -18.38
C PRO C 7 18.76 -14.51 -19.51
N GLU C 8 18.45 -14.88 -20.76
CA GLU C 8 18.66 -14.07 -22.00
C GLU C 8 18.55 -12.55 -21.84
N PRO C 9 17.39 -11.86 -21.94
CA PRO C 9 17.39 -10.42 -21.71
C PRO C 9 17.65 -10.26 -20.19
N LEU C 10 18.85 -9.78 -19.82
CA LEU C 10 19.25 -9.67 -18.39
C LEU C 10 18.15 -8.96 -17.60
N VAL C 11 17.67 -7.83 -18.10
CA VAL C 11 16.59 -7.05 -17.44
C VAL C 11 15.26 -7.40 -18.12
N MET C 12 14.28 -7.90 -17.36
CA MET C 12 12.91 -8.14 -17.88
C MET C 12 12.24 -6.78 -18.09
N ASP C 13 11.74 -6.50 -19.29
CA ASP C 13 11.24 -5.14 -19.67
C ASP C 13 9.76 -4.96 -19.32
N ASN C 14 9.06 -6.04 -18.96
CA ASN C 14 7.61 -6.05 -18.62
C ASN C 14 7.38 -5.65 -17.14
N LEU C 15 8.42 -5.34 -16.36
CA LEU C 15 8.26 -5.12 -14.90
C LEU C 15 8.28 -3.63 -14.55
N ASP C 16 8.38 -2.72 -15.53
CA ASP C 16 8.62 -1.27 -15.29
C ASP C 16 7.53 -0.66 -14.37
N SER C 17 6.27 -1.00 -14.59
CA SER C 17 5.13 -0.36 -13.90
C SER C 17 5.13 -0.80 -12.42
N ILE C 18 5.52 -2.03 -12.14
CA ILE C 18 5.56 -2.46 -10.71
C ILE C 18 6.90 -2.02 -10.10
N MET C 19 8.03 -2.01 -10.83
CA MET C 19 9.34 -1.57 -10.29
C MET C 19 9.30 -0.07 -9.91
N GLU C 20 8.47 0.76 -10.54
CA GLU C 20 8.34 2.19 -10.18
C GLU C 20 7.70 2.34 -8.78
N GLN C 21 7.07 1.29 -8.25
CA GLN C 21 6.50 1.31 -6.87
C GLN C 21 7.53 0.89 -5.81
N LEU C 22 8.80 0.62 -6.17
CA LEU C 22 9.83 0.25 -5.18
C LEU C 22 9.98 1.39 -4.15
N ASN C 23 9.73 2.67 -4.51
CA ASN C 23 9.96 3.70 -3.45
C ASN C 23 8.71 3.88 -2.57
N THR C 24 7.96 2.83 -2.30
CA THR C 24 6.87 2.83 -1.28
C THR C 24 7.25 1.77 -0.26
N TRP C 25 6.88 1.99 0.99
CA TRP C 25 7.18 1.03 2.08
C TRP C 25 6.42 -0.29 1.82
N ASN C 26 5.14 -0.20 1.55
CA ASN C 26 4.27 -1.38 1.27
C ASN C 26 4.40 -1.76 -0.20
N PHE C 27 5.62 -2.05 -0.63
CA PHE C 27 5.87 -2.51 -2.01
C PHE C 27 5.08 -3.80 -2.22
N PRO C 28 4.26 -3.88 -3.28
CA PRO C 28 3.40 -5.06 -3.49
C PRO C 28 4.20 -6.23 -4.09
N ILE C 29 5.00 -6.85 -3.25
CA ILE C 29 5.96 -7.88 -3.65
C ILE C 29 5.24 -9.15 -4.14
N PHE C 30 4.07 -9.50 -3.62
CA PHE C 30 3.31 -10.72 -4.11
C PHE C 30 2.72 -10.45 -5.50
N ASP C 31 2.34 -9.21 -5.81
CA ASP C 31 1.96 -8.79 -7.19
C ASP C 31 3.20 -8.89 -8.10
N LEU C 32 4.41 -8.56 -7.64
CA LEU C 32 5.64 -8.75 -8.47
C LEU C 32 5.84 -10.25 -8.73
N VAL C 33 5.70 -11.11 -7.72
CA VAL C 33 5.81 -12.59 -7.88
C VAL C 33 4.85 -13.07 -8.97
N GLU C 34 3.61 -12.57 -8.96
CA GLU C 34 2.57 -12.98 -9.90
C GLU C 34 2.90 -12.49 -11.31
N ASN C 35 3.48 -11.32 -11.43
CA ASN C 35 3.87 -10.70 -12.73
C ASN C 35 5.08 -11.46 -13.34
N ILE C 36 6.01 -11.96 -12.53
CA ILE C 36 7.21 -12.73 -12.96
C ILE C 36 6.81 -14.20 -13.24
N GLY C 37 5.94 -14.78 -12.41
CA GLY C 37 5.62 -16.22 -12.35
C GLY C 37 6.17 -16.84 -11.07
N ARG C 38 5.35 -17.61 -10.32
CA ARG C 38 5.77 -18.27 -9.05
C ARG C 38 6.84 -19.31 -9.37
N LYS C 39 8.04 -19.12 -8.80
CA LYS C 39 9.21 -20.03 -8.96
C LYS C 39 9.70 -20.01 -10.42
N CYS C 40 9.45 -18.92 -11.16
CA CYS C 40 10.31 -18.54 -12.32
C CYS C 40 11.72 -18.20 -11.81
N GLY C 41 11.84 -17.76 -10.56
CA GLY C 41 13.11 -17.64 -9.82
C GLY C 41 13.96 -16.49 -10.34
N ARG C 42 13.36 -15.33 -10.59
CA ARG C 42 14.09 -14.14 -11.07
C ARG C 42 13.84 -12.90 -10.20
N ILE C 43 13.00 -13.01 -9.16
CA ILE C 43 12.54 -11.82 -8.42
C ILE C 43 13.73 -11.13 -7.77
N LEU C 44 14.64 -11.87 -7.13
CA LEU C 44 15.72 -11.23 -6.35
C LEU C 44 16.70 -10.53 -7.32
N SER C 45 17.04 -11.17 -8.41
CA SER C 45 18.01 -10.56 -9.37
C SER C 45 17.40 -9.34 -10.04
N GLN C 46 16.10 -9.35 -10.37
CA GLN C 46 15.46 -8.22 -11.09
C GLN C 46 15.39 -7.02 -10.14
N VAL C 47 15.01 -7.21 -8.89
CA VAL C 47 14.95 -6.10 -7.92
C VAL C 47 16.35 -5.60 -7.59
N SER C 48 17.32 -6.49 -7.36
CA SER C 48 18.72 -6.11 -7.09
C SER C 48 19.26 -5.25 -8.21
N TYR C 49 18.99 -5.57 -9.47
CA TYR C 49 19.41 -4.77 -10.63
C TYR C 49 18.87 -3.36 -10.48
N ARG C 50 17.57 -3.24 -10.21
CA ARG C 50 16.90 -1.91 -10.20
C ARG C 50 17.46 -1.10 -9.03
N LEU C 51 17.68 -1.71 -7.87
CA LEU C 51 18.11 -0.93 -6.68
C LEU C 51 19.60 -0.52 -6.84
N PHE C 52 20.45 -1.38 -7.41
CA PHE C 52 21.87 -1.03 -7.70
C PHE C 52 21.91 0.10 -8.73
N GLU C 53 21.02 0.08 -9.73
CA GLU C 53 21.01 1.11 -10.78
C GLU C 53 20.51 2.40 -10.13
N ASP C 54 19.45 2.30 -9.34
CA ASP C 54 18.86 3.47 -8.64
C ASP C 54 19.97 4.22 -7.84
N MET C 55 20.88 3.50 -7.23
CA MET C 55 21.90 4.08 -6.35
C MET C 55 23.18 4.38 -7.14
N GLY C 56 23.26 4.05 -8.42
CA GLY C 56 24.48 4.25 -9.24
C GLY C 56 25.63 3.40 -8.70
N LEU C 57 25.35 2.26 -8.10
CA LEU C 57 26.40 1.35 -7.59
C LEU C 57 27.18 0.65 -8.70
N PHE C 58 26.61 0.50 -9.92
CA PHE C 58 27.34 -0.11 -11.05
C PHE C 58 28.51 0.83 -11.40
N GLU C 59 28.26 2.12 -11.48
CA GLU C 59 29.29 3.12 -11.88
C GLU C 59 30.29 3.28 -10.72
N ALA C 60 29.81 3.42 -9.48
CA ALA C 60 30.66 3.66 -8.29
C ALA C 60 31.73 2.55 -8.15
N PHE C 61 31.41 1.28 -8.40
CA PHE C 61 32.38 0.17 -8.25
C PHE C 61 32.68 -0.54 -9.57
N LYS C 62 32.36 0.09 -10.70
CA LYS C 62 32.60 -0.46 -12.06
C LYS C 62 32.17 -1.93 -12.06
N ILE C 63 30.96 -2.20 -11.61
CA ILE C 63 30.40 -3.57 -11.54
C ILE C 63 29.96 -3.98 -12.96
N PRO C 64 30.49 -5.08 -13.51
CA PRO C 64 30.01 -5.57 -14.80
C PRO C 64 28.68 -6.27 -14.59
N ILE C 65 27.68 -5.90 -15.38
CA ILE C 65 26.26 -6.27 -15.16
C ILE C 65 26.04 -7.77 -15.39
N ARG C 66 26.76 -8.39 -16.32
CA ARG C 66 26.55 -9.82 -16.61
C ARG C 66 26.90 -10.65 -15.38
N GLU C 67 28.09 -10.42 -14.81
CA GLU C 67 28.57 -11.19 -13.63
C GLU C 67 27.65 -10.93 -12.46
N PHE C 68 27.23 -9.68 -12.30
CA PHE C 68 26.33 -9.30 -11.19
C PHE C 68 25.00 -10.11 -11.32
N MET C 69 24.39 -10.12 -12.52
CA MET C 69 23.11 -10.85 -12.76
C MET C 69 23.33 -12.36 -12.66
N ASN C 70 24.45 -12.87 -13.17
CA ASN C 70 24.83 -14.29 -13.01
C ASN C 70 24.84 -14.64 -11.52
N TYR C 71 25.51 -13.84 -10.68
CA TYR C 71 25.60 -14.20 -9.24
C TYR C 71 24.21 -14.12 -8.58
N PHE C 72 23.51 -13.01 -8.75
CA PHE C 72 22.20 -12.84 -8.04
C PHE C 72 21.18 -13.90 -8.56
N HIS C 73 21.30 -14.35 -9.81
CA HIS C 73 20.43 -15.44 -10.30
C HIS C 73 20.86 -16.76 -9.63
N ALA C 74 22.14 -17.07 -9.53
CA ALA C 74 22.59 -18.32 -8.89
C ALA C 74 22.15 -18.30 -7.42
N LEU C 75 22.28 -17.15 -6.78
CA LEU C 75 21.90 -16.96 -5.36
C LEU C 75 20.41 -17.20 -5.19
N GLU C 76 19.60 -16.56 -6.02
CA GLU C 76 18.13 -16.71 -5.84
C GLU C 76 17.72 -18.17 -6.10
N ILE C 77 18.39 -18.86 -7.01
CA ILE C 77 18.08 -20.29 -7.33
C ILE C 77 18.41 -21.21 -6.14
N GLY C 78 19.34 -20.82 -5.26
CA GLY C 78 19.72 -21.67 -4.11
C GLY C 78 18.88 -21.33 -2.88
N TYR C 79 17.91 -20.44 -3.05
CA TYR C 79 16.90 -20.27 -1.98
C TYR C 79 15.88 -21.39 -2.26
N ARG C 80 15.46 -22.13 -1.24
CA ARG C 80 14.58 -23.29 -1.40
C ARG C 80 13.11 -22.84 -1.55
N ASP C 81 12.31 -23.74 -2.05
CA ASP C 81 10.85 -23.56 -2.25
C ASP C 81 10.15 -23.90 -0.91
N ILE C 82 10.36 -23.09 0.11
CA ILE C 82 9.74 -23.25 1.44
C ILE C 82 8.86 -22.04 1.69
N PRO C 83 7.93 -22.10 2.65
CA PRO C 83 6.89 -21.05 2.73
C PRO C 83 7.35 -19.66 3.15
N TYR C 84 8.42 -19.51 3.90
CA TYR C 84 8.86 -18.17 4.37
C TYR C 84 10.29 -17.82 3.92
N HIS C 85 11.28 -18.61 4.30
CA HIS C 85 12.72 -18.28 4.12
C HIS C 85 13.14 -18.59 2.70
N ASN C 86 12.52 -17.90 1.75
CA ASN C 86 12.65 -18.13 0.30
C ASN C 86 13.17 -16.85 -0.34
N ARG C 87 13.28 -16.87 -1.65
CA ARG C 87 13.86 -15.73 -2.41
C ARG C 87 12.93 -14.52 -2.36
N ILE C 88 11.64 -14.73 -2.03
CA ILE C 88 10.66 -13.58 -1.95
C ILE C 88 10.96 -12.81 -0.66
N HIS C 89 11.16 -13.50 0.46
CA HIS C 89 11.65 -12.89 1.72
C HIS C 89 12.99 -12.16 1.50
N ALA C 90 13.96 -12.77 0.84
CA ALA C 90 15.28 -12.13 0.61
C ALA C 90 15.06 -10.79 -0.14
N THR C 91 14.18 -10.80 -1.14
CA THR C 91 13.83 -9.60 -1.95
C THR C 91 13.21 -8.56 -1.03
N ASP C 92 12.29 -8.97 -0.17
CA ASP C 92 11.60 -8.11 0.79
C ASP C 92 12.61 -7.43 1.72
N VAL C 93 13.54 -8.18 2.27
CA VAL C 93 14.57 -7.65 3.21
C VAL C 93 15.51 -6.69 2.47
N LEU C 94 15.86 -6.98 1.24
CA LEU C 94 16.71 -6.04 0.45
C LEU C 94 15.95 -4.75 0.21
N HIS C 95 14.67 -4.85 -0.16
CA HIS C 95 13.82 -3.68 -0.38
C HIS C 95 13.79 -2.86 0.90
N ALA C 96 13.55 -3.49 2.03
CA ALA C 96 13.43 -2.78 3.32
C ALA C 96 14.74 -2.04 3.66
N VAL C 97 15.91 -2.67 3.52
CA VAL C 97 17.20 -1.99 3.86
C VAL C 97 17.45 -0.85 2.89
N TRP C 98 17.14 -1.02 1.61
CA TRP C 98 17.21 0.08 0.62
C TRP C 98 16.29 1.22 1.04
N TYR C 99 15.05 0.89 1.44
CA TYR C 99 14.07 1.92 1.83
C TYR C 99 14.60 2.65 3.06
N LEU C 100 15.04 1.92 4.11
CA LEU C 100 15.50 2.54 5.35
C LEU C 100 16.74 3.44 5.14
N THR C 101 17.57 3.16 4.15
CA THR C 101 18.87 3.83 3.95
C THR C 101 18.80 4.96 2.93
N THR C 102 17.73 5.05 2.13
CA THR C 102 17.63 6.02 1.00
C THR C 102 16.49 7.01 1.18
N GLN C 103 15.49 6.71 2.01
CA GLN C 103 14.28 7.55 2.04
C GLN C 103 14.50 8.64 3.08
N PRO C 104 13.79 9.76 2.91
CA PRO C 104 13.98 10.94 3.75
C PRO C 104 13.73 10.65 5.25
N ILE C 105 14.66 11.15 6.08
CA ILE C 105 14.58 11.06 7.56
C ILE C 105 14.54 12.47 8.10
N PRO C 106 13.42 12.86 8.76
CA PRO C 106 13.23 14.22 9.21
C PRO C 106 14.30 14.66 10.20
N GLY C 107 14.91 15.81 9.91
CA GLY C 107 15.93 16.46 10.74
C GLY C 107 17.20 15.64 10.98
N LEU C 108 17.55 14.69 10.13
CA LEU C 108 18.84 13.95 10.26
C LEU C 108 19.99 14.86 9.79
N SER C 109 21.07 14.98 10.58
CA SER C 109 22.30 15.74 10.24
C SER C 109 23.17 14.93 9.25
N THR C 110 23.71 15.57 8.19
CA THR C 110 24.63 14.89 7.22
C THR C 110 26.07 15.20 7.67
N VAL C 111 26.79 14.19 8.16
CA VAL C 111 27.97 14.39 9.06
C VAL C 111 29.20 14.19 8.18
N ILE C 112 29.74 15.30 7.65
CA ILE C 112 31.02 15.33 6.88
C ILE C 112 31.87 14.05 7.15
N GLY C 113 32.02 13.25 6.10
CA GLY C 113 32.88 12.06 6.18
C GLY C 113 33.75 11.98 4.93
N GLY C 116 35.87 7.84 5.61
CA GLY C 116 34.64 7.16 5.13
C GLY C 116 34.81 6.57 3.75
N GLY C 117 34.78 7.42 2.71
CA GLY C 117 34.86 6.95 1.32
C GLY C 117 33.86 7.72 0.48
N SER C 118 33.55 7.24 -0.72
CA SER C 118 32.52 7.90 -1.54
C SER C 118 31.11 7.60 -0.99
N TYR C 119 30.14 8.47 -1.29
CA TYR C 119 28.74 8.27 -0.84
C TYR C 119 27.83 8.25 -2.06
N VAL C 120 26.84 7.35 -2.08
CA VAL C 120 25.85 7.33 -3.20
C VAL C 120 24.51 7.79 -2.67
N PHE C 121 23.67 8.25 -3.59
CA PHE C 121 22.29 8.68 -3.31
C PHE C 121 21.34 8.02 -4.35
N SER C 122 20.14 7.70 -3.89
CA SER C 122 19.00 7.21 -4.71
C SER C 122 18.59 8.29 -5.69
N LYS C 123 18.25 7.91 -6.91
CA LYS C 123 17.50 8.81 -7.85
C LYS C 123 16.17 9.25 -7.23
N THR C 124 15.62 8.54 -6.25
CA THR C 124 14.32 8.92 -5.60
C THR C 124 14.56 10.03 -4.55
N TYR C 125 15.82 10.35 -4.22
CA TYR C 125 16.21 11.32 -3.17
C TYR C 125 16.44 12.69 -3.83
N ASN C 126 15.72 13.76 -3.47
CA ASN C 126 16.01 15.14 -3.96
C ASN C 126 16.74 16.03 -2.90
N VAL C 127 17.17 17.25 -3.29
CA VAL C 127 17.89 18.23 -2.42
C VAL C 127 18.43 19.35 -3.31
N ASP C 130 16.03 21.14 2.16
CA ASP C 130 14.80 20.69 2.87
C ASP C 130 15.29 20.15 4.23
N LYS C 131 14.38 19.89 5.17
CA LYS C 131 14.74 19.56 6.58
C LYS C 131 14.86 18.04 6.72
N TYR C 132 15.46 17.37 5.72
CA TYR C 132 15.60 15.89 5.67
C TYR C 132 17.03 15.49 5.38
N GLY C 133 17.45 14.33 5.85
CA GLY C 133 18.63 13.58 5.37
C GLY C 133 18.26 12.15 5.01
N CYS C 134 19.21 11.35 4.56
CA CYS C 134 19.07 9.88 4.44
C CYS C 134 20.38 9.21 4.93
N LEU C 135 20.29 7.95 5.29
CA LEU C 135 21.48 7.24 5.85
C LEU C 135 22.58 7.12 4.79
N SER C 136 22.23 7.06 3.51
CA SER C 136 23.19 6.97 2.39
C SER C 136 24.09 8.21 2.33
N GLY C 137 23.68 9.31 2.97
CA GLY C 137 24.49 10.52 3.17
C GLY C 137 25.50 10.37 4.32
N ASN C 138 25.35 9.36 5.17
CA ASN C 138 26.15 9.20 6.41
C ASN C 138 26.88 7.86 6.40
N ILE C 139 26.54 6.95 5.49
CA ILE C 139 27.17 5.61 5.43
C ILE C 139 27.79 5.48 4.04
N PRO C 140 29.13 5.28 3.96
CA PRO C 140 29.80 5.18 2.68
C PRO C 140 29.25 4.10 1.74
N ALA C 141 29.30 4.39 0.46
CA ALA C 141 28.81 3.49 -0.63
C ALA C 141 29.31 2.05 -0.43
N LEU C 142 30.56 1.82 -0.04
CA LEU C 142 31.08 0.44 0.15
C LEU C 142 30.28 -0.28 1.24
N GLU C 143 30.01 0.40 2.35
CA GLU C 143 29.33 -0.17 3.53
C GLU C 143 27.87 -0.41 3.20
N LEU C 144 27.29 0.51 2.42
CA LEU C 144 25.87 0.39 1.99
C LEU C 144 25.74 -0.80 1.06
N MET C 145 26.66 -0.91 0.10
CA MET C 145 26.62 -2.06 -0.85
C MET C 145 26.76 -3.36 -0.06
N ALA C 146 27.60 -3.40 0.98
CA ALA C 146 27.75 -4.61 1.82
C ALA C 146 26.43 -4.97 2.46
N LEU C 147 25.73 -4.00 3.03
CA LEU C 147 24.40 -4.18 3.67
C LEU C 147 23.40 -4.72 2.63
N TYR C 148 23.38 -4.21 1.40
CA TYR C 148 22.40 -4.68 0.39
C TYR C 148 22.71 -6.12 0.00
N VAL C 149 23.98 -6.44 -0.23
CA VAL C 149 24.37 -7.82 -0.65
C VAL C 149 24.05 -8.79 0.49
N ALA C 150 24.28 -8.35 1.72
CA ALA C 150 23.96 -9.18 2.91
C ALA C 150 22.47 -9.52 2.93
N ALA C 151 21.60 -8.54 2.73
CA ALA C 151 20.14 -8.77 2.69
C ALA C 151 19.79 -9.83 1.64
N ALA C 152 20.42 -9.75 0.48
CA ALA C 152 20.13 -10.72 -0.59
C ALA C 152 20.61 -12.13 -0.21
N MET C 153 21.70 -12.26 0.54
CA MET C 153 22.30 -13.59 0.86
C MET C 153 21.87 -14.10 2.24
N HIS C 154 21.21 -13.30 3.07
CA HIS C 154 20.99 -13.59 4.50
C HIS C 154 20.29 -14.90 4.88
N ASP C 155 19.48 -15.49 4.00
CA ASP C 155 18.74 -16.74 4.35
C ASP C 155 19.05 -17.78 3.28
N TYR C 156 20.18 -17.63 2.58
CA TYR C 156 20.52 -18.53 1.46
C TYR C 156 20.56 -20.01 1.89
N ASP C 157 19.90 -20.87 1.11
CA ASP C 157 19.88 -22.33 1.35
C ASP C 157 19.27 -22.62 2.73
N HIS C 158 18.31 -21.84 3.19
CA HIS C 158 17.60 -22.08 4.47
C HIS C 158 16.79 -23.37 4.30
N PRO C 159 16.92 -24.32 5.25
CA PRO C 159 16.17 -25.57 5.18
C PRO C 159 14.73 -25.54 5.74
N GLY C 160 14.24 -24.42 6.25
CA GLY C 160 12.89 -24.35 6.83
C GLY C 160 12.79 -24.95 8.22
N ARG C 161 13.92 -24.97 8.94
CA ARG C 161 13.99 -25.41 10.36
C ARG C 161 14.71 -24.32 11.17
N THR C 162 14.38 -24.16 12.45
CA THR C 162 15.08 -23.20 13.35
C THR C 162 16.46 -23.75 13.76
N ASN C 163 17.33 -22.88 14.25
CA ASN C 163 18.61 -23.30 14.91
C ASN C 163 18.31 -24.30 16.02
N ALA C 164 17.27 -24.09 16.83
CA ALA C 164 16.98 -24.98 17.98
C ALA C 164 16.71 -26.40 17.46
N PHE C 165 15.99 -26.54 16.36
CA PHE C 165 15.68 -27.87 15.76
C PHE C 165 16.98 -28.52 15.28
N LEU C 166 17.83 -27.78 14.61
CA LEU C 166 19.10 -28.33 14.05
C LEU C 166 19.98 -28.80 15.21
N VAL C 167 20.03 -28.03 16.28
CA VAL C 167 20.83 -28.36 17.49
C VAL C 167 20.19 -29.54 18.19
N ALA C 168 18.89 -29.54 18.44
CA ALA C 168 18.23 -30.67 19.14
C ALA C 168 18.39 -31.98 18.36
N THR C 169 18.51 -31.98 17.02
CA THR C 169 18.58 -33.24 16.19
C THR C 169 20.03 -33.62 15.85
N SER C 170 21.00 -32.91 16.39
CA SER C 170 22.44 -33.15 16.08
C SER C 170 22.66 -33.15 14.57
N ALA C 171 22.00 -32.23 13.88
CA ALA C 171 22.13 -32.12 12.41
C ALA C 171 23.60 -31.88 12.02
N PRO C 172 24.07 -32.43 10.90
CA PRO C 172 25.44 -32.16 10.41
C PRO C 172 25.89 -30.69 10.46
N GLN C 173 25.02 -29.76 10.13
CA GLN C 173 25.36 -28.32 10.15
C GLN C 173 25.58 -27.84 11.58
N ALA C 174 24.81 -28.35 12.54
CA ALA C 174 24.95 -27.98 13.96
C ALA C 174 26.29 -28.50 14.49
N VAL C 175 26.70 -29.68 14.06
CA VAL C 175 28.03 -30.22 14.47
C VAL C 175 29.12 -29.39 13.79
N LEU C 176 28.96 -29.13 12.49
CA LEU C 176 29.93 -28.30 11.74
C LEU C 176 30.13 -26.94 12.43
N TYR C 177 29.04 -26.32 12.88
CA TYR C 177 29.16 -24.96 13.44
C TYR C 177 29.15 -24.94 14.97
N ASN C 178 29.30 -26.07 15.64
CA ASN C 178 29.45 -26.13 17.11
C ASN C 178 28.25 -25.47 17.78
N ASP C 179 27.06 -25.67 17.20
CA ASP C 179 25.75 -25.22 17.75
C ASP C 179 25.69 -23.67 17.77
N ARG C 180 26.62 -22.92 17.16
CA ARG C 180 26.62 -21.44 17.28
C ARG C 180 26.11 -20.79 15.98
N SER C 181 25.00 -20.06 16.01
CA SER C 181 24.41 -19.38 14.83
C SER C 181 24.46 -20.31 13.61
N VAL C 182 23.88 -21.48 13.73
CA VAL C 182 24.10 -22.60 12.76
C VAL C 182 23.59 -22.16 11.38
N LEU C 183 22.35 -21.70 11.29
CA LEU C 183 21.80 -21.24 9.99
C LEU C 183 22.55 -20.02 9.45
N GLU C 184 22.79 -18.99 10.27
CA GLU C 184 23.40 -17.72 9.79
C GLU C 184 24.84 -17.92 9.33
N ASN C 185 25.62 -18.75 10.06
CA ASN C 185 26.95 -19.14 9.55
C ASN C 185 26.83 -19.82 8.19
N HIS C 186 25.89 -20.71 8.05
CA HIS C 186 25.71 -21.44 6.76
C HIS C 186 25.28 -20.49 5.63
N HIS C 187 24.36 -19.59 5.88
CA HIS C 187 23.90 -18.64 4.84
C HIS C 187 25.13 -17.89 4.31
N ALA C 188 25.90 -17.28 5.20
CA ALA C 188 27.09 -16.49 4.85
C ALA C 188 28.10 -17.39 4.13
N ALA C 189 28.39 -18.56 4.66
CA ALA C 189 29.47 -19.41 4.12
C ALA C 189 29.07 -19.97 2.75
N ALA C 190 27.82 -20.42 2.61
CA ALA C 190 27.33 -21.02 1.36
C ALA C 190 27.24 -19.92 0.30
N ALA C 191 26.81 -18.71 0.66
CA ALA C 191 26.68 -17.62 -0.34
C ALA C 191 28.06 -17.17 -0.83
N TRP C 192 29.03 -17.08 0.08
CA TRP C 192 30.41 -16.69 -0.29
C TRP C 192 31.10 -17.81 -1.06
N ASN C 193 30.85 -19.06 -0.68
CA ASN C 193 31.43 -20.17 -1.45
C ASN C 193 30.89 -20.12 -2.88
N LEU C 194 29.58 -19.90 -3.03
CA LEU C 194 28.97 -19.77 -4.40
C LEU C 194 29.69 -18.65 -5.13
N PHE C 195 29.80 -17.48 -4.52
CA PHE C 195 30.43 -16.28 -5.14
C PHE C 195 31.84 -16.64 -5.65
N MET C 196 32.64 -17.35 -4.85
CA MET C 196 34.07 -17.62 -5.19
C MET C 196 34.19 -18.80 -6.17
N SER C 197 33.15 -19.61 -6.37
CA SER C 197 33.26 -20.87 -7.15
C SER C 197 33.51 -20.62 -8.63
N ARG C 198 33.16 -19.46 -9.19
CA ARG C 198 33.19 -19.23 -10.65
C ARG C 198 33.60 -17.80 -10.94
N PRO C 199 34.48 -17.57 -11.95
CA PRO C 199 34.79 -16.21 -12.38
C PRO C 199 33.54 -15.47 -12.97
N GLU C 200 32.55 -16.22 -13.44
CA GLU C 200 31.30 -15.69 -14.03
C GLU C 200 30.48 -15.00 -12.96
N TYR C 201 30.84 -15.14 -11.67
CA TYR C 201 30.09 -14.50 -10.57
C TYR C 201 30.80 -13.26 -10.03
N ASN C 202 31.98 -12.92 -10.53
CA ASN C 202 32.88 -11.97 -9.81
C ASN C 202 32.52 -10.53 -10.20
N PHE C 203 31.45 -10.02 -9.61
CA PHE C 203 30.95 -8.65 -9.89
C PHE C 203 31.77 -7.61 -9.09
N LEU C 204 32.65 -8.06 -8.17
CA LEU C 204 33.46 -7.19 -7.27
C LEU C 204 34.91 -7.13 -7.80
N ILE C 205 35.13 -7.53 -9.05
CA ILE C 205 36.49 -7.63 -9.64
C ILE C 205 37.23 -6.28 -9.56
N ASN C 206 36.57 -5.16 -9.51
CA ASN C 206 37.22 -3.83 -9.53
C ASN C 206 37.33 -3.24 -8.12
N LEU C 207 36.99 -3.98 -7.06
CA LEU C 207 37.42 -3.63 -5.67
C LEU C 207 38.92 -3.99 -5.57
N ASP C 208 39.73 -3.10 -4.97
CA ASP C 208 41.14 -3.47 -4.61
C ASP C 208 41.05 -4.50 -3.48
N HIS C 209 42.18 -5.10 -3.16
CA HIS C 209 42.27 -6.19 -2.17
C HIS C 209 41.77 -5.74 -0.78
N VAL C 210 42.14 -4.54 -0.35
CA VAL C 210 41.76 -3.94 0.96
C VAL C 210 40.26 -3.73 0.97
N GLU C 211 39.72 -3.05 -0.04
CA GLU C 211 38.25 -2.90 -0.20
C GLU C 211 37.52 -4.25 -0.12
N PHE C 212 37.95 -5.23 -0.89
CA PHE C 212 37.29 -6.55 -0.96
C PHE C 212 37.25 -7.19 0.44
N LYS C 213 38.37 -7.18 1.14
CA LYS C 213 38.44 -7.84 2.48
C LYS C 213 37.53 -7.10 3.46
N HIS C 214 37.49 -5.79 3.41
CA HIS C 214 36.59 -4.98 4.26
C HIS C 214 35.12 -5.29 3.91
N PHE C 215 34.81 -5.33 2.61
CA PHE C 215 33.44 -5.64 2.11
C PHE C 215 32.99 -6.98 2.69
N ARG C 216 33.80 -7.99 2.51
CA ARG C 216 33.48 -9.35 2.98
C ARG C 216 33.23 -9.34 4.49
N PHE C 217 34.11 -8.69 5.28
CA PHE C 217 33.89 -8.56 6.73
C PHE C 217 32.49 -7.97 7.02
N LEU C 218 32.13 -6.87 6.35
CA LEU C 218 30.85 -6.16 6.60
C LEU C 218 29.66 -7.05 6.26
N VAL C 219 29.72 -7.77 5.15
CA VAL C 219 28.61 -8.67 4.71
C VAL C 219 28.42 -9.73 5.79
N ILE C 220 29.51 -10.36 6.21
CA ILE C 220 29.42 -11.44 7.22
C ILE C 220 28.85 -10.86 8.52
N GLU C 221 29.34 -9.72 8.97
CA GLU C 221 28.83 -9.15 10.26
C GLU C 221 27.31 -8.89 10.15
N ALA C 222 26.84 -8.44 8.99
CA ALA C 222 25.42 -8.08 8.82
C ALA C 222 24.60 -9.37 8.81
N ILE C 223 25.04 -10.41 8.13
CA ILE C 223 24.25 -11.68 8.06
C ILE C 223 24.19 -12.33 9.46
N LEU C 224 25.30 -12.34 10.19
CA LEU C 224 25.38 -13.01 11.49
C LEU C 224 24.54 -12.20 12.51
N ALA C 225 24.36 -10.87 12.32
CA ALA C 225 23.46 -10.05 13.18
C ALA C 225 21.98 -10.47 13.04
N THR C 226 21.58 -11.20 12.00
CA THR C 226 20.18 -11.63 11.82
C THR C 226 19.84 -12.83 12.72
N ASP C 227 20.79 -13.41 13.48
CA ASP C 227 20.45 -14.48 14.46
C ASP C 227 19.71 -13.84 15.65
N LEU C 228 18.43 -14.18 15.88
CA LEU C 228 17.61 -13.54 16.96
C LEU C 228 18.04 -14.00 18.34
N LYS C 229 18.86 -15.04 18.47
CA LYS C 229 19.46 -15.36 19.78
C LYS C 229 20.28 -14.15 20.27
N LYS C 230 20.86 -13.32 19.39
CA LYS C 230 21.68 -12.14 19.75
C LYS C 230 20.85 -10.86 19.79
N HIS C 231 19.53 -10.94 19.61
CA HIS C 231 18.64 -9.77 19.42
C HIS C 231 18.79 -8.81 20.61
N PHE C 232 18.68 -9.33 21.83
CA PHE C 232 18.68 -8.49 23.04
C PHE C 232 20.04 -7.81 23.20
N ASP C 233 21.12 -8.48 22.85
CA ASP C 233 22.50 -7.93 22.93
C ASP C 233 22.64 -6.76 21.95
N PHE C 234 22.18 -6.89 20.70
CA PHE C 234 22.28 -5.78 19.70
C PHE C 234 21.44 -4.59 20.17
N VAL C 235 20.20 -4.83 20.63
CA VAL C 235 19.29 -3.75 21.07
C VAL C 235 19.89 -3.04 22.28
N ALA C 236 20.42 -3.76 23.27
CA ALA C 236 21.06 -3.13 24.46
C ALA C 236 22.31 -2.36 24.00
N LYS C 237 23.12 -2.91 23.12
CA LYS C 237 24.34 -2.22 22.64
C LYS C 237 23.92 -0.94 21.94
N PHE C 238 22.91 -0.98 21.08
CA PHE C 238 22.46 0.21 20.28
C PHE C 238 21.89 1.29 21.21
N ASN C 239 21.01 0.91 22.15
CA ASN C 239 20.47 1.86 23.15
C ASN C 239 21.61 2.46 23.98
N GLY C 240 22.65 1.68 24.30
CA GLY C 240 23.90 2.15 24.94
C GLY C 240 24.56 3.26 24.15
N LYS C 241 24.76 3.07 22.83
CA LYS C 241 25.41 4.09 21.94
C LYS C 241 24.55 5.34 21.80
N VAL C 242 23.23 5.18 21.70
CA VAL C 242 22.27 6.31 21.56
C VAL C 242 22.20 7.11 22.85
N ASN C 243 22.24 6.48 24.02
CA ASN C 243 21.89 7.14 25.30
C ASN C 243 23.11 7.62 26.11
N ASP C 244 24.24 6.93 26.05
CA ASP C 244 25.45 7.28 26.85
C ASP C 244 26.37 8.12 25.95
N ASP C 245 27.34 8.82 26.55
CA ASP C 245 28.17 9.87 25.87
C ASP C 245 27.26 10.76 25.00
N VAL C 246 27.44 10.68 23.69
CA VAL C 246 27.10 11.75 22.72
C VAL C 246 26.37 11.14 21.55
N GLY C 247 25.87 9.92 21.68
CA GLY C 247 25.02 9.30 20.64
C GLY C 247 25.86 8.74 19.51
N ILE C 248 25.24 8.41 18.39
CA ILE C 248 25.91 7.84 17.18
C ILE C 248 26.96 8.81 16.67
N ASP C 249 28.18 8.31 16.46
CA ASP C 249 29.32 9.04 15.83
C ASP C 249 29.49 8.44 14.41
N TRP C 250 28.95 9.11 13.39
CA TRP C 250 28.97 8.69 11.97
C TRP C 250 30.40 8.65 11.40
N THR C 251 31.42 9.22 12.06
CA THR C 251 32.85 9.16 11.62
C THR C 251 33.50 7.88 12.18
N ASN C 252 32.78 7.13 13.00
CA ASN C 252 33.30 5.91 13.65
C ASN C 252 32.79 4.67 12.90
N GLU C 253 33.71 3.87 12.37
CA GLU C 253 33.45 2.66 11.57
C GLU C 253 32.56 1.66 12.35
N ASN C 254 32.77 1.55 13.67
CA ASN C 254 32.06 0.54 14.53
C ASN C 254 30.61 0.99 14.78
N ASP C 255 30.39 2.29 14.99
CA ASP C 255 29.05 2.94 15.08
C ASP C 255 28.29 2.75 13.77
N ARG C 256 28.93 2.96 12.63
CA ARG C 256 28.27 2.74 11.31
C ARG C 256 27.89 1.27 11.17
N LEU C 257 28.76 0.35 11.57
CA LEU C 257 28.45 -1.10 11.43
C LEU C 257 27.23 -1.41 12.27
N LEU C 258 27.19 -0.91 13.50
CA LEU C 258 26.09 -1.20 14.43
C LEU C 258 24.78 -0.62 13.84
N VAL C 259 24.81 0.54 13.17
CA VAL C 259 23.61 1.10 12.50
C VAL C 259 23.17 0.18 11.33
N CYS C 260 24.11 -0.28 10.52
CA CYS C 260 23.84 -1.27 9.45
C CYS C 260 23.22 -2.54 9.99
N GLN C 261 23.70 -3.00 11.14
CA GLN C 261 23.17 -4.23 11.78
C GLN C 261 21.74 -3.99 12.25
N MET C 262 21.43 -2.83 12.85
CA MET C 262 20.06 -2.50 13.28
C MET C 262 19.14 -2.43 12.06
N CYS C 263 19.66 -1.88 10.97
CA CYS C 263 18.93 -1.74 9.68
CA CYS C 263 18.92 -1.75 9.67
C CYS C 263 18.57 -3.12 9.11
N ILE C 264 19.54 -3.99 8.94
CA ILE C 264 19.23 -5.37 8.43
C ILE C 264 18.33 -6.12 9.42
N LYS C 265 18.52 -5.96 10.73
CA LYS C 265 17.66 -6.60 11.74
C LYS C 265 16.19 -6.14 11.56
N LEU C 266 15.94 -4.85 11.43
CA LEU C 266 14.56 -4.30 11.22
C LEU C 266 13.98 -4.81 9.90
N ALA C 267 14.78 -4.76 8.85
CA ALA C 267 14.38 -5.20 7.51
C ALA C 267 13.98 -6.67 7.59
N ASP C 268 14.70 -7.48 8.35
CA ASP C 268 14.51 -8.93 8.40
C ASP C 268 13.14 -9.21 9.03
N ILE C 269 12.71 -8.43 10.00
CA ILE C 269 11.43 -8.71 10.71
C ILE C 269 10.43 -7.57 10.46
N ASN C 270 10.45 -6.98 9.26
CA ASN C 270 9.64 -5.80 8.89
C ASN C 270 8.11 -6.12 8.83
N GLY C 271 7.72 -7.37 8.65
CA GLY C 271 6.33 -7.78 8.36
C GLY C 271 5.30 -7.05 9.19
N PRO C 272 5.43 -7.09 10.54
CA PRO C 272 4.43 -6.50 11.42
C PRO C 272 4.43 -4.96 11.33
N ALA C 273 5.39 -4.36 10.62
CA ALA C 273 5.37 -2.89 10.41
C ALA C 273 4.96 -2.53 8.97
N LYS C 274 4.39 -3.47 8.22
CA LYS C 274 3.76 -3.27 6.88
C LYS C 274 2.24 -3.13 7.04
N CYS C 275 1.51 -2.73 5.99
CA CYS C 275 0.03 -2.72 5.97
C CYS C 275 -0.48 -4.12 6.35
N LYS C 276 -1.69 -4.17 6.88
CA LYS C 276 -2.32 -5.42 7.38
C LYS C 276 -2.23 -6.53 6.31
N GLU C 277 -2.54 -6.20 5.05
CA GLU C 277 -2.64 -7.17 3.93
C GLU C 277 -1.28 -7.86 3.74
N LEU C 278 -0.20 -7.10 3.66
CA LEU C 278 1.13 -7.73 3.55
C LEU C 278 1.46 -8.51 4.81
N HIS C 279 1.27 -7.91 5.99
CA HIS C 279 1.64 -8.51 7.30
C HIS C 279 0.94 -9.88 7.41
N LEU C 280 -0.34 -9.99 7.04
CA LEU C 280 -1.12 -11.27 7.15
C LEU C 280 -0.58 -12.31 6.16
N GLN C 281 -0.11 -11.94 4.96
CA GLN C 281 0.51 -12.93 4.02
C GLN C 281 1.86 -13.43 4.57
N TRP C 282 2.69 -12.57 5.11
CA TRP C 282 3.98 -12.98 5.71
C TRP C 282 3.74 -13.84 6.96
N THR C 283 2.73 -13.53 7.77
CA THR C 283 2.38 -14.32 8.98
C THR C 283 1.97 -15.73 8.55
N ASP C 284 1.10 -15.80 7.54
CA ASP C 284 0.72 -17.12 6.95
C ASP C 284 1.97 -17.87 6.52
N GLY C 285 2.95 -17.20 5.88
CA GLY C 285 4.15 -17.89 5.40
C GLY C 285 4.92 -18.49 6.56
N ILE C 286 5.20 -17.71 7.60
CA ILE C 286 6.06 -18.20 8.71
C ILE C 286 5.32 -19.33 9.43
N VAL C 287 4.03 -19.23 9.72
CA VAL C 287 3.35 -20.33 10.47
C VAL C 287 3.32 -21.60 9.61
N ASN C 288 3.17 -21.50 8.29
CA ASN C 288 3.18 -22.71 7.42
C ASN C 288 4.57 -23.36 7.42
N GLU C 289 5.62 -22.57 7.49
CA GLU C 289 6.98 -23.14 7.61
C GLU C 289 7.13 -23.83 8.99
N PHE C 290 6.70 -23.17 10.06
CA PHE C 290 6.68 -23.77 11.41
C PHE C 290 5.92 -25.10 11.42
N TYR C 291 4.76 -25.20 10.75
CA TYR C 291 3.97 -26.44 10.74
C TYR C 291 4.75 -27.57 10.08
N GLU C 292 5.54 -27.29 9.05
CA GLU C 292 6.39 -28.32 8.38
C GLU C 292 7.39 -28.83 9.43
N GLN C 293 7.94 -27.92 10.24
CA GLN C 293 8.91 -28.30 11.29
C GLN C 293 8.20 -29.13 12.37
N GLY C 294 7.03 -28.68 12.85
CA GLY C 294 6.17 -29.39 13.83
C GLY C 294 5.86 -30.81 13.38
N ASP C 295 5.52 -30.99 12.10
CA ASP C 295 5.26 -32.34 11.53
C ASP C 295 6.53 -33.18 11.66
N GLU C 296 7.71 -32.64 11.30
CA GLU C 296 8.95 -33.45 11.39
C GLU C 296 9.26 -33.76 12.86
N GLU C 297 9.11 -32.80 13.78
CA GLU C 297 9.33 -32.99 15.23
C GLU C 297 8.48 -34.17 15.72
N ALA C 298 7.17 -34.20 15.44
CA ALA C 298 6.26 -35.29 15.83
C ALA C 298 6.79 -36.60 15.24
N SER C 299 7.19 -36.61 13.96
CA SER C 299 7.60 -37.88 13.29
C SER C 299 8.90 -38.39 13.93
N LEU C 300 9.76 -37.50 14.46
CA LEU C 300 11.03 -37.89 15.16
C LEU C 300 10.74 -38.21 16.63
N GLY C 301 9.52 -38.03 17.12
CA GLY C 301 9.21 -38.21 18.55
C GLY C 301 9.80 -37.10 19.42
N LEU C 302 10.07 -35.91 18.88
CA LEU C 302 10.39 -34.72 19.71
C LEU C 302 9.11 -34.03 20.10
N PRO C 303 9.06 -33.24 21.19
CA PRO C 303 7.88 -32.44 21.49
C PRO C 303 7.71 -31.36 20.40
N ILE C 304 6.49 -31.07 19.97
CA ILE C 304 6.22 -30.00 18.96
C ILE C 304 6.52 -28.65 19.62
N SER C 305 7.37 -27.84 19.01
CA SER C 305 7.75 -26.50 19.53
C SER C 305 6.50 -25.62 19.65
N PRO C 306 6.51 -24.60 20.54
CA PRO C 306 5.33 -23.74 20.68
C PRO C 306 5.05 -23.06 19.33
N PHE C 307 3.77 -22.94 18.98
CA PHE C 307 3.21 -22.26 17.80
C PHE C 307 3.48 -23.06 16.49
N MET C 308 3.97 -24.29 16.60
CA MET C 308 4.37 -25.08 15.40
C MET C 308 3.44 -26.27 15.20
N ASP C 309 2.32 -26.30 15.89
CA ASP C 309 1.37 -27.44 15.81
C ASP C 309 0.16 -26.98 14.93
N ARG C 310 0.13 -27.49 13.69
CA ARG C 310 -0.95 -27.17 12.69
C ARG C 310 -2.34 -27.44 13.24
N SER C 311 -2.54 -28.41 14.13
CA SER C 311 -3.89 -28.76 14.63
C SER C 311 -4.21 -28.02 15.91
N ALA C 312 -3.28 -27.16 16.40
CA ALA C 312 -3.56 -26.23 17.52
C ALA C 312 -2.84 -24.91 17.27
N PRO C 313 -3.24 -24.15 16.23
CA PRO C 313 -2.60 -22.88 15.91
C PRO C 313 -2.84 -21.88 17.04
N GLN C 314 -1.87 -21.01 17.27
CA GLN C 314 -1.97 -19.92 18.28
C GLN C 314 -1.32 -18.71 17.63
N LEU C 315 -1.83 -18.35 16.46
CA LEU C 315 -1.28 -17.32 15.53
C LEU C 315 -1.35 -15.95 16.22
N ALA C 316 -2.48 -15.59 16.83
CA ALA C 316 -2.62 -14.30 17.52
C ALA C 316 -1.62 -14.21 18.68
N ASN C 317 -1.46 -15.27 19.45
CA ASN C 317 -0.48 -15.29 20.58
C ASN C 317 0.93 -15.13 20.04
N LEU C 318 1.28 -15.85 18.96
CA LEU C 318 2.58 -15.75 18.32
C LEU C 318 2.88 -14.30 17.95
N GLN C 319 1.96 -13.63 17.24
CA GLN C 319 2.25 -12.31 16.62
C GLN C 319 2.20 -11.24 17.70
N GLU C 320 1.28 -11.34 18.64
CA GLU C 320 1.21 -10.34 19.72
C GLU C 320 2.56 -10.35 20.49
N SER C 321 3.06 -11.53 20.83
CA SER C 321 4.26 -11.64 21.71
C SER C 321 5.51 -11.34 20.87
N PHE C 322 5.57 -11.73 19.59
CA PHE C 322 6.64 -11.35 18.68
C PHE C 322 6.72 -9.81 18.59
N ILE C 323 5.60 -9.12 18.44
CA ILE C 323 5.61 -7.63 18.34
C ILE C 323 6.00 -7.06 19.71
N SER C 324 5.41 -7.54 20.79
CA SER C 324 5.69 -7.01 22.15
C SER C 324 7.16 -7.25 22.57
N HIS C 325 7.78 -8.38 22.26
CA HIS C 325 9.12 -8.75 22.80
C HIS C 325 10.26 -8.38 21.86
N ILE C 326 10.02 -8.43 20.55
CA ILE C 326 11.11 -8.40 19.54
C ILE C 326 10.96 -7.17 18.65
N VAL C 327 9.86 -7.07 17.87
CA VAL C 327 9.73 -6.03 16.82
C VAL C 327 9.52 -4.68 17.49
N GLY C 328 8.58 -4.60 18.43
CA GLY C 328 8.26 -3.38 19.19
C GLY C 328 9.54 -2.73 19.73
N PRO C 329 10.30 -3.39 20.62
CA PRO C 329 11.51 -2.77 21.19
C PRO C 329 12.55 -2.36 20.13
N LEU C 330 12.73 -3.16 19.08
CA LEU C 330 13.68 -2.78 18.00
C LEU C 330 13.21 -1.48 17.28
N CYS C 331 11.93 -1.35 16.91
CA CYS C 331 11.39 -0.15 16.23
C CYS C 331 11.48 1.05 17.18
N ASN C 332 11.15 0.87 18.45
CA ASN C 332 11.16 1.99 19.41
C ASN C 332 12.60 2.50 19.52
N SER C 333 13.57 1.60 19.64
CA SER C 333 15.03 1.89 19.75
C SER C 333 15.53 2.60 18.48
N TYR C 334 15.14 2.14 17.30
CA TYR C 334 15.55 2.75 16.01
C TYR C 334 14.89 4.13 15.87
N ASP C 335 13.64 4.27 16.29
CA ASP C 335 12.88 5.54 16.22
C ASP C 335 13.52 6.55 17.22
N SER C 336 13.86 6.12 18.44
CA SER C 336 14.57 6.92 19.48
C SER C 336 15.89 7.46 18.95
N ALA C 337 16.58 6.75 18.06
CA ALA C 337 17.85 7.19 17.48
C ALA C 337 17.57 8.29 16.45
N GLY C 338 16.30 8.49 16.05
CA GLY C 338 15.89 9.44 14.99
C GLY C 338 16.24 8.93 13.59
N LEU C 339 16.24 7.64 13.37
CA LEU C 339 16.64 7.05 12.07
C LEU C 339 15.45 6.58 11.23
N MET C 340 14.23 6.67 11.72
CA MET C 340 13.02 6.13 11.03
C MET C 340 12.66 7.09 9.90
N PRO C 341 12.51 6.64 8.64
CA PRO C 341 11.93 7.50 7.61
C PRO C 341 10.56 8.02 8.09
N GLY C 342 10.23 9.24 7.71
CA GLY C 342 8.98 9.91 8.08
C GLY C 342 8.90 11.25 7.38
N LYS C 343 7.80 11.97 7.58
CA LYS C 343 7.51 13.26 6.92
C LYS C 343 7.19 14.30 8.01
N TRP C 344 7.67 15.53 7.80
CA TRP C 344 7.19 16.67 8.59
C TRP C 344 5.74 16.99 8.11
N VAL C 345 4.87 17.20 9.12
CA VAL C 345 3.53 17.83 8.91
C VAL C 345 3.72 19.35 8.67
N GLU C 346 3.63 19.81 7.41
CA GLU C 346 3.92 21.21 6.97
C GLU C 346 2.82 22.21 7.24
N GLY C 347 1.64 21.83 7.77
CA GLY C 347 0.45 22.69 7.81
C GLY C 347 0.49 23.67 8.98
N ARG C 354 6.70 21.00 13.05
CA ARG C 354 7.20 20.45 14.35
C ARG C 354 6.78 18.99 14.56
N LYS C 355 5.68 18.48 13.99
CA LYS C 355 5.19 17.08 14.20
C LYS C 355 5.69 16.17 13.07
N ILE C 356 5.91 14.89 13.35
CA ILE C 356 6.42 13.92 12.34
C ILE C 356 5.35 12.86 12.12
N TYR C 357 5.05 12.51 10.87
CA TYR C 357 4.18 11.35 10.55
C TYR C 357 5.07 10.21 10.12
N CYS C 358 5.02 9.09 10.82
CA CYS C 358 5.88 7.94 10.57
C CYS C 358 5.02 6.71 10.26
N GLN C 359 4.96 6.39 8.98
CA GLN C 359 4.12 5.29 8.43
C GLN C 359 4.51 3.98 9.12
N ILE C 360 5.81 3.72 9.28
CA ILE C 360 6.32 2.43 9.80
C ILE C 360 5.81 2.17 11.22
N THR C 361 5.91 3.14 12.11
CA THR C 361 5.47 2.98 13.52
C THR C 361 3.94 3.00 13.58
N GLN C 362 3.28 3.78 12.72
CA GLN C 362 1.79 3.75 12.63
C GLN C 362 1.33 2.32 12.28
N HIS C 363 1.94 1.68 11.30
CA HIS C 363 1.54 0.28 10.93
C HIS C 363 1.77 -0.67 12.11
N LEU C 364 2.89 -0.54 12.79
CA LEU C 364 3.25 -1.49 13.87
C LEU C 364 2.21 -1.38 14.99
N LEU C 365 1.83 -0.15 15.33
CA LEU C 365 0.81 0.14 16.37
C LEU C 365 -0.55 -0.47 15.96
N GLN C 366 -0.95 -0.31 14.71
CA GLN C 366 -2.26 -0.80 14.21
C GLN C 366 -2.25 -2.33 14.20
N ASN C 367 -1.18 -2.96 13.72
CA ASN C 367 -1.10 -4.44 13.70
C ASN C 367 -1.09 -5.02 15.13
N HIS C 368 -0.40 -4.38 16.06
CA HIS C 368 -0.36 -4.82 17.48
C HIS C 368 -1.77 -4.81 18.09
N LYS C 369 -2.52 -3.71 17.89
CA LYS C 369 -3.91 -3.54 18.37
C LYS C 369 -4.81 -4.60 17.72
N MET C 370 -4.62 -4.86 16.43
CA MET C 370 -5.41 -5.90 15.72
C MET C 370 -5.19 -7.26 16.42
N TRP C 371 -3.95 -7.65 16.72
CA TRP C 371 -3.72 -8.96 17.36
C TRP C 371 -4.29 -8.97 18.80
N LYS C 372 -4.15 -7.88 19.57
CA LYS C 372 -4.73 -7.82 20.96
C LYS C 372 -6.24 -7.99 20.93
N LYS C 373 -6.89 -7.39 19.95
CA LYS C 373 -8.37 -7.49 19.77
C LYS C 373 -8.73 -8.95 19.43
N VAL C 374 -8.01 -9.58 18.51
CA VAL C 374 -8.28 -11.02 18.18
C VAL C 374 -8.10 -11.85 19.46
N ILE C 375 -7.24 -11.43 20.37
CA ILE C 375 -7.00 -12.27 21.58
C ILE C 375 -8.16 -12.01 22.55
N GLU C 376 -8.65 -10.77 22.58
CA GLU C 376 -9.83 -10.44 23.43
C GLU C 376 -11.00 -11.32 23.00
N GLU C 377 -11.29 -11.42 21.71
CA GLU C 377 -12.35 -12.38 21.27
C GLU C 377 -11.75 -13.77 21.19
N GLU C 378 -11.39 -14.36 22.34
CA GLU C 378 -10.74 -15.70 22.37
C GLU C 378 -9.83 -15.88 21.15
N LYS D 2 -17.53 36.47 3.45
CA LYS D 2 -17.72 35.53 2.33
C LYS D 2 -16.48 35.38 1.47
N PRO D 3 -15.59 36.39 1.28
CA PRO D 3 -14.44 36.15 0.42
C PRO D 3 -13.41 35.33 1.21
N ILE D 4 -13.50 34.01 1.15
CA ILE D 4 -12.38 33.08 1.52
C ILE D 4 -11.23 33.41 0.56
N LEU D 5 -10.05 33.69 1.10
CA LEU D 5 -8.86 33.96 0.26
C LEU D 5 -7.80 32.90 0.53
N ALA D 6 -6.90 32.68 -0.42
CA ALA D 6 -5.84 31.66 -0.27
C ALA D 6 -4.82 32.05 0.79
N PRO D 7 -4.35 31.09 1.63
CA PRO D 7 -3.30 31.35 2.62
C PRO D 7 -2.12 32.15 2.08
N GLU D 8 -1.59 33.12 2.84
CA GLU D 8 -0.54 34.07 2.37
C GLU D 8 0.53 33.49 1.45
N PRO D 9 1.44 32.57 1.86
CA PRO D 9 2.37 31.99 0.90
C PRO D 9 1.48 31.07 0.03
N LEU D 10 1.19 31.49 -1.21
CA LEU D 10 0.24 30.74 -2.07
C LEU D 10 0.73 29.30 -2.27
N VAL D 11 1.96 29.15 -2.73
CA VAL D 11 2.55 27.81 -2.99
C VAL D 11 3.31 27.37 -1.73
N MET D 12 2.95 26.24 -1.13
CA MET D 12 3.52 25.75 0.16
C MET D 12 5.01 25.44 0.13
N ASP D 13 5.55 24.77 -0.89
CA ASP D 13 7.04 24.80 -1.11
C ASP D 13 7.82 23.72 -0.33
N ASN D 14 7.36 23.17 0.81
CA ASN D 14 8.15 22.10 1.51
C ASN D 14 7.74 20.69 1.00
N LEU D 15 6.95 20.61 -0.07
CA LEU D 15 6.25 19.39 -0.53
C LEU D 15 6.89 18.85 -1.81
N ASP D 16 8.07 19.36 -2.19
CA ASP D 16 8.71 19.08 -3.52
C ASP D 16 8.90 17.58 -3.73
N SER D 17 9.34 16.84 -2.72
CA SER D 17 9.74 15.42 -2.86
C SER D 17 8.50 14.57 -3.13
N ILE D 18 7.35 14.93 -2.57
CA ILE D 18 6.12 14.17 -2.90
C ILE D 18 5.51 14.73 -4.21
N MET D 19 5.54 16.04 -4.48
CA MET D 19 4.87 16.62 -5.68
C MET D 19 5.56 16.17 -6.96
N GLU D 20 6.85 15.84 -6.95
CA GLU D 20 7.59 15.37 -8.15
C GLU D 20 7.14 13.95 -8.52
N GLN D 21 6.36 13.28 -7.66
CA GLN D 21 5.78 11.95 -8.00
C GLN D 21 4.42 12.09 -8.68
N LEU D 22 3.93 13.31 -8.98
CA LEU D 22 2.62 13.48 -9.66
C LEU D 22 2.64 12.75 -11.02
N ASN D 23 3.77 12.62 -11.68
CA ASN D 23 3.74 11.97 -13.02
C ASN D 23 3.73 10.44 -12.93
N THR D 24 3.19 9.84 -11.89
CA THR D 24 3.04 8.37 -11.80
C THR D 24 1.54 8.12 -11.56
N TRP D 25 1.06 6.97 -12.01
CA TRP D 25 -0.37 6.60 -11.87
C TRP D 25 -0.70 6.43 -10.38
N ASN D 26 0.11 5.69 -9.67
CA ASN D 26 -0.07 5.42 -8.22
C ASN D 26 0.62 6.52 -7.44
N PHE D 27 0.25 7.76 -7.70
CA PHE D 27 0.69 8.90 -6.89
C PHE D 27 0.28 8.63 -5.44
N PRO D 28 1.19 8.72 -4.45
CA PRO D 28 0.83 8.43 -3.05
C PRO D 28 0.08 9.59 -2.39
N ILE D 29 -1.19 9.69 -2.72
CA ILE D 29 -2.02 10.87 -2.34
C ILE D 29 -2.25 10.91 -0.81
N PHE D 30 -2.33 9.79 -0.12
CA PHE D 30 -2.51 9.77 1.37
C PHE D 30 -1.23 10.19 2.09
N ASP D 31 -0.04 9.88 1.52
CA ASP D 31 1.23 10.46 2.02
C ASP D 31 1.24 11.99 1.80
N LEU D 32 0.66 12.50 0.69
CA LEU D 32 0.55 13.96 0.49
C LEU D 32 -0.34 14.56 1.57
N VAL D 33 -1.49 13.94 1.85
CA VAL D 33 -2.45 14.39 2.90
C VAL D 33 -1.70 14.51 4.24
N GLU D 34 -0.89 13.50 4.59
CA GLU D 34 -0.18 13.44 5.88
C GLU D 34 0.89 14.54 5.92
N ASN D 35 1.51 14.83 4.80
CA ASN D 35 2.63 15.81 4.67
C ASN D 35 2.04 17.24 4.77
N ILE D 36 0.85 17.48 4.25
CA ILE D 36 0.14 18.80 4.27
C ILE D 36 -0.54 19.02 5.63
N GLY D 37 -1.11 17.95 6.16
CA GLY D 37 -1.90 18.07 7.40
C GLY D 37 -3.36 17.81 7.09
N ARG D 38 -3.97 16.86 7.78
CA ARG D 38 -5.41 16.58 7.57
C ARG D 38 -6.20 17.82 7.92
N LYS D 39 -7.15 18.20 7.07
CA LYS D 39 -8.03 19.35 7.37
C LYS D 39 -7.22 20.65 7.40
N CYS D 40 -6.07 20.69 6.72
CA CYS D 40 -5.36 21.98 6.57
C CYS D 40 -6.16 22.65 5.46
N GLY D 41 -6.85 21.84 4.68
CA GLY D 41 -7.72 22.37 3.61
C GLY D 41 -6.93 22.97 2.47
N ARG D 42 -5.84 22.33 2.03
CA ARG D 42 -5.04 22.99 0.96
C ARG D 42 -4.60 21.98 -0.11
N ILE D 43 -4.94 20.71 0.05
CA ILE D 43 -4.41 19.66 -0.88
C ILE D 43 -4.88 19.94 -2.32
N LEU D 44 -6.14 20.32 -2.51
CA LEU D 44 -6.68 20.48 -3.88
C LEU D 44 -6.03 21.69 -4.55
N SER D 45 -5.95 22.82 -3.85
CA SER D 45 -5.37 24.05 -4.45
C SER D 45 -3.87 23.84 -4.73
N GLN D 46 -3.14 23.12 -3.89
CA GLN D 46 -1.68 22.93 -4.09
C GLN D 46 -1.43 22.04 -5.32
N VAL D 47 -2.16 20.95 -5.47
CA VAL D 47 -1.98 20.05 -6.64
C VAL D 47 -2.51 20.75 -7.91
N SER D 48 -3.64 21.44 -7.85
CA SER D 48 -4.16 22.25 -8.98
C SER D 48 -3.11 23.20 -9.51
N TYR D 49 -2.41 23.91 -8.60
CA TYR D 49 -1.36 24.86 -8.99
C TYR D 49 -0.30 24.14 -9.82
N ARG D 50 0.19 23.02 -9.30
CA ARG D 50 1.34 22.30 -9.90
C ARG D 50 0.91 21.80 -11.29
N LEU D 51 -0.31 21.25 -11.43
CA LEU D 51 -0.70 20.64 -12.71
C LEU D 51 -1.01 21.74 -13.75
N PHE D 52 -1.59 22.86 -13.35
CA PHE D 52 -1.80 24.02 -14.27
C PHE D 52 -0.46 24.58 -14.73
N GLU D 53 0.55 24.62 -13.84
CA GLU D 53 1.87 25.14 -14.21
C GLU D 53 2.54 24.12 -15.13
N ASP D 54 2.46 22.83 -14.80
CA ASP D 54 3.07 21.76 -15.64
C ASP D 54 2.54 21.86 -17.09
N MET D 55 1.30 22.26 -17.29
CA MET D 55 0.69 22.34 -18.64
C MET D 55 0.87 23.74 -19.26
N GLY D 56 1.50 24.68 -18.56
CA GLY D 56 1.58 26.10 -18.99
C GLY D 56 0.20 26.73 -19.20
N LEU D 57 -0.79 26.33 -18.42
CA LEU D 57 -2.16 26.91 -18.57
C LEU D 57 -2.24 28.36 -18.08
N PHE D 58 -1.38 28.76 -17.14
CA PHE D 58 -1.35 30.16 -16.63
C PHE D 58 -0.96 31.09 -17.80
N GLU D 59 0.03 30.72 -18.62
CA GLU D 59 0.46 31.56 -19.79
C GLU D 59 -0.62 31.50 -20.86
N ALA D 60 -1.11 30.31 -21.22
CA ALA D 60 -2.05 30.12 -22.34
C ALA D 60 -3.31 30.99 -22.14
N PHE D 61 -3.84 31.15 -20.92
CA PHE D 61 -5.07 31.94 -20.67
C PHE D 61 -4.83 33.15 -19.76
N LYS D 62 -3.57 33.55 -19.61
CA LYS D 62 -3.18 34.71 -18.78
C LYS D 62 -3.97 34.65 -17.47
N ILE D 63 -3.88 33.52 -16.79
CA ILE D 63 -4.61 33.32 -15.50
C ILE D 63 -3.80 33.99 -14.39
N PRO D 64 -4.37 34.93 -13.64
CA PRO D 64 -3.68 35.50 -12.47
C PRO D 64 -3.76 34.48 -11.33
N ILE D 65 -2.61 34.23 -10.71
CA ILE D 65 -2.40 33.13 -9.74
C ILE D 65 -3.17 33.40 -8.44
N ARG D 66 -3.28 34.65 -8.01
CA ARG D 66 -3.95 34.96 -6.71
C ARG D 66 -5.42 34.53 -6.82
N GLU D 67 -6.11 34.97 -7.88
CA GLU D 67 -7.56 34.70 -8.05
C GLU D 67 -7.76 33.19 -8.21
N PHE D 68 -6.88 32.55 -8.96
CA PHE D 68 -6.91 31.08 -9.19
C PHE D 68 -6.82 30.35 -7.83
N MET D 69 -5.83 30.69 -7.00
CA MET D 69 -5.63 30.06 -5.66
C MET D 69 -6.79 30.44 -4.72
N ASN D 70 -7.28 31.66 -4.79
CA ASN D 70 -8.48 32.08 -4.02
C ASN D 70 -9.65 31.14 -4.36
N TYR D 71 -9.90 30.92 -5.65
CA TYR D 71 -11.07 30.09 -6.01
C TYR D 71 -10.84 28.65 -5.57
N PHE D 72 -9.71 28.06 -5.94
CA PHE D 72 -9.47 26.63 -5.63
C PHE D 72 -9.43 26.40 -4.11
N HIS D 73 -9.06 27.42 -3.34
CA HIS D 73 -9.11 27.29 -1.86
C HIS D 73 -10.57 27.33 -1.40
N ALA D 74 -11.36 28.27 -1.91
CA ALA D 74 -12.77 28.36 -1.51
C ALA D 74 -13.47 27.04 -1.88
N LEU D 75 -13.12 26.50 -3.04
CA LEU D 75 -13.72 25.24 -3.55
C LEU D 75 -13.35 24.11 -2.62
N GLU D 76 -12.06 23.98 -2.29
CA GLU D 76 -11.62 22.84 -1.46
C GLU D 76 -12.25 22.94 -0.06
N ILE D 77 -12.47 24.16 0.44
CA ILE D 77 -13.08 24.41 1.79
C ILE D 77 -14.56 23.98 1.77
N GLY D 78 -15.22 23.98 0.61
CA GLY D 78 -16.66 23.62 0.54
C GLY D 78 -16.83 22.15 0.28
N TYR D 79 -15.75 21.40 0.26
CA TYR D 79 -15.86 19.93 0.24
C TYR D 79 -15.98 19.54 1.72
N ARG D 80 -16.92 18.68 2.08
CA ARG D 80 -17.20 18.38 3.51
C ARG D 80 -16.19 17.37 4.06
N ASP D 81 -16.11 17.26 5.39
CA ASP D 81 -15.24 16.26 6.06
C ASP D 81 -16.00 14.95 6.15
N ILE D 82 -16.17 14.29 5.02
CA ILE D 82 -16.89 12.99 4.93
C ILE D 82 -15.88 11.98 4.43
N PRO D 83 -16.12 10.66 4.62
CA PRO D 83 -15.08 9.67 4.38
C PRO D 83 -14.59 9.48 2.94
N TYR D 84 -15.40 9.76 1.92
CA TYR D 84 -15.00 9.54 0.53
C TYR D 84 -15.12 10.80 -0.34
N HIS D 85 -16.31 11.42 -0.42
CA HIS D 85 -16.57 12.53 -1.41
C HIS D 85 -16.05 13.85 -0.86
N ASN D 86 -14.75 13.87 -0.56
CA ASN D 86 -14.06 15.00 0.09
C ASN D 86 -13.05 15.60 -0.90
N ARG D 87 -12.28 16.58 -0.41
CA ARG D 87 -11.29 17.29 -1.28
C ARG D 87 -10.13 16.37 -1.67
N ILE D 88 -9.93 15.29 -0.93
CA ILE D 88 -8.84 14.32 -1.26
C ILE D 88 -9.26 13.55 -2.52
N HIS D 89 -10.50 13.10 -2.60
CA HIS D 89 -11.09 12.50 -3.82
C HIS D 89 -11.05 13.49 -5.00
N ALA D 90 -11.43 14.75 -4.79
CA ALA D 90 -11.39 15.78 -5.85
C ALA D 90 -9.99 15.86 -6.42
N THR D 91 -8.98 15.88 -5.54
CA THR D 91 -7.55 15.97 -5.92
C THR D 91 -7.20 14.72 -6.73
N ASP D 92 -7.62 13.56 -6.25
CA ASP D 92 -7.35 12.28 -6.92
C ASP D 92 -7.92 12.31 -8.34
N VAL D 93 -9.16 12.78 -8.51
CA VAL D 93 -9.83 12.78 -9.83
C VAL D 93 -9.09 13.76 -10.75
N LEU D 94 -8.70 14.91 -10.23
CA LEU D 94 -7.97 15.89 -11.08
C LEU D 94 -6.62 15.29 -11.51
N HIS D 95 -5.92 14.62 -10.59
CA HIS D 95 -4.65 13.95 -10.94
C HIS D 95 -4.91 12.92 -12.04
N ALA D 96 -5.95 12.12 -11.91
CA ALA D 96 -6.27 11.06 -12.88
C ALA D 96 -6.56 11.66 -14.26
N VAL D 97 -7.33 12.75 -14.36
CA VAL D 97 -7.65 13.37 -15.68
C VAL D 97 -6.36 13.91 -16.27
N TRP D 98 -5.51 14.55 -15.46
CA TRP D 98 -4.21 15.06 -15.93
C TRP D 98 -3.37 13.88 -16.45
N TYR D 99 -3.31 12.78 -15.70
CA TYR D 99 -2.51 11.62 -16.10
C TYR D 99 -3.06 11.06 -17.42
N LEU D 100 -4.38 10.86 -17.53
CA LEU D 100 -5.00 10.26 -18.73
C LEU D 100 -4.79 11.14 -19.97
N THR D 101 -4.67 12.45 -19.80
CA THR D 101 -4.61 13.41 -20.93
C THR D 101 -3.20 13.80 -21.30
N THR D 102 -2.18 13.49 -20.48
CA THR D 102 -0.78 13.98 -20.71
C THR D 102 0.20 12.85 -20.96
N GLN D 103 -0.11 11.63 -20.53
CA GLN D 103 0.84 10.52 -20.51
C GLN D 103 0.75 9.78 -21.85
N PRO D 104 1.86 9.16 -22.25
CA PRO D 104 1.98 8.52 -23.55
C PRO D 104 0.96 7.38 -23.76
N ILE D 105 0.38 7.41 -24.95
CA ILE D 105 -0.66 6.46 -25.42
C ILE D 105 -0.12 5.79 -26.67
N PRO D 106 0.14 4.47 -26.63
CA PRO D 106 0.72 3.76 -27.76
C PRO D 106 -0.17 3.84 -29.00
N GLY D 107 0.45 4.20 -30.13
CA GLY D 107 -0.19 4.28 -31.45
C GLY D 107 -1.30 5.31 -31.54
N LEU D 108 -1.40 6.29 -30.64
CA LEU D 108 -2.38 7.40 -30.83
C LEU D 108 -1.76 8.40 -31.82
N SER D 109 -2.52 8.77 -32.85
CA SER D 109 -2.15 9.78 -33.87
C SER D 109 -2.45 11.17 -33.30
N THR D 110 -1.59 12.15 -33.60
CA THR D 110 -1.90 13.60 -33.41
C THR D 110 -2.86 14.04 -34.51
N VAL D 111 -3.95 14.72 -34.14
CA VAL D 111 -4.84 15.42 -35.11
C VAL D 111 -3.93 16.15 -36.13
N ILE D 112 -4.03 15.82 -37.40
CA ILE D 112 -3.24 16.62 -38.36
C ILE D 112 -3.94 17.99 -38.33
N GLY D 113 -3.17 19.06 -38.10
CA GLY D 113 -3.66 20.47 -38.05
C GLY D 113 -3.73 20.98 -36.62
N GLY D 117 -6.74 25.40 -33.73
CA GLY D 117 -6.71 24.93 -32.32
C GLY D 117 -5.41 25.29 -31.59
N SER D 118 -5.51 25.75 -30.33
CA SER D 118 -4.32 25.97 -29.47
C SER D 118 -4.20 24.79 -28.52
N TYR D 119 -3.03 24.15 -28.46
CA TYR D 119 -2.78 22.90 -27.72
C TYR D 119 -1.71 23.14 -26.68
N VAL D 120 -1.82 22.51 -25.51
CA VAL D 120 -0.78 22.56 -24.45
C VAL D 120 -0.25 21.14 -24.28
N PHE D 121 0.99 21.08 -23.81
CA PHE D 121 1.70 19.83 -23.49
C PHE D 121 2.27 19.93 -22.08
N SER D 122 2.23 18.79 -21.38
CA SER D 122 2.93 18.58 -20.09
C SER D 122 4.43 18.78 -20.29
N LYS D 123 5.11 19.40 -19.32
CA LYS D 123 6.59 19.31 -19.23
C LYS D 123 7.04 17.85 -19.13
N THR D 124 6.21 16.90 -18.74
CA THR D 124 6.59 15.47 -18.64
C THR D 124 6.61 14.82 -20.04
N TYR D 125 6.07 15.48 -21.06
CA TYR D 125 5.82 14.87 -22.38
C TYR D 125 7.05 15.13 -23.28
N ASN D 126 7.94 14.14 -23.40
CA ASN D 126 9.27 14.26 -24.05
C ASN D 126 9.81 12.85 -24.30
N ASP D 130 7.52 8.50 -32.93
CA ASP D 130 6.29 8.27 -33.75
C ASP D 130 5.26 7.43 -32.98
N LYS D 131 5.71 6.53 -32.11
CA LYS D 131 4.90 5.37 -31.66
C LYS D 131 3.96 5.73 -30.50
N TYR D 132 4.03 6.95 -29.96
CA TYR D 132 3.18 7.42 -28.82
C TYR D 132 2.54 8.77 -29.17
N GLY D 133 1.33 9.01 -28.66
CA GLY D 133 0.68 10.33 -28.58
C GLY D 133 0.10 10.56 -27.18
N CYS D 134 -0.51 11.72 -26.94
CA CYS D 134 -1.28 12.02 -25.72
C CYS D 134 -2.54 12.79 -26.10
N LEU D 135 -3.56 12.78 -25.22
CA LEU D 135 -4.86 13.44 -25.55
C LEU D 135 -4.65 14.94 -25.67
N SER D 136 -3.70 15.51 -24.92
CA SER D 136 -3.45 16.97 -24.88
C SER D 136 -2.99 17.44 -26.26
N GLY D 137 -2.50 16.52 -27.11
CA GLY D 137 -2.15 16.82 -28.51
C GLY D 137 -3.35 16.80 -29.43
N ASN D 138 -4.53 16.38 -28.97
CA ASN D 138 -5.75 16.18 -29.80
C ASN D 138 -6.94 16.97 -29.23
N ILE D 139 -6.83 17.45 -28.00
CA ILE D 139 -7.92 18.21 -27.35
C ILE D 139 -7.41 19.60 -27.06
N PRO D 140 -8.00 20.65 -27.67
CA PRO D 140 -7.57 22.02 -27.48
C PRO D 140 -7.49 22.42 -26.00
N ALA D 141 -6.57 23.33 -25.72
CA ALA D 141 -6.23 23.84 -24.38
C ALA D 141 -7.50 24.28 -23.64
N LEU D 142 -8.41 25.01 -24.30
CA LEU D 142 -9.65 25.49 -23.66
C LEU D 142 -10.46 24.30 -23.10
N GLU D 143 -10.60 23.25 -23.90
CA GLU D 143 -11.44 22.07 -23.56
C GLU D 143 -10.76 21.26 -22.47
N LEU D 144 -9.42 21.18 -22.53
CA LEU D 144 -8.63 20.47 -21.49
C LEU D 144 -8.77 21.21 -20.18
N MET D 145 -8.63 22.52 -20.20
CA MET D 145 -8.75 23.30 -18.95
C MET D 145 -10.17 23.12 -18.37
N ALA D 146 -11.20 23.09 -19.21
CA ALA D 146 -12.59 22.81 -18.73
C ALA D 146 -12.67 21.46 -18.02
N LEU D 147 -12.11 20.41 -18.61
CA LEU D 147 -12.06 19.08 -17.99
C LEU D 147 -11.31 19.11 -16.65
N TYR D 148 -10.19 19.82 -16.53
CA TYR D 148 -9.44 19.85 -15.25
C TYR D 148 -10.27 20.57 -14.18
N VAL D 149 -10.89 21.70 -14.53
CA VAL D 149 -11.72 22.49 -13.55
C VAL D 149 -12.94 21.65 -13.15
N ALA D 150 -13.54 20.95 -14.09
CA ALA D 150 -14.70 20.07 -13.80
C ALA D 150 -14.29 19.05 -12.75
N ALA D 151 -13.13 18.41 -12.93
CA ALA D 151 -12.66 17.39 -11.98
C ALA D 151 -12.53 17.98 -10.56
N ALA D 152 -12.04 19.21 -10.46
CA ALA D 152 -11.89 19.87 -9.15
C ALA D 152 -13.24 20.20 -8.52
N MET D 153 -14.26 20.55 -9.31
CA MET D 153 -15.60 20.94 -8.78
C MET D 153 -16.59 19.77 -8.76
N HIS D 154 -16.24 18.62 -9.32
CA HIS D 154 -17.21 17.51 -9.56
C HIS D 154 -18.00 16.99 -8.36
N ASP D 155 -17.47 17.06 -7.14
CA ASP D 155 -18.18 16.55 -5.93
C ASP D 155 -18.36 17.66 -4.89
N TYR D 156 -18.37 18.92 -5.34
CA TYR D 156 -18.48 20.08 -4.43
C TYR D 156 -19.71 20.03 -3.52
N ASP D 157 -19.50 20.18 -2.22
CA ASP D 157 -20.58 20.22 -1.21
C ASP D 157 -21.37 18.89 -1.23
N HIS D 158 -20.72 17.78 -1.46
CA HIS D 158 -21.35 16.44 -1.43
C HIS D 158 -21.78 16.16 0.00
N PRO D 159 -23.04 15.75 0.20
CA PRO D 159 -23.54 15.45 1.54
C PRO D 159 -23.24 14.05 2.09
N GLY D 160 -22.59 13.17 1.34
CA GLY D 160 -22.31 11.80 1.85
C GLY D 160 -23.49 10.86 1.76
N ARG D 161 -24.43 11.15 0.85
CA ARG D 161 -25.66 10.37 0.57
C ARG D 161 -25.79 10.21 -0.96
N THR D 162 -26.35 9.10 -1.43
CA THR D 162 -26.50 8.82 -2.89
C THR D 162 -27.69 9.61 -3.43
N ASN D 163 -27.78 9.77 -4.74
CA ASN D 163 -28.97 10.31 -5.42
C ASN D 163 -30.19 9.52 -4.97
N ALA D 164 -30.10 8.19 -4.91
CA ALA D 164 -31.23 7.33 -4.60
C ALA D 164 -31.77 7.70 -3.21
N PHE D 165 -30.87 7.96 -2.26
CA PHE D 165 -31.29 8.30 -0.88
C PHE D 165 -31.97 9.67 -0.88
N LEU D 166 -31.42 10.63 -1.60
CA LEU D 166 -31.99 12.00 -1.62
C LEU D 166 -33.41 11.93 -2.23
N VAL D 167 -33.57 11.14 -3.28
CA VAL D 167 -34.87 10.97 -3.99
C VAL D 167 -35.81 10.23 -3.06
N ALA D 168 -35.40 9.11 -2.46
CA ALA D 168 -36.30 8.31 -1.59
C ALA D 168 -36.78 9.14 -0.37
N THR D 169 -36.01 10.09 0.15
CA THR D 169 -36.34 10.87 1.37
C THR D 169 -36.99 12.23 1.04
N SER D 170 -37.23 12.53 -0.23
CA SER D 170 -37.74 13.85 -0.71
C SER D 170 -36.90 14.98 -0.12
N ALA D 171 -35.59 14.81 -0.13
CA ALA D 171 -34.64 15.84 0.33
C ALA D 171 -34.87 17.12 -0.49
N PRO D 172 -34.74 18.32 0.13
CA PRO D 172 -34.93 19.57 -0.62
C PRO D 172 -34.18 19.61 -1.94
N GLN D 173 -32.99 19.04 -2.02
CA GLN D 173 -32.19 19.07 -3.29
C GLN D 173 -32.87 18.21 -4.36
N ALA D 174 -33.44 17.09 -3.97
CA ALA D 174 -34.12 16.17 -4.91
C ALA D 174 -35.38 16.88 -5.46
N VAL D 175 -36.13 17.56 -4.61
CA VAL D 175 -37.30 18.35 -5.09
C VAL D 175 -36.79 19.47 -6.00
N LEU D 176 -35.70 20.15 -5.65
CA LEU D 176 -35.19 21.31 -6.44
C LEU D 176 -34.81 20.88 -7.85
N TYR D 177 -34.17 19.73 -7.97
CA TYR D 177 -33.70 19.21 -9.27
C TYR D 177 -34.63 18.14 -9.89
N ASN D 178 -35.86 17.98 -9.41
CA ASN D 178 -36.87 17.10 -10.08
C ASN D 178 -36.37 15.67 -10.18
N ASP D 179 -35.62 15.22 -9.15
CA ASP D 179 -35.06 13.85 -9.01
C ASP D 179 -34.04 13.54 -10.11
N ARG D 180 -33.60 14.52 -10.92
CA ARG D 180 -32.70 14.22 -12.07
C ARG D 180 -31.26 14.63 -11.75
N SER D 181 -30.33 13.70 -11.73
CA SER D 181 -28.88 13.96 -11.45
C SER D 181 -28.77 14.97 -10.29
N VAL D 182 -29.39 14.64 -9.15
CA VAL D 182 -29.58 15.62 -8.04
C VAL D 182 -28.22 16.12 -7.54
N LEU D 183 -27.34 15.23 -7.17
CA LEU D 183 -26.01 15.62 -6.64
C LEU D 183 -25.20 16.38 -7.70
N GLU D 184 -25.12 15.86 -8.91
CA GLU D 184 -24.27 16.42 -9.99
C GLU D 184 -24.73 17.79 -10.41
N ASN D 185 -26.04 18.00 -10.55
CA ASN D 185 -26.60 19.34 -10.78
C ASN D 185 -26.16 20.28 -9.66
N HIS D 186 -26.25 19.84 -8.41
CA HIS D 186 -25.87 20.67 -7.25
C HIS D 186 -24.38 21.00 -7.25
N HIS D 187 -23.51 20.03 -7.51
CA HIS D 187 -22.05 20.26 -7.53
C HIS D 187 -21.74 21.36 -8.55
N ALA D 188 -22.23 21.19 -9.78
CA ALA D 188 -21.98 22.16 -10.85
C ALA D 188 -22.55 23.51 -10.47
N ALA D 189 -23.80 23.54 -10.00
CA ALA D 189 -24.47 24.82 -9.78
C ALA D 189 -23.82 25.56 -8.59
N ALA D 190 -23.53 24.82 -7.51
CA ALA D 190 -22.95 25.40 -6.28
C ALA D 190 -21.51 25.87 -6.57
N ALA D 191 -20.74 25.11 -7.34
CA ALA D 191 -19.37 25.54 -7.68
C ALA D 191 -19.39 26.78 -8.57
N TRP D 192 -20.31 26.84 -9.51
CA TRP D 192 -20.39 28.01 -10.42
C TRP D 192 -20.95 29.21 -9.65
N ASN D 193 -21.87 29.00 -8.73
CA ASN D 193 -22.38 30.11 -7.92
C ASN D 193 -21.22 30.68 -7.08
N LEU D 194 -20.43 29.82 -6.46
CA LEU D 194 -19.22 30.24 -5.68
C LEU D 194 -18.33 31.10 -6.61
N PHE D 195 -17.99 30.59 -7.79
CA PHE D 195 -17.09 31.27 -8.74
C PHE D 195 -17.60 32.68 -9.02
N MET D 196 -18.89 32.83 -9.30
CA MET D 196 -19.45 34.14 -9.73
C MET D 196 -19.75 35.05 -8.54
N SER D 197 -19.70 34.58 -7.30
CA SER D 197 -20.11 35.38 -6.12
C SER D 197 -19.10 36.52 -5.85
N ARG D 198 -17.85 36.47 -6.31
CA ARG D 198 -16.79 37.43 -5.87
C ARG D 198 -15.78 37.67 -6.99
N PRO D 199 -15.40 38.92 -7.27
CA PRO D 199 -14.32 39.20 -8.22
C PRO D 199 -12.97 38.61 -7.77
N GLU D 200 -12.78 38.34 -6.47
CA GLU D 200 -11.54 37.71 -5.93
C GLU D 200 -11.31 36.31 -6.52
N TYR D 201 -12.36 35.72 -7.13
CA TYR D 201 -12.30 34.34 -7.66
C TYR D 201 -12.12 34.31 -9.18
N ASN D 202 -12.07 35.45 -9.86
CA ASN D 202 -12.26 35.47 -11.34
C ASN D 202 -10.92 35.20 -12.05
N PHE D 203 -10.50 33.94 -12.07
CA PHE D 203 -9.21 33.52 -12.71
C PHE D 203 -9.37 33.40 -14.23
N LEU D 204 -10.61 33.53 -14.75
CA LEU D 204 -10.97 33.38 -16.19
C LEU D 204 -11.19 34.74 -16.81
N ILE D 205 -10.75 35.81 -16.14
CA ILE D 205 -11.01 37.21 -16.55
C ILE D 205 -10.48 37.47 -17.98
N ASN D 206 -9.48 36.73 -18.45
CA ASN D 206 -8.90 36.99 -19.79
C ASN D 206 -9.49 36.06 -20.88
N LEU D 207 -10.47 35.20 -20.58
CA LEU D 207 -11.34 34.62 -21.65
C LEU D 207 -12.31 35.70 -22.18
N ASP D 208 -12.53 35.77 -23.49
CA ASP D 208 -13.65 36.58 -24.07
C ASP D 208 -14.98 35.92 -23.67
N HIS D 209 -16.07 36.63 -23.92
CA HIS D 209 -17.45 36.23 -23.54
C HIS D 209 -17.83 34.92 -24.24
N VAL D 210 -17.52 34.75 -25.52
CA VAL D 210 -17.80 33.48 -26.28
C VAL D 210 -17.01 32.33 -25.64
N GLU D 211 -15.71 32.49 -25.46
CA GLU D 211 -14.86 31.48 -24.77
C GLU D 211 -15.42 31.12 -23.39
N PHE D 212 -15.76 32.09 -22.55
CA PHE D 212 -16.25 31.85 -21.18
C PHE D 212 -17.54 31.01 -21.26
N LYS D 213 -18.50 31.37 -22.13
CA LYS D 213 -19.77 30.62 -22.24
C LYS D 213 -19.48 29.18 -22.70
N HIS D 214 -18.58 28.99 -23.66
CA HIS D 214 -18.19 27.63 -24.12
C HIS D 214 -17.50 26.88 -22.97
N PHE D 215 -16.60 27.52 -22.25
CA PHE D 215 -15.90 26.90 -21.09
C PHE D 215 -16.93 26.38 -20.06
N ARG D 216 -17.86 27.24 -19.68
CA ARG D 216 -18.90 26.91 -18.69
C ARG D 216 -19.72 25.69 -19.19
N PHE D 217 -20.16 25.71 -20.46
CA PHE D 217 -20.88 24.58 -21.08
C PHE D 217 -20.05 23.29 -20.89
N LEU D 218 -18.76 23.30 -21.21
CA LEU D 218 -17.91 22.08 -21.17
C LEU D 218 -17.75 21.59 -19.73
N VAL D 219 -17.59 22.51 -18.79
CA VAL D 219 -17.45 22.14 -17.36
C VAL D 219 -18.74 21.45 -16.92
N ILE D 220 -19.89 22.05 -17.24
CA ILE D 220 -21.17 21.47 -16.81
C ILE D 220 -21.34 20.09 -17.44
N GLU D 221 -21.08 19.94 -18.73
CA GLU D 221 -21.27 18.65 -19.38
C GLU D 221 -20.39 17.60 -18.72
N ALA D 222 -19.15 17.95 -18.33
CA ALA D 222 -18.23 16.99 -17.73
C ALA D 222 -18.76 16.60 -16.34
N ILE D 223 -19.22 17.54 -15.53
CA ILE D 223 -19.66 17.21 -14.15
C ILE D 223 -20.92 16.33 -14.21
N LEU D 224 -21.84 16.64 -15.10
CA LEU D 224 -23.12 15.92 -15.18
C LEU D 224 -22.85 14.50 -15.72
N ALA D 225 -21.78 14.29 -16.50
CA ALA D 225 -21.38 12.95 -16.99
C ALA D 225 -20.95 12.04 -15.85
N THR D 226 -20.61 12.54 -14.66
CA THR D 226 -20.21 11.70 -13.54
C THR D 226 -21.42 11.04 -12.86
N ASP D 227 -22.67 11.33 -13.21
CA ASP D 227 -23.86 10.60 -12.66
C ASP D 227 -23.88 9.15 -13.16
N LEU D 228 -23.70 8.17 -12.30
CA LEU D 228 -23.58 6.75 -12.75
C LEU D 228 -24.94 6.18 -13.20
N LYS D 229 -26.06 6.85 -12.95
CA LYS D 229 -27.35 6.46 -13.57
C LYS D 229 -27.22 6.53 -15.10
N LYS D 230 -26.35 7.38 -15.66
CA LYS D 230 -26.14 7.51 -17.13
C LYS D 230 -24.97 6.66 -17.61
N HIS D 231 -24.40 5.78 -16.75
CA HIS D 231 -23.10 5.15 -17.04
C HIS D 231 -23.22 4.32 -18.34
N PHE D 232 -24.24 3.46 -18.42
CA PHE D 232 -24.40 2.57 -19.59
C PHE D 232 -24.75 3.37 -20.84
N ASP D 233 -25.45 4.49 -20.72
CA ASP D 233 -25.77 5.37 -21.88
C ASP D 233 -24.47 5.98 -22.43
N PHE D 234 -23.54 6.47 -21.59
CA PHE D 234 -22.26 7.04 -22.07
C PHE D 234 -21.41 5.93 -22.72
N VAL D 235 -21.31 4.79 -22.06
CA VAL D 235 -20.51 3.65 -22.58
C VAL D 235 -21.08 3.20 -23.93
N ALA D 236 -22.39 3.04 -24.09
CA ALA D 236 -22.99 2.60 -25.37
C ALA D 236 -22.77 3.68 -26.43
N LYS D 237 -22.93 4.95 -26.08
CA LYS D 237 -22.71 6.05 -27.05
C LYS D 237 -21.26 6.01 -27.53
N PHE D 238 -20.32 5.84 -26.61
CA PHE D 238 -18.87 5.87 -26.95
C PHE D 238 -18.48 4.66 -27.79
N ASN D 239 -18.93 3.45 -27.44
CA ASN D 239 -18.68 2.24 -28.26
C ASN D 239 -19.25 2.43 -29.66
N GLY D 240 -20.43 3.07 -29.76
CA GLY D 240 -21.05 3.47 -31.04
C GLY D 240 -20.12 4.34 -31.87
N LYS D 241 -19.52 5.41 -31.32
CA LYS D 241 -18.60 6.34 -32.04
C LYS D 241 -17.32 5.63 -32.45
N VAL D 242 -16.77 4.77 -31.59
CA VAL D 242 -15.52 4.02 -31.89
C VAL D 242 -15.74 3.01 -33.02
N ASN D 243 -16.90 2.35 -33.06
CA ASN D 243 -17.18 1.23 -34.00
C ASN D 243 -17.97 1.73 -35.23
N ASP D 244 -18.04 3.04 -35.49
CA ASP D 244 -18.72 3.59 -36.69
C ASP D 244 -17.70 3.86 -37.82
N ASP D 245 -18.17 4.32 -38.98
CA ASP D 245 -17.40 4.42 -40.26
C ASP D 245 -16.05 5.13 -40.13
N VAL D 246 -15.89 6.13 -39.26
CA VAL D 246 -14.67 7.01 -39.26
C VAL D 246 -13.93 6.83 -37.92
N GLY D 247 -14.52 6.15 -36.93
CA GLY D 247 -13.98 6.10 -35.55
C GLY D 247 -14.06 7.44 -34.85
N ILE D 248 -13.29 7.70 -33.79
CA ILE D 248 -13.23 9.07 -33.18
C ILE D 248 -12.65 10.07 -34.19
N ASP D 249 -13.36 11.18 -34.41
CA ASP D 249 -12.96 12.28 -35.33
C ASP D 249 -12.55 13.45 -34.44
N TRP D 250 -11.24 13.67 -34.26
CA TRP D 250 -10.67 14.67 -33.34
C TRP D 250 -10.98 16.10 -33.79
N THR D 251 -11.45 16.32 -35.02
CA THR D 251 -11.85 17.65 -35.54
C THR D 251 -13.32 17.93 -35.22
N ASN D 252 -14.01 16.95 -34.64
CA ASN D 252 -15.46 17.05 -34.33
C ASN D 252 -15.61 17.40 -32.84
N GLU D 253 -16.23 18.53 -32.56
CA GLU D 253 -16.31 19.06 -31.17
C GLU D 253 -17.16 18.12 -30.30
N ASN D 254 -18.13 17.38 -30.84
CA ASN D 254 -19.03 16.49 -30.04
C ASN D 254 -18.28 15.20 -29.69
N ASP D 255 -17.46 14.67 -30.61
CA ASP D 255 -16.53 13.53 -30.37
C ASP D 255 -15.52 13.91 -29.28
N ARG D 256 -14.93 15.11 -29.32
CA ARG D 256 -14.00 15.55 -28.26
C ARG D 256 -14.72 15.64 -26.92
N LEU D 257 -15.96 16.15 -26.90
CA LEU D 257 -16.71 16.27 -25.63
C LEU D 257 -16.92 14.87 -25.04
N LEU D 258 -17.32 13.95 -25.88
CA LEU D 258 -17.60 12.58 -25.44
C LEU D 258 -16.33 11.91 -24.90
N VAL D 259 -15.16 12.17 -25.49
CA VAL D 259 -13.86 11.66 -24.96
C VAL D 259 -13.58 12.28 -23.58
N CYS D 260 -13.74 13.60 -23.42
CA CYS D 260 -13.56 14.29 -22.13
C CYS D 260 -14.48 13.68 -21.08
N GLN D 261 -15.73 13.35 -21.46
CA GLN D 261 -16.69 12.77 -20.50
C GLN D 261 -16.25 11.36 -20.10
N MET D 262 -15.74 10.54 -21.04
CA MET D 262 -15.25 9.19 -20.70
C MET D 262 -14.04 9.31 -19.77
N CYS D 263 -13.22 10.33 -20.00
CA CYS D 263 -11.98 10.60 -19.23
CA CYS D 263 -11.97 10.56 -19.21
C CYS D 263 -12.33 10.94 -17.78
N ILE D 264 -13.22 11.92 -17.58
CA ILE D 264 -13.62 12.28 -16.20
C ILE D 264 -14.35 11.10 -15.54
N LYS D 265 -15.13 10.32 -16.29
CA LYS D 265 -15.85 9.16 -15.70
C LYS D 265 -14.81 8.14 -15.19
N LEU D 266 -13.79 7.80 -15.97
CA LEU D 266 -12.73 6.84 -15.55
C LEU D 266 -11.94 7.40 -14.34
N ALA D 267 -11.59 8.67 -14.39
CA ALA D 267 -10.87 9.36 -13.33
C ALA D 267 -11.69 9.25 -12.05
N ASP D 268 -12.98 9.45 -12.15
CA ASP D 268 -13.87 9.51 -10.97
C ASP D 268 -13.87 8.11 -10.30
N ILE D 269 -13.82 7.02 -11.05
CA ILE D 269 -13.90 5.67 -10.41
C ILE D 269 -12.57 4.92 -10.61
N ASN D 270 -11.45 5.63 -10.56
CA ASN D 270 -10.10 5.08 -10.81
C ASN D 270 -9.63 4.09 -9.71
N GLY D 271 -10.17 4.17 -8.49
CA GLY D 271 -9.67 3.47 -7.30
C GLY D 271 -9.31 2.01 -7.57
N PRO D 272 -10.27 1.20 -8.12
CA PRO D 272 -10.03 -0.21 -8.33
C PRO D 272 -8.93 -0.47 -9.38
N ALA D 273 -8.55 0.56 -10.14
CA ALA D 273 -7.47 0.45 -11.13
C ALA D 273 -6.14 1.04 -10.61
N LYS D 274 -6.01 1.32 -9.31
CA LYS D 274 -4.75 1.72 -8.63
C LYS D 274 -4.14 0.50 -7.94
N CYS D 275 -2.89 0.62 -7.46
CA CYS D 275 -2.26 -0.45 -6.65
C CYS D 275 -3.17 -0.82 -5.48
N LYS D 276 -3.03 -2.02 -4.97
CA LYS D 276 -3.85 -2.60 -3.90
C LYS D 276 -3.91 -1.63 -2.71
N GLU D 277 -2.78 -1.03 -2.33
CA GLU D 277 -2.69 -0.15 -1.13
C GLU D 277 -3.63 1.05 -1.30
N LEU D 278 -3.57 1.75 -2.41
CA LEU D 278 -4.48 2.88 -2.66
C LEU D 278 -5.95 2.39 -2.73
N HIS D 279 -6.20 1.34 -3.52
CA HIS D 279 -7.58 0.82 -3.78
C HIS D 279 -8.20 0.45 -2.43
N LEU D 280 -7.48 -0.21 -1.53
CA LEU D 280 -8.03 -0.63 -0.21
C LEU D 280 -8.36 0.59 0.64
N GLN D 281 -7.57 1.67 0.58
CA GLN D 281 -7.90 2.90 1.36
C GLN D 281 -9.15 3.58 0.82
N TRP D 282 -9.28 3.70 -0.51
CA TRP D 282 -10.50 4.31 -1.11
C TRP D 282 -11.72 3.43 -0.82
N THR D 283 -11.58 2.09 -0.82
CA THR D 283 -12.69 1.13 -0.53
C THR D 283 -13.16 1.39 0.89
N ASP D 284 -12.23 1.46 1.83
CA ASP D 284 -12.53 1.83 3.24
C ASP D 284 -13.35 3.13 3.26
N GLY D 285 -12.95 4.15 2.50
CA GLY D 285 -13.63 5.45 2.51
C GLY D 285 -15.08 5.33 2.06
N ILE D 286 -15.30 4.69 0.91
CA ILE D 286 -16.68 4.66 0.35
C ILE D 286 -17.55 3.81 1.28
N VAL D 287 -17.08 2.67 1.80
CA VAL D 287 -17.98 1.82 2.64
C VAL D 287 -18.29 2.56 3.94
N ASN D 288 -17.37 3.35 4.48
CA ASN D 288 -17.65 4.13 5.72
C ASN D 288 -18.73 5.18 5.45
N GLU D 289 -18.70 5.80 4.30
CA GLU D 289 -19.75 6.78 3.90
C GLU D 289 -21.09 6.03 3.73
N PHE D 290 -21.09 4.87 3.08
CA PHE D 290 -22.30 4.00 2.97
C PHE D 290 -22.87 3.65 4.32
N TYR D 291 -22.03 3.31 5.30
CA TYR D 291 -22.52 2.91 6.64
C TYR D 291 -23.21 4.09 7.32
N GLU D 292 -22.70 5.32 7.14
CA GLU D 292 -23.34 6.55 7.68
C GLU D 292 -24.75 6.63 7.06
N GLN D 293 -24.89 6.37 5.77
CA GLN D 293 -26.18 6.40 5.07
C GLN D 293 -27.10 5.30 5.60
N GLY D 294 -26.60 4.06 5.74
CA GLY D 294 -27.33 2.91 6.32
C GLY D 294 -27.85 3.21 7.71
N ASP D 295 -27.02 3.84 8.57
CA ASP D 295 -27.46 4.29 9.91
C ASP D 295 -28.63 5.27 9.76
N GLU D 296 -28.56 6.25 8.85
CA GLU D 296 -29.66 7.23 8.75
C GLU D 296 -30.91 6.53 8.22
N GLU D 297 -30.77 5.65 7.22
CA GLU D 297 -31.90 4.88 6.63
C GLU D 297 -32.64 4.15 7.76
N ALA D 298 -31.92 3.38 8.61
CA ALA D 298 -32.51 2.68 9.77
C ALA D 298 -33.24 3.68 10.66
N SER D 299 -32.62 4.82 10.99
CA SER D 299 -33.22 5.79 11.95
C SER D 299 -34.50 6.40 11.36
N LEU D 300 -34.62 6.51 10.03
CA LEU D 300 -35.83 7.00 9.31
C LEU D 300 -36.80 5.85 9.06
N GLY D 301 -36.50 4.62 9.48
CA GLY D 301 -37.39 3.46 9.29
C GLY D 301 -37.42 3.00 7.84
N LEU D 302 -36.42 3.33 7.02
CA LEU D 302 -36.32 2.79 5.64
C LEU D 302 -35.55 1.48 5.73
N PRO D 303 -35.68 0.57 4.74
CA PRO D 303 -34.81 -0.60 4.66
C PRO D 303 -33.38 -0.12 4.36
N ILE D 304 -32.37 -0.76 4.94
CA ILE D 304 -30.94 -0.43 4.66
C ILE D 304 -30.62 -0.85 3.23
N SER D 305 -30.12 0.06 2.39
CA SER D 305 -29.68 -0.23 1.01
C SER D 305 -28.66 -1.37 1.00
N PRO D 306 -28.56 -2.15 -0.10
CA PRO D 306 -27.54 -3.20 -0.18
C PRO D 306 -26.15 -2.57 0.02
N PHE D 307 -25.29 -3.30 0.75
CA PHE D 307 -23.86 -3.02 1.01
C PHE D 307 -23.66 -1.88 2.02
N MET D 308 -24.74 -1.37 2.61
CA MET D 308 -24.66 -0.17 3.50
C MET D 308 -24.98 -0.52 4.95
N ASP D 309 -25.00 -1.79 5.29
CA ASP D 309 -25.32 -2.22 6.68
C ASP D 309 -24.00 -2.60 7.40
N ARG D 310 -23.53 -1.73 8.29
CA ARG D 310 -22.25 -1.93 9.04
C ARG D 310 -22.27 -3.27 9.80
N SER D 311 -23.41 -3.78 10.24
CA SER D 311 -23.47 -5.04 11.05
C SER D 311 -23.70 -6.25 10.12
N ALA D 312 -23.78 -6.05 8.82
CA ALA D 312 -23.77 -7.14 7.80
C ALA D 312 -23.05 -6.65 6.54
N PRO D 313 -21.72 -6.42 6.61
CA PRO D 313 -20.96 -5.94 5.46
C PRO D 313 -20.94 -7.04 4.39
N GLN D 314 -20.84 -6.64 3.15
CA GLN D 314 -20.58 -7.55 2.01
C GLN D 314 -19.61 -6.80 1.12
N LEU D 315 -18.45 -6.42 1.68
CA LEU D 315 -17.45 -5.52 1.06
C LEU D 315 -16.90 -6.16 -0.23
N ALA D 316 -16.53 -7.42 -0.18
CA ALA D 316 -15.96 -8.12 -1.34
C ALA D 316 -17.02 -8.22 -2.44
N ASN D 317 -18.28 -8.49 -2.10
CA ASN D 317 -19.37 -8.56 -3.10
C ASN D 317 -19.56 -7.19 -3.73
N LEU D 318 -19.55 -6.11 -2.94
CA LEU D 318 -19.66 -4.72 -3.45
C LEU D 318 -18.56 -4.49 -4.50
N GLN D 319 -17.29 -4.75 -4.19
CA GLN D 319 -16.15 -4.35 -5.04
C GLN D 319 -16.06 -5.31 -6.22
N GLU D 320 -16.32 -6.59 -6.03
CA GLU D 320 -16.31 -7.55 -7.16
C GLU D 320 -17.36 -7.09 -8.22
N SER D 321 -18.57 -6.73 -7.78
CA SER D 321 -19.68 -6.42 -8.73
C SER D 321 -19.48 -5.01 -9.29
N PHE D 322 -18.95 -4.07 -8.52
CA PHE D 322 -18.53 -2.74 -9.01
C PHE D 322 -17.52 -2.90 -10.13
N ILE D 323 -16.49 -3.71 -9.94
CA ILE D 323 -15.44 -3.91 -10.98
C ILE D 323 -16.07 -4.61 -12.18
N SER D 324 -16.81 -5.70 -11.97
CA SER D 324 -17.38 -6.49 -13.09
C SER D 324 -18.42 -5.67 -13.88
N HIS D 325 -19.27 -4.87 -13.26
CA HIS D 325 -20.43 -4.21 -13.94
C HIS D 325 -20.14 -2.78 -14.36
N ILE D 326 -19.28 -2.04 -13.66
CA ILE D 326 -19.09 -0.59 -13.88
C ILE D 326 -17.67 -0.28 -14.37
N VAL D 327 -16.63 -0.58 -13.57
CA VAL D 327 -15.25 -0.12 -13.90
C VAL D 327 -14.73 -0.94 -15.08
N GLY D 328 -14.88 -2.25 -15.02
CA GLY D 328 -14.46 -3.16 -16.11
C GLY D 328 -14.97 -2.70 -17.48
N PRO D 329 -16.29 -2.63 -17.72
CA PRO D 329 -16.80 -2.22 -19.04
C PRO D 329 -16.36 -0.82 -19.46
N LEU D 330 -16.26 0.13 -18.53
CA LEU D 330 -15.73 1.49 -18.87
C LEU D 330 -14.28 1.39 -19.37
N CYS D 331 -13.39 0.67 -18.67
CA CYS D 331 -11.98 0.53 -19.09
C CYS D 331 -11.91 -0.20 -20.42
N ASN D 332 -12.68 -1.27 -20.61
CA ASN D 332 -12.67 -2.00 -21.89
C ASN D 332 -13.04 -1.05 -23.04
N SER D 333 -14.08 -0.26 -22.87
CA SER D 333 -14.55 0.74 -23.86
C SER D 333 -13.48 1.81 -24.14
N TYR D 334 -12.85 2.36 -23.09
CA TYR D 334 -11.78 3.38 -23.22
C TYR D 334 -10.56 2.77 -23.91
N ASP D 335 -10.21 1.53 -23.55
CA ASP D 335 -9.05 0.81 -24.12
C ASP D 335 -9.33 0.48 -25.59
N SER D 336 -10.52 0.02 -25.92
CA SER D 336 -10.98 -0.24 -27.33
C SER D 336 -10.82 0.99 -28.20
N ALA D 337 -10.94 2.19 -27.66
CA ALA D 337 -10.79 3.45 -28.42
C ALA D 337 -9.31 3.71 -28.68
N GLY D 338 -8.41 2.95 -28.04
CA GLY D 338 -6.95 3.17 -28.08
C GLY D 338 -6.53 4.38 -27.23
N LEU D 339 -7.24 4.70 -26.16
CA LEU D 339 -6.92 5.92 -25.37
C LEU D 339 -6.22 5.62 -24.04
N MET D 340 -6.01 4.35 -23.69
CA MET D 340 -5.40 3.95 -22.41
C MET D 340 -3.91 4.24 -22.46
N PRO D 341 -3.32 5.00 -21.50
CA PRO D 341 -1.86 5.10 -21.42
C PRO D 341 -1.28 3.68 -21.32
N GLY D 342 -0.13 3.47 -21.89
CA GLY D 342 0.57 2.16 -21.84
C GLY D 342 1.92 2.23 -22.50
N LYS D 343 2.61 1.10 -22.55
CA LYS D 343 3.95 0.96 -23.19
C LYS D 343 3.90 -0.15 -24.22
N TRP D 344 4.58 0.01 -25.35
CA TRP D 344 4.82 -1.11 -26.29
C TRP D 344 5.75 -2.14 -25.63
N VAL D 345 5.36 -3.42 -25.76
CA VAL D 345 6.24 -4.55 -25.36
C VAL D 345 7.35 -4.68 -26.40
N GLU D 346 8.60 -4.64 -25.93
CA GLU D 346 9.81 -4.83 -26.79
C GLU D 346 9.66 -6.19 -27.50
N ARG D 353 2.53 -7.37 -35.00
CA ARG D 353 1.22 -7.21 -34.30
C ARG D 353 1.47 -6.89 -32.81
N ARG D 354 2.51 -6.10 -32.52
CA ARG D 354 3.04 -5.81 -31.16
C ARG D 354 1.88 -5.68 -30.16
N LYS D 355 2.13 -6.11 -28.93
CA LYS D 355 1.19 -6.00 -27.79
C LYS D 355 1.58 -4.75 -26.98
N ILE D 356 0.66 -4.36 -26.13
CA ILE D 356 0.79 -3.16 -25.26
C ILE D 356 0.74 -3.65 -23.82
N TYR D 357 1.60 -3.14 -22.94
CA TYR D 357 1.45 -3.38 -21.48
C TYR D 357 0.71 -2.18 -20.86
N CYS D 358 -0.43 -2.43 -20.22
CA CYS D 358 -1.29 -1.38 -19.69
C CYS D 358 -1.42 -1.53 -18.16
N GLN D 359 -0.76 -0.64 -17.45
CA GLN D 359 -0.69 -0.63 -15.96
C GLN D 359 -2.12 -0.58 -15.39
N ILE D 360 -2.96 0.28 -15.94
CA ILE D 360 -4.33 0.54 -15.41
C ILE D 360 -5.17 -0.74 -15.46
N THR D 361 -5.18 -1.46 -16.57
CA THR D 361 -5.98 -2.70 -16.68
C THR D 361 -5.29 -3.82 -15.87
N GLN D 362 -3.98 -3.85 -15.81
CA GLN D 362 -3.24 -4.81 -14.96
C GLN D 362 -3.69 -4.64 -13.50
N HIS D 363 -3.72 -3.43 -12.97
CA HIS D 363 -4.20 -3.22 -11.57
C HIS D 363 -5.66 -3.69 -11.40
N LEU D 364 -6.51 -3.39 -12.37
CA LEU D 364 -7.94 -3.69 -12.22
C LEU D 364 -8.15 -5.19 -12.18
N LEU D 365 -7.40 -5.92 -13.01
CA LEU D 365 -7.43 -7.41 -13.05
C LEU D 365 -6.94 -7.98 -11.71
N GLN D 366 -5.88 -7.44 -11.13
CA GLN D 366 -5.26 -7.97 -9.89
C GLN D 366 -6.22 -7.69 -8.73
N ASN D 367 -6.84 -6.52 -8.70
CA ASN D 367 -7.81 -6.16 -7.65
C ASN D 367 -9.06 -7.04 -7.76
N HIS D 368 -9.54 -7.29 -8.96
CA HIS D 368 -10.71 -8.18 -9.22
C HIS D 368 -10.45 -9.59 -8.65
N LYS D 369 -9.27 -10.15 -8.93
CA LYS D 369 -8.83 -11.49 -8.46
C LYS D 369 -8.75 -11.52 -6.94
N MET D 370 -8.18 -10.47 -6.35
CA MET D 370 -8.13 -10.34 -4.88
C MET D 370 -9.56 -10.41 -4.30
N TRP D 371 -10.55 -9.69 -4.83
CA TRP D 371 -11.91 -9.72 -4.26
C TRP D 371 -12.58 -11.08 -4.50
N LYS D 372 -12.40 -11.72 -5.65
CA LYS D 372 -13.00 -13.05 -5.92
C LYS D 372 -12.45 -14.09 -4.93
N LYS D 373 -11.17 -13.99 -4.60
CA LYS D 373 -10.49 -14.89 -3.61
C LYS D 373 -11.09 -14.63 -2.23
N VAL D 374 -11.31 -13.38 -1.81
CA VAL D 374 -11.99 -13.07 -0.51
C VAL D 374 -13.38 -13.72 -0.50
N ILE D 375 -14.16 -13.56 -1.58
CA ILE D 375 -15.53 -14.14 -1.70
C ILE D 375 -15.45 -15.65 -1.50
N GLU D 376 -14.51 -16.34 -2.16
CA GLU D 376 -14.47 -17.83 -2.14
C GLU D 376 -14.16 -18.33 -0.72
N GLU D 377 -13.54 -17.55 0.17
CA GLU D 377 -13.39 -17.96 1.58
C GLU D 377 -14.70 -17.79 2.38
N GLU D 378 -15.45 -16.69 2.19
CA GLU D 378 -16.64 -16.32 3.05
C GLU D 378 -17.79 -17.33 2.93
#